data_5CY8
# 
_entry.id   5CY8 
# 
_audit_conform.dict_name       mmcif_pdbx.dic 
_audit_conform.dict_version    5.380 
_audit_conform.dict_location   http://mmcif.pdb.org/dictionaries/ascii/mmcif_pdbx.dic 
# 
loop_
_database_2.database_id 
_database_2.database_code 
_database_2.pdbx_database_accession 
_database_2.pdbx_DOI 
PDB   5CY8         pdb_00005cy8 10.2210/pdb5cy8/pdb 
WWPDB D_1000212360 ?            ?                   
# 
loop_
_pdbx_database_related.db_name 
_pdbx_database_related.details 
_pdbx_database_related.db_id 
_pdbx_database_related.content_type 
PDB . 5CP0 unspecified 
PDB . 5CPD unspecified 
PDB . 5CVK unspecified 
PDB . 5CVP unspecified 
PDB . 5CVQ unspecified 
PDB . 5CWX unspecified 
PDB . 5CWY unspecified 
PDB . 5CX0 unspecified 
PDB . 5CXJ unspecified 
PDB . 5CY7 unspecified 
# 
_pdbx_database_status.status_code                     REL 
_pdbx_database_status.status_code_sf                  REL 
_pdbx_database_status.status_code_mr                  ? 
_pdbx_database_status.entry_id                        5CY8 
_pdbx_database_status.recvd_initial_deposition_date   2015-07-30 
_pdbx_database_status.SG_entry                        N 
_pdbx_database_status.deposit_site                    RCSB 
_pdbx_database_status.process_site                    PDBJ 
_pdbx_database_status.status_code_cs                  ? 
_pdbx_database_status.methods_development_category    ? 
_pdbx_database_status.pdb_format_compatible           Y 
_pdbx_database_status.status_code_nmr_data            ? 
# 
loop_
_audit_author.name 
_audit_author.pdbx_ordinal 
'Ngo, H.P.T.' 1 
'Kang, L.W.'  2 
# 
_citation.abstract                  ? 
_citation.abstract_id_CAS           ? 
_citation.book_id_ISBN              ? 
_citation.book_publisher            ? 
_citation.book_publisher_city       ? 
_citation.book_title                ? 
_citation.coordinate_linkage        ? 
_citation.country                   ? 
_citation.database_id_Medline       ? 
_citation.details                   ? 
_citation.id                        primary 
_citation.journal_abbrev            'To Be Published' 
_citation.journal_id_ASTM           ? 
_citation.journal_id_CSD            0353 
_citation.journal_id_ISSN           ? 
_citation.journal_full              ? 
_citation.journal_issue             ? 
_citation.journal_volume            ? 
_citation.language                  ? 
_citation.page_first                ? 
_citation.page_last                 ? 
_citation.title                     
'Structure of Xoo1075, a peptide deformylase from Xanthomonas oryzae pv oryze, in complex with fragment 244' 
_citation.year                      ? 
_citation.database_id_CSD           ? 
_citation.pdbx_database_id_DOI      ? 
_citation.pdbx_database_id_PubMed   ? 
_citation.unpublished_flag          ? 
# 
loop_
_citation_author.citation_id 
_citation_author.name 
_citation_author.ordinal 
_citation_author.identifier_ORCID 
primary 'Ngo, H.P.T.' 1 ? 
primary 'Kang, L.W.'  2 ? 
# 
_cell.angle_alpha                  90.00 
_cell.angle_alpha_esd              ? 
_cell.angle_beta                   90.00 
_cell.angle_beta_esd               ? 
_cell.angle_gamma                  120.00 
_cell.angle_gamma_esd              ? 
_cell.entry_id                     5CY8 
_cell.details                      ? 
_cell.formula_units_Z              ? 
_cell.length_a                     58.661 
_cell.length_a_esd                 ? 
_cell.length_b                     58.661 
_cell.length_b_esd                 ? 
_cell.length_c                     263.749 
_cell.length_c_esd                 ? 
_cell.volume                       ? 
_cell.volume_esd                   ? 
_cell.Z_PDB                        12 
_cell.reciprocal_angle_alpha       ? 
_cell.reciprocal_angle_beta        ? 
_cell.reciprocal_angle_gamma       ? 
_cell.reciprocal_angle_alpha_esd   ? 
_cell.reciprocal_angle_beta_esd    ? 
_cell.reciprocal_angle_gamma_esd   ? 
_cell.reciprocal_length_a          ? 
_cell.reciprocal_length_b          ? 
_cell.reciprocal_length_c          ? 
_cell.reciprocal_length_a_esd      ? 
_cell.reciprocal_length_b_esd      ? 
_cell.reciprocal_length_c_esd      ? 
_cell.pdbx_unique_axis             ? 
# 
_symmetry.entry_id                         5CY8 
_symmetry.cell_setting                     ? 
_symmetry.Int_Tables_number                178 
_symmetry.space_group_name_Hall            ? 
_symmetry.space_group_name_H-M             'P 61 2 2' 
_symmetry.pdbx_full_space_group_name_H-M   ? 
# 
loop_
_entity.id 
_entity.type 
_entity.src_method 
_entity.pdbx_description 
_entity.formula_weight 
_entity.pdbx_number_of_molecules 
_entity.pdbx_ec 
_entity.pdbx_mutation 
_entity.pdbx_fragment 
_entity.details 
1 polymer     man 'Peptide deformylase'                                   19097.656 1   3.5.1.88 ? 'UNP residues 42-212' ? 
2 non-polymer syn '(3R)-2,3-dihydro[1,3]thiazolo[3,2-a]benzimidazol-3-ol' 192.238   1   ?        ? ?                     ? 
3 non-polymer syn 'CADMIUM ION'                                           112.411   3   ?        ? ?                     ? 
4 non-polymer syn 'ACETATE ION'                                           59.044    1   ?        ? ?                     ? 
5 non-polymer syn 'SODIUM ION'                                            22.990    1   ?        ? ?                     ? 
6 water       nat water                                                   18.015    116 ?        ? ?                     ? 
# 
_entity_name_com.entity_id   1 
_entity_name_com.name        'PDF,Polypeptide deformylase' 
# 
_entity_poly.entity_id                      1 
_entity_poly.type                           'polypeptide(L)' 
_entity_poly.nstd_linkage                   no 
_entity_poly.nstd_monomer                   no 
_entity_poly.pdbx_seq_one_letter_code       
;MIRDIIRMGDKRLLRVAPQVTNLGSAELHALVSDMFETMGAAHGVGLAAPQIAVDLQLMVFGFEASERYPEAPAVPLTAL
ANAQIEPLSDEMENGWEGCLSIPGLRAVIPRYRYIRYRGFAPDGSPIEREAEGFHARVVQHEYDHLVGRLYPSRIENFDT
FGFDDVLSYDL
;
_entity_poly.pdbx_seq_one_letter_code_can   
;MIRDIIRMGDKRLLRVAPQVTNLGSAELHALVSDMFETMGAAHGVGLAAPQIAVDLQLMVFGFEASERYPEAPAVPLTAL
ANAQIEPLSDEMENGWEGCLSIPGLRAVIPRYRYIRYRGFAPDGSPIEREAEGFHARVVQHEYDHLVGRLYPSRIENFDT
FGFDDVLSYDL
;
_entity_poly.pdbx_strand_id                 A 
_entity_poly.pdbx_target_identifier         ? 
# 
loop_
_entity_poly_seq.entity_id 
_entity_poly_seq.num 
_entity_poly_seq.mon_id 
_entity_poly_seq.hetero 
1 1   MET n 
1 2   ILE n 
1 3   ARG n 
1 4   ASP n 
1 5   ILE n 
1 6   ILE n 
1 7   ARG n 
1 8   MET n 
1 9   GLY n 
1 10  ASP n 
1 11  LYS n 
1 12  ARG n 
1 13  LEU n 
1 14  LEU n 
1 15  ARG n 
1 16  VAL n 
1 17  ALA n 
1 18  PRO n 
1 19  GLN n 
1 20  VAL n 
1 21  THR n 
1 22  ASN n 
1 23  LEU n 
1 24  GLY n 
1 25  SER n 
1 26  ALA n 
1 27  GLU n 
1 28  LEU n 
1 29  HIS n 
1 30  ALA n 
1 31  LEU n 
1 32  VAL n 
1 33  SER n 
1 34  ASP n 
1 35  MET n 
1 36  PHE n 
1 37  GLU n 
1 38  THR n 
1 39  MET n 
1 40  GLY n 
1 41  ALA n 
1 42  ALA n 
1 43  HIS n 
1 44  GLY n 
1 45  VAL n 
1 46  GLY n 
1 47  LEU n 
1 48  ALA n 
1 49  ALA n 
1 50  PRO n 
1 51  GLN n 
1 52  ILE n 
1 53  ALA n 
1 54  VAL n 
1 55  ASP n 
1 56  LEU n 
1 57  GLN n 
1 58  LEU n 
1 59  MET n 
1 60  VAL n 
1 61  PHE n 
1 62  GLY n 
1 63  PHE n 
1 64  GLU n 
1 65  ALA n 
1 66  SER n 
1 67  GLU n 
1 68  ARG n 
1 69  TYR n 
1 70  PRO n 
1 71  GLU n 
1 72  ALA n 
1 73  PRO n 
1 74  ALA n 
1 75  VAL n 
1 76  PRO n 
1 77  LEU n 
1 78  THR n 
1 79  ALA n 
1 80  LEU n 
1 81  ALA n 
1 82  ASN n 
1 83  ALA n 
1 84  GLN n 
1 85  ILE n 
1 86  GLU n 
1 87  PRO n 
1 88  LEU n 
1 89  SER n 
1 90  ASP n 
1 91  GLU n 
1 92  MET n 
1 93  GLU n 
1 94  ASN n 
1 95  GLY n 
1 96  TRP n 
1 97  GLU n 
1 98  GLY n 
1 99  CYS n 
1 100 LEU n 
1 101 SER n 
1 102 ILE n 
1 103 PRO n 
1 104 GLY n 
1 105 LEU n 
1 106 ARG n 
1 107 ALA n 
1 108 VAL n 
1 109 ILE n 
1 110 PRO n 
1 111 ARG n 
1 112 TYR n 
1 113 ARG n 
1 114 TYR n 
1 115 ILE n 
1 116 ARG n 
1 117 TYR n 
1 118 ARG n 
1 119 GLY n 
1 120 PHE n 
1 121 ALA n 
1 122 PRO n 
1 123 ASP n 
1 124 GLY n 
1 125 SER n 
1 126 PRO n 
1 127 ILE n 
1 128 GLU n 
1 129 ARG n 
1 130 GLU n 
1 131 ALA n 
1 132 GLU n 
1 133 GLY n 
1 134 PHE n 
1 135 HIS n 
1 136 ALA n 
1 137 ARG n 
1 138 VAL n 
1 139 VAL n 
1 140 GLN n 
1 141 HIS n 
1 142 GLU n 
1 143 TYR n 
1 144 ASP n 
1 145 HIS n 
1 146 LEU n 
1 147 VAL n 
1 148 GLY n 
1 149 ARG n 
1 150 LEU n 
1 151 TYR n 
1 152 PRO n 
1 153 SER n 
1 154 ARG n 
1 155 ILE n 
1 156 GLU n 
1 157 ASN n 
1 158 PHE n 
1 159 ASP n 
1 160 THR n 
1 161 PHE n 
1 162 GLY n 
1 163 PHE n 
1 164 ASP n 
1 165 ASP n 
1 166 VAL n 
1 167 LEU n 
1 168 SER n 
1 169 TYR n 
1 170 ASP n 
1 171 LEU n 
# 
_entity_src_gen.entity_id                          1 
_entity_src_gen.pdbx_src_id                        1 
_entity_src_gen.pdbx_alt_source_flag               sample 
_entity_src_gen.pdbx_seq_type                      'Biological sequence' 
_entity_src_gen.pdbx_beg_seq_num                   1 
_entity_src_gen.pdbx_end_seq_num                   171 
_entity_src_gen.gene_src_common_name               ? 
_entity_src_gen.gene_src_genus                     ? 
_entity_src_gen.pdbx_gene_src_gene                 'def, XOO1075' 
_entity_src_gen.gene_src_species                   ? 
_entity_src_gen.gene_src_strain                    KACC10331 
_entity_src_gen.gene_src_tissue                    ? 
_entity_src_gen.gene_src_tissue_fraction           ? 
_entity_src_gen.gene_src_details                   ? 
_entity_src_gen.pdbx_gene_src_fragment             ? 
_entity_src_gen.pdbx_gene_src_scientific_name      'Xanthomonas oryzae pv. oryzae KACC10331' 
_entity_src_gen.pdbx_gene_src_ncbi_taxonomy_id     291331 
_entity_src_gen.pdbx_gene_src_variant              ? 
_entity_src_gen.pdbx_gene_src_cell_line            ? 
_entity_src_gen.pdbx_gene_src_atcc                 ? 
_entity_src_gen.pdbx_gene_src_organ                ? 
_entity_src_gen.pdbx_gene_src_organelle            ? 
_entity_src_gen.pdbx_gene_src_cell                 ? 
_entity_src_gen.pdbx_gene_src_cellular_location    ? 
_entity_src_gen.host_org_common_name               ? 
_entity_src_gen.pdbx_host_org_scientific_name      'Escherichia coli' 
_entity_src_gen.pdbx_host_org_ncbi_taxonomy_id     562 
_entity_src_gen.host_org_genus                     ? 
_entity_src_gen.pdbx_host_org_gene                 ? 
_entity_src_gen.pdbx_host_org_organ                ? 
_entity_src_gen.host_org_species                   ? 
_entity_src_gen.pdbx_host_org_tissue               ? 
_entity_src_gen.pdbx_host_org_tissue_fraction      ? 
_entity_src_gen.pdbx_host_org_strain               ? 
_entity_src_gen.pdbx_host_org_variant              ? 
_entity_src_gen.pdbx_host_org_cell_line            ? 
_entity_src_gen.pdbx_host_org_atcc                 ? 
_entity_src_gen.pdbx_host_org_culture_collection   ? 
_entity_src_gen.pdbx_host_org_cell                 ? 
_entity_src_gen.pdbx_host_org_organelle            ? 
_entity_src_gen.pdbx_host_org_cellular_location    ? 
_entity_src_gen.pdbx_host_org_vector_type          plasmid 
_entity_src_gen.pdbx_host_org_vector               ? 
_entity_src_gen.host_org_details                   ? 
_entity_src_gen.expression_system_id               ? 
_entity_src_gen.plasmid_name                       ? 
_entity_src_gen.plasmid_details                    ? 
_entity_src_gen.pdbx_description                   ? 
# 
_struct_ref.id                         1 
_struct_ref.db_name                    UNP 
_struct_ref.db_code                    Q5H3Z2_XANOR 
_struct_ref.pdbx_db_accession          Q5H3Z2 
_struct_ref.pdbx_db_isoform            ? 
_struct_ref.entity_id                  1 
_struct_ref.pdbx_seq_one_letter_code   
;MIRDIIRMGDKRLLRVAPQVTNLGSAELHALVSDMFETMGAAHGVGLAAPQIAVDLQLMVFGFEASERYPEAPAVPLTAL
ANAQIEPLSDEMENGWEGCLSIPGLRAVIPRYRYIRYRGFAPDGSPIEREAEGFHARVVQHEYDHLVGRLYPSRIENFDT
FGFDDVLSYDL
;
_struct_ref.pdbx_align_begin           42 
# 
_struct_ref_seq.align_id                      1 
_struct_ref_seq.ref_id                        1 
_struct_ref_seq.pdbx_PDB_id_code              5CY8 
_struct_ref_seq.pdbx_strand_id                A 
_struct_ref_seq.seq_align_beg                 1 
_struct_ref_seq.pdbx_seq_align_beg_ins_code   ? 
_struct_ref_seq.seq_align_end                 171 
_struct_ref_seq.pdbx_seq_align_end_ins_code   ? 
_struct_ref_seq.pdbx_db_accession             Q5H3Z2 
_struct_ref_seq.db_align_beg                  42 
_struct_ref_seq.pdbx_db_align_beg_ins_code    ? 
_struct_ref_seq.db_align_end                  212 
_struct_ref_seq.pdbx_db_align_end_ins_code    ? 
_struct_ref_seq.pdbx_auth_seq_align_beg       1 
_struct_ref_seq.pdbx_auth_seq_align_end       171 
# 
loop_
_chem_comp.id 
_chem_comp.type 
_chem_comp.mon_nstd_flag 
_chem_comp.name 
_chem_comp.pdbx_synonyms 
_chem_comp.formula 
_chem_comp.formula_weight 
56V non-polymer         . '(3R)-2,3-dihydro[1,3]thiazolo[3,2-a]benzimidazol-3-ol' ? 'C9 H8 N2 O S'   192.238 
ACT non-polymer         . 'ACETATE ION'                                           ? 'C2 H3 O2 -1'    59.044  
ALA 'L-peptide linking' y ALANINE                                                 ? 'C3 H7 N O2'     89.093  
ARG 'L-peptide linking' y ARGININE                                                ? 'C6 H15 N4 O2 1' 175.209 
ASN 'L-peptide linking' y ASPARAGINE                                              ? 'C4 H8 N2 O3'    132.118 
ASP 'L-peptide linking' y 'ASPARTIC ACID'                                         ? 'C4 H7 N O4'     133.103 
CD  non-polymer         . 'CADMIUM ION'                                           ? 'Cd 2'           112.411 
CYS 'L-peptide linking' y CYSTEINE                                                ? 'C3 H7 N O2 S'   121.158 
GLN 'L-peptide linking' y GLUTAMINE                                               ? 'C5 H10 N2 O3'   146.144 
GLU 'L-peptide linking' y 'GLUTAMIC ACID'                                         ? 'C5 H9 N O4'     147.129 
GLY 'peptide linking'   y GLYCINE                                                 ? 'C2 H5 N O2'     75.067  
HIS 'L-peptide linking' y HISTIDINE                                               ? 'C6 H10 N3 O2 1' 156.162 
HOH non-polymer         . WATER                                                   ? 'H2 O'           18.015  
ILE 'L-peptide linking' y ISOLEUCINE                                              ? 'C6 H13 N O2'    131.173 
LEU 'L-peptide linking' y LEUCINE                                                 ? 'C6 H13 N O2'    131.173 
LYS 'L-peptide linking' y LYSINE                                                  ? 'C6 H15 N2 O2 1' 147.195 
MET 'L-peptide linking' y METHIONINE                                              ? 'C5 H11 N O2 S'  149.211 
NA  non-polymer         . 'SODIUM ION'                                            ? 'Na 1'           22.990  
PHE 'L-peptide linking' y PHENYLALANINE                                           ? 'C9 H11 N O2'    165.189 
PRO 'L-peptide linking' y PROLINE                                                 ? 'C5 H9 N O2'     115.130 
SER 'L-peptide linking' y SERINE                                                  ? 'C3 H7 N O3'     105.093 
THR 'L-peptide linking' y THREONINE                                               ? 'C4 H9 N O3'     119.119 
TRP 'L-peptide linking' y TRYPTOPHAN                                              ? 'C11 H12 N2 O2'  204.225 
TYR 'L-peptide linking' y TYROSINE                                                ? 'C9 H11 N O3'    181.189 
VAL 'L-peptide linking' y VALINE                                                  ? 'C5 H11 N O2'    117.146 
# 
_exptl.absorpt_coefficient_mu     ? 
_exptl.absorpt_correction_T_max   ? 
_exptl.absorpt_correction_T_min   ? 
_exptl.absorpt_correction_type    ? 
_exptl.absorpt_process_details    ? 
_exptl.entry_id                   5CY8 
_exptl.crystals_number            1 
_exptl.details                    ? 
_exptl.method                     'X-RAY DIFFRACTION' 
_exptl.method_details             ? 
# 
_exptl_crystal.colour                      ? 
_exptl_crystal.density_diffrn              ? 
_exptl_crystal.density_Matthews            3.43 
_exptl_crystal.density_method              ? 
_exptl_crystal.density_percent_sol         64.14 
_exptl_crystal.description                 ? 
_exptl_crystal.F_000                       ? 
_exptl_crystal.id                          1 
_exptl_crystal.preparation                 ? 
_exptl_crystal.size_max                    ? 
_exptl_crystal.size_mid                    ? 
_exptl_crystal.size_min                    ? 
_exptl_crystal.size_rad                    ? 
_exptl_crystal.colour_lustre               ? 
_exptl_crystal.colour_modifier             ? 
_exptl_crystal.colour_primary              ? 
_exptl_crystal.density_meas                ? 
_exptl_crystal.density_meas_esd            ? 
_exptl_crystal.density_meas_gt             ? 
_exptl_crystal.density_meas_lt             ? 
_exptl_crystal.density_meas_temp           ? 
_exptl_crystal.density_meas_temp_esd       ? 
_exptl_crystal.density_meas_temp_gt        ? 
_exptl_crystal.density_meas_temp_lt        ? 
_exptl_crystal.pdbx_crystal_image_url      ? 
_exptl_crystal.pdbx_crystal_image_format   ? 
_exptl_crystal.pdbx_mosaicity              ? 
_exptl_crystal.pdbx_mosaicity_esd          ? 
# 
_exptl_crystal_grow.apparatus       ? 
_exptl_crystal_grow.atmosphere      ? 
_exptl_crystal_grow.crystal_id      1 
_exptl_crystal_grow.details         ? 
_exptl_crystal_grow.method          'VAPOR DIFFUSION, HANGING DROP' 
_exptl_crystal_grow.method_ref      ? 
_exptl_crystal_grow.pH              7.5 
_exptl_crystal_grow.pressure        ? 
_exptl_crystal_grow.pressure_esd    ? 
_exptl_crystal_grow.seeding         ? 
_exptl_crystal_grow.seeding_ref     ? 
_exptl_crystal_grow.temp            287 
_exptl_crystal_grow.temp_details    ? 
_exptl_crystal_grow.temp_esd        ? 
_exptl_crystal_grow.time            ? 
_exptl_crystal_grow.pdbx_details    '0.05M Cadmium sulfate, 0.1M HEPES, 2.0M Sodium acetate trihydrate, pH 7.5' 
_exptl_crystal_grow.pdbx_pH_range   ? 
# 
_diffrn.ambient_environment    ? 
_diffrn.ambient_temp           100 
_diffrn.ambient_temp_details   ? 
_diffrn.ambient_temp_esd       ? 
_diffrn.crystal_id             1 
_diffrn.crystal_support        ? 
_diffrn.crystal_treatment      ? 
_diffrn.details                ? 
_diffrn.id                     1 
_diffrn.ambient_pressure       ? 
_diffrn.ambient_pressure_esd   ? 
_diffrn.ambient_pressure_gt    ? 
_diffrn.ambient_pressure_lt    ? 
_diffrn.ambient_temp_gt        ? 
_diffrn.ambient_temp_lt        ? 
# 
_diffrn_detector.details                      ? 
_diffrn_detector.detector                     CCD 
_diffrn_detector.diffrn_id                    1 
_diffrn_detector.type                         'ADSC QUANTUM 210' 
_diffrn_detector.area_resol_mean              ? 
_diffrn_detector.dtime                        ? 
_diffrn_detector.pdbx_frames_total            ? 
_diffrn_detector.pdbx_collection_time_total   ? 
_diffrn_detector.pdbx_collection_date         2009-12-03 
# 
_diffrn_radiation.collimation                      ? 
_diffrn_radiation.diffrn_id                        1 
_diffrn_radiation.filter_edge                      ? 
_diffrn_radiation.inhomogeneity                    ? 
_diffrn_radiation.monochromator                    ? 
_diffrn_radiation.polarisn_norm                    ? 
_diffrn_radiation.polarisn_ratio                   ? 
_diffrn_radiation.probe                            ? 
_diffrn_radiation.type                             ? 
_diffrn_radiation.xray_symbol                      ? 
_diffrn_radiation.wavelength_id                    1 
_diffrn_radiation.pdbx_monochromatic_or_laue_m_l   M 
_diffrn_radiation.pdbx_wavelength_list             ? 
_diffrn_radiation.pdbx_wavelength                  ? 
_diffrn_radiation.pdbx_diffrn_protocol             'SINGLE WAVELENGTH' 
_diffrn_radiation.pdbx_analyzer                    ? 
_diffrn_radiation.pdbx_scattering_type             x-ray 
# 
_diffrn_radiation_wavelength.id           1 
_diffrn_radiation_wavelength.wavelength   0.99 
_diffrn_radiation_wavelength.wt           1.0 
# 
_diffrn_source.current                     ? 
_diffrn_source.details                     ? 
_diffrn_source.diffrn_id                   1 
_diffrn_source.power                       ? 
_diffrn_source.size                        ? 
_diffrn_source.source                      SYNCHROTRON 
_diffrn_source.target                      ? 
_diffrn_source.type                        'PAL/PLS BEAMLINE 4A' 
_diffrn_source.voltage                     ? 
_diffrn_source.take-off_angle              ? 
_diffrn_source.pdbx_wavelength_list        0.99 
_diffrn_source.pdbx_wavelength             ? 
_diffrn_source.pdbx_synchrotron_beamline   4A 
_diffrn_source.pdbx_synchrotron_site       PAL/PLS 
# 
_reflns.B_iso_Wilson_estimate            ? 
_reflns.entry_id                         5CY8 
_reflns.data_reduction_details           ? 
_reflns.data_reduction_method            ? 
_reflns.d_resolution_high                2.38 
_reflns.d_resolution_low                 50 
_reflns.details                          ? 
_reflns.limit_h_max                      ? 
_reflns.limit_h_min                      ? 
_reflns.limit_k_max                      ? 
_reflns.limit_k_min                      ? 
_reflns.limit_l_max                      ? 
_reflns.limit_l_min                      ? 
_reflns.number_all                       ? 
_reflns.number_obs                       11737 
_reflns.observed_criterion               ? 
_reflns.observed_criterion_F_max         ? 
_reflns.observed_criterion_F_min         ? 
_reflns.observed_criterion_I_max         ? 
_reflns.observed_criterion_I_min         ? 
_reflns.observed_criterion_sigma_F       ? 
_reflns.observed_criterion_sigma_I       ? 
_reflns.percent_possible_obs             99.8 
_reflns.R_free_details                   ? 
_reflns.Rmerge_F_all                     ? 
_reflns.Rmerge_F_obs                     ? 
_reflns.Friedel_coverage                 ? 
_reflns.number_gt                        ? 
_reflns.threshold_expression             ? 
_reflns.pdbx_redundancy                  9.7 
_reflns.pdbx_Rmerge_I_obs                ? 
_reflns.pdbx_Rmerge_I_all                ? 
_reflns.pdbx_Rsym_value                  ? 
_reflns.pdbx_netI_over_av_sigmaI         ? 
_reflns.pdbx_netI_over_sigmaI            25 
_reflns.pdbx_res_netI_over_av_sigmaI_2   ? 
_reflns.pdbx_res_netI_over_sigmaI_2      ? 
_reflns.pdbx_chi_squared                 ? 
_reflns.pdbx_scaling_rejects             ? 
_reflns.pdbx_d_res_high_opt              ? 
_reflns.pdbx_d_res_low_opt               ? 
_reflns.pdbx_d_res_opt_method            ? 
_reflns.phase_calculation_details        ? 
_reflns.pdbx_Rrim_I_all                  ? 
_reflns.pdbx_Rpim_I_all                  ? 
_reflns.pdbx_d_opt                       ? 
_reflns.pdbx_number_measured_all         ? 
_reflns.pdbx_diffrn_id                   1 
_reflns.pdbx_ordinal                     1 
_reflns.pdbx_CC_half                     ? 
_reflns.pdbx_R_split                     ? 
# 
_reflns_shell.Rmerge_F_all                ? 
_reflns_shell.Rmerge_F_gt                 ? 
_reflns_shell.Rmerge_F_obs                ? 
_reflns_shell.Rmerge_I_all                ? 
_reflns_shell.Rmerge_I_gt                 ? 
_reflns_shell.Rmerge_I_obs                0.43 
_reflns_shell.d_res_high                  2.38 
_reflns_shell.d_res_low                   2.42 
_reflns_shell.meanI_over_sigI_all         ? 
_reflns_shell.meanI_over_sigI_gt          ? 
_reflns_shell.meanI_over_sigI_obs         4.5 
_reflns_shell.meanI_over_uI_all           ? 
_reflns_shell.meanI_over_uI_gt            ? 
_reflns_shell.number_measured_all         ? 
_reflns_shell.number_measured_gt          ? 
_reflns_shell.number_measured_obs         ? 
_reflns_shell.number_possible             ? 
_reflns_shell.number_unique_all           ? 
_reflns_shell.number_unique_gt            ? 
_reflns_shell.number_unique_obs           ? 
_reflns_shell.pdbx_CC_half                ? 
_reflns_shell.pdbx_R_split                ? 
_reflns_shell.pdbx_Rpim_I_all             ? 
_reflns_shell.pdbx_Rrim_I_all             ? 
_reflns_shell.pdbx_Rsym_value             ? 
_reflns_shell.pdbx_chi_squared            ? 
_reflns_shell.pdbx_diffrn_id              1 
_reflns_shell.pdbx_netI_over_sigmaI_all   ? 
_reflns_shell.pdbx_netI_over_sigmaI_obs   ? 
_reflns_shell.pdbx_ordinal                1 
_reflns_shell.pdbx_redundancy             9.1 
_reflns_shell.pdbx_rejects                ? 
_reflns_shell.percent_possible_all        99.1 
_reflns_shell.percent_possible_gt         ? 
_reflns_shell.percent_possible_obs        ? 
# 
_refine.aniso_B[1][1]                            0.01 
_refine.aniso_B[1][2]                            0.01 
_refine.aniso_B[1][3]                            0.00 
_refine.aniso_B[2][2]                            0.01 
_refine.aniso_B[2][3]                            0.00 
_refine.aniso_B[3][3]                            -0.03 
_refine.B_iso_max                                ? 
_refine.B_iso_mean                               32.072 
_refine.B_iso_min                                ? 
_refine.correlation_coeff_Fo_to_Fc               0.946 
_refine.correlation_coeff_Fo_to_Fc_free          0.932 
_refine.details                                  'HYDROGENS HAVE BEEN USED IF PRESENT IN THE INPUT' 
_refine.diff_density_max                         ? 
_refine.diff_density_max_esd                     ? 
_refine.diff_density_min                         ? 
_refine.diff_density_min_esd                     ? 
_refine.diff_density_rms                         ? 
_refine.diff_density_rms_esd                     ? 
_refine.entry_id                                 5CY8 
_refine.pdbx_refine_id                           'X-RAY DIFFRACTION' 
_refine.ls_abs_structure_details                 ? 
_refine.ls_abs_structure_Flack                   ? 
_refine.ls_abs_structure_Flack_esd               ? 
_refine.ls_abs_structure_Rogers                  ? 
_refine.ls_abs_structure_Rogers_esd              ? 
_refine.ls_d_res_high                            2.38 
_refine.ls_d_res_low                             28.65 
_refine.ls_extinction_coef                       ? 
_refine.ls_extinction_coef_esd                   ? 
_refine.ls_extinction_expression                 ? 
_refine.ls_extinction_method                     ? 
_refine.ls_goodness_of_fit_all                   ? 
_refine.ls_goodness_of_fit_all_esd               ? 
_refine.ls_goodness_of_fit_obs                   ? 
_refine.ls_goodness_of_fit_obs_esd               ? 
_refine.ls_hydrogen_treatment                    ? 
_refine.ls_matrix_type                           ? 
_refine.ls_number_constraints                    ? 
_refine.ls_number_parameters                     ? 
_refine.ls_number_reflns_all                     ? 
_refine.ls_number_reflns_obs                     11082 
_refine.ls_number_reflns_R_free                  555 
_refine.ls_number_reflns_R_work                  ? 
_refine.ls_number_restraints                     ? 
_refine.ls_percent_reflns_obs                    99.73 
_refine.ls_percent_reflns_R_free                 4.8 
_refine.ls_R_factor_all                          ? 
_refine.ls_R_factor_obs                          0.18851 
_refine.ls_R_factor_R_free                       0.22693 
_refine.ls_R_factor_R_free_error                 ? 
_refine.ls_R_factor_R_free_error_details         ? 
_refine.ls_R_factor_R_work                       0.18658 
_refine.ls_R_Fsqd_factor_obs                     ? 
_refine.ls_R_I_factor_obs                        ? 
_refine.ls_redundancy_reflns_all                 ? 
_refine.ls_redundancy_reflns_obs                 ? 
_refine.ls_restrained_S_all                      ? 
_refine.ls_restrained_S_obs                      ? 
_refine.ls_shift_over_esd_max                    ? 
_refine.ls_shift_over_esd_mean                   ? 
_refine.ls_structure_factor_coef                 ? 
_refine.ls_weighting_details                     ? 
_refine.ls_weighting_scheme                      ? 
_refine.ls_wR_factor_all                         ? 
_refine.ls_wR_factor_obs                         ? 
_refine.ls_wR_factor_R_free                      ? 
_refine.ls_wR_factor_R_work                      ? 
_refine.occupancy_max                            ? 
_refine.occupancy_min                            ? 
_refine.solvent_model_details                    MASK 
_refine.solvent_model_param_bsol                 ? 
_refine.solvent_model_param_ksol                 ? 
_refine.ls_R_factor_gt                           ? 
_refine.ls_goodness_of_fit_gt                    ? 
_refine.ls_goodness_of_fit_ref                   ? 
_refine.ls_shift_over_su_max                     ? 
_refine.ls_shift_over_su_max_lt                  ? 
_refine.ls_shift_over_su_mean                    ? 
_refine.ls_shift_over_su_mean_lt                 ? 
_refine.pdbx_ls_sigma_I                          ? 
_refine.pdbx_ls_sigma_F                          ? 
_refine.pdbx_ls_sigma_Fsqd                       ? 
_refine.pdbx_data_cutoff_high_absF               ? 
_refine.pdbx_data_cutoff_high_rms_absF           ? 
_refine.pdbx_data_cutoff_low_absF                ? 
_refine.pdbx_isotropic_thermal_model             ? 
_refine.pdbx_ls_cross_valid_method               THROUGHOUT 
_refine.pdbx_method_to_determine_struct          'MOLECULAR REPLACEMENT' 
_refine.pdbx_starting_model                      5E5D 
_refine.pdbx_stereochemistry_target_values       'MAXIMUM LIKELIHOOD' 
_refine.pdbx_R_Free_selection_details            RANDOM 
_refine.pdbx_stereochem_target_val_spec_case     ? 
_refine.pdbx_overall_ESU_R                       0.241 
_refine.pdbx_overall_ESU_R_Free                  0.200 
_refine.pdbx_solvent_vdw_probe_radii             1.20 
_refine.pdbx_solvent_ion_probe_radii             0.80 
_refine.pdbx_solvent_shrinkage_radii             0.80 
_refine.pdbx_real_space_R                        ? 
_refine.pdbx_density_correlation                 ? 
_refine.pdbx_pd_number_of_powder_patterns        ? 
_refine.pdbx_pd_number_of_points                 ? 
_refine.pdbx_pd_meas_number_of_points            ? 
_refine.pdbx_pd_proc_ls_prof_R_factor            ? 
_refine.pdbx_pd_proc_ls_prof_wR_factor           ? 
_refine.pdbx_pd_Marquardt_correlation_coeff      ? 
_refine.pdbx_pd_Fsqrd_R_factor                   ? 
_refine.pdbx_pd_ls_matrix_band_width             ? 
_refine.pdbx_overall_phase_error                 ? 
_refine.pdbx_overall_SU_R_free_Cruickshank_DPI   ? 
_refine.pdbx_overall_SU_R_free_Blow_DPI          ? 
_refine.pdbx_overall_SU_R_Blow_DPI               ? 
_refine.pdbx_TLS_residual_ADP_flag               ? 
_refine.pdbx_diffrn_id                           1 
_refine.overall_SU_B                             5.555 
_refine.overall_SU_ML                            0.133 
_refine.overall_SU_R_Cruickshank_DPI             ? 
_refine.overall_SU_R_free                        ? 
_refine.overall_FOM_free_R_set                   ? 
_refine.overall_FOM_work_R_set                   ? 
_refine.pdbx_average_fsc_overall                 ? 
_refine.pdbx_average_fsc_work                    ? 
_refine.pdbx_average_fsc_free                    ? 
# 
_refine_hist.pdbx_refine_id                   'X-RAY DIFFRACTION' 
_refine_hist.cycle_id                         1 
_refine_hist.pdbx_number_atoms_protein        1335 
_refine_hist.pdbx_number_atoms_nucleic_acid   0 
_refine_hist.pdbx_number_atoms_ligand         21 
_refine_hist.number_atoms_solvent             116 
_refine_hist.number_atoms_total               1472 
_refine_hist.d_res_high                       2.38 
_refine_hist.d_res_low                        28.65 
# 
loop_
_refine_ls_restr.pdbx_refine_id 
_refine_ls_restr.criterion 
_refine_ls_restr.dev_ideal 
_refine_ls_restr.dev_ideal_target 
_refine_ls_restr.number 
_refine_ls_restr.rejects 
_refine_ls_restr.type 
_refine_ls_restr.weight 
_refine_ls_restr.pdbx_restraint_function 
'X-RAY DIFFRACTION' ? 0.019  0.019  1385 ? r_bond_refined_d             ? ? 
'X-RAY DIFFRACTION' ? ?      ?      ?    ? r_bond_other_d               ? ? 
'X-RAY DIFFRACTION' ? 2.148  1.979  1880 ? r_angle_refined_deg          ? ? 
'X-RAY DIFFRACTION' ? ?      ?      ?    ? r_angle_other_deg            ? ? 
'X-RAY DIFFRACTION' ? 7.523  5.000  169  ? r_dihedral_angle_1_deg       ? ? 
'X-RAY DIFFRACTION' ? 33.725 22.899 69   ? r_dihedral_angle_2_deg       ? ? 
'X-RAY DIFFRACTION' ? 15.557 15.000 215  ? r_dihedral_angle_3_deg       ? ? 
'X-RAY DIFFRACTION' ? 20.561 15.000 14   ? r_dihedral_angle_4_deg       ? ? 
'X-RAY DIFFRACTION' ? 0.130  0.200  199  ? r_chiral_restr               ? ? 
'X-RAY DIFFRACTION' ? 0.010  0.021  1093 ? r_gen_planes_refined         ? ? 
'X-RAY DIFFRACTION' ? ?      ?      ?    ? r_gen_planes_other           ? ? 
'X-RAY DIFFRACTION' ? ?      ?      ?    ? r_nbd_refined                ? ? 
'X-RAY DIFFRACTION' ? ?      ?      ?    ? r_nbd_other                  ? ? 
'X-RAY DIFFRACTION' ? ?      ?      ?    ? r_nbtor_refined              ? ? 
'X-RAY DIFFRACTION' ? ?      ?      ?    ? r_nbtor_other                ? ? 
'X-RAY DIFFRACTION' ? ?      ?      ?    ? r_xyhbond_nbd_refined        ? ? 
'X-RAY DIFFRACTION' ? ?      ?      ?    ? r_xyhbond_nbd_other          ? ? 
'X-RAY DIFFRACTION' ? ?      ?      ?    ? r_metal_ion_refined          ? ? 
'X-RAY DIFFRACTION' ? ?      ?      ?    ? r_metal_ion_other            ? ? 
'X-RAY DIFFRACTION' ? ?      ?      ?    ? r_symmetry_vdw_refined       ? ? 
'X-RAY DIFFRACTION' ? ?      ?      ?    ? r_symmetry_vdw_other         ? ? 
'X-RAY DIFFRACTION' ? ?      ?      ?    ? r_symmetry_hbond_refined     ? ? 
'X-RAY DIFFRACTION' ? ?      ?      ?    ? r_symmetry_hbond_other       ? ? 
'X-RAY DIFFRACTION' ? ?      ?      ?    ? r_symmetry_metal_ion_refined ? ? 
'X-RAY DIFFRACTION' ? ?      ?      ?    ? r_symmetry_metal_ion_other   ? ? 
'X-RAY DIFFRACTION' ? 2.775  3.005  679  ? r_mcbond_it                  ? ? 
'X-RAY DIFFRACTION' ? ?      ?      ?    ? r_mcbond_other               ? ? 
'X-RAY DIFFRACTION' ? 4.097  4.489  847  ? r_mcangle_it                 ? ? 
'X-RAY DIFFRACTION' ? ?      ?      ?    ? r_mcangle_other              ? ? 
'X-RAY DIFFRACTION' ? 4.063  3.306  705  ? r_scbond_it                  ? ? 
'X-RAY DIFFRACTION' ? ?      ?      ?    ? r_scbond_other               ? ? 
'X-RAY DIFFRACTION' ? ?      ?      ?    ? r_scangle_it                 ? ? 
'X-RAY DIFFRACTION' ? ?      ?      ?    ? r_scangle_other              ? ? 
'X-RAY DIFFRACTION' ? 7.476  25.962 2158 ? r_long_range_B_refined       ? ? 
'X-RAY DIFFRACTION' ? ?      ?      ?    ? r_long_range_B_other         ? ? 
'X-RAY DIFFRACTION' ? ?      ?      ?    ? r_rigid_bond_restr           ? ? 
'X-RAY DIFFRACTION' ? ?      ?      ?    ? r_sphericity_free            ? ? 
'X-RAY DIFFRACTION' ? ?      ?      ?    ? r_sphericity_bonded          ? ? 
# 
_refine_ls_shell.pdbx_refine_id                   'X-RAY DIFFRACTION' 
_refine_ls_shell.d_res_high                       2.381 
_refine_ls_shell.d_res_low                        2.442 
_refine_ls_shell.number_reflns_all                ? 
_refine_ls_shell.number_reflns_obs                ? 
_refine_ls_shell.number_reflns_R_free             39 
_refine_ls_shell.number_reflns_R_work             798 
_refine_ls_shell.percent_reflns_obs               99.41 
_refine_ls_shell.percent_reflns_R_free            ? 
_refine_ls_shell.R_factor_all                     ? 
_refine_ls_shell.R_factor_obs                     ? 
_refine_ls_shell.R_factor_R_free                  0.249 
_refine_ls_shell.R_factor_R_free_error            ? 
_refine_ls_shell.R_factor_R_work                  0.213 
_refine_ls_shell.redundancy_reflns_all            ? 
_refine_ls_shell.redundancy_reflns_obs            ? 
_refine_ls_shell.wR_factor_all                    ? 
_refine_ls_shell.wR_factor_obs                    ? 
_refine_ls_shell.wR_factor_R_free                 ? 
_refine_ls_shell.wR_factor_R_work                 ? 
_refine_ls_shell.pdbx_total_number_of_bins_used   20 
_refine_ls_shell.pdbx_phase_error                 ? 
_refine_ls_shell.pdbx_fsc_work                    ? 
_refine_ls_shell.pdbx_fsc_free                    ? 
# 
_struct.entry_id                     5CY8 
_struct.title                        
'Structure of Xoo1075, a peptide deformylase from Xanthomonas oryzae pv oryze, in complex with fragment 244' 
_struct.pdbx_model_details           ? 
_struct.pdbx_formula_weight          ? 
_struct.pdbx_formula_weight_method   ? 
_struct.pdbx_model_type_details      ? 
_struct.pdbx_CASP_flag               ? 
# 
_struct_keywords.entry_id        5CY8 
_struct_keywords.text            
'a peptide deformylase, Xanthomonas, fragment, metallopeptidase, HYDROLASE-HYDROLASE INHIBITOR complex' 
_struct_keywords.pdbx_keywords   'HYDROLASE/HYDROLASE INHIBITOR' 
# 
loop_
_struct_asym.id 
_struct_asym.pdbx_blank_PDB_chainid_flag 
_struct_asym.pdbx_modified 
_struct_asym.entity_id 
_struct_asym.details 
A N N 1 ? 
B N N 2 ? 
C N N 3 ? 
D N N 3 ? 
E N N 3 ? 
F N N 4 ? 
G N N 5 ? 
H N N 6 ? 
# 
loop_
_struct_conf.conf_type_id 
_struct_conf.id 
_struct_conf.pdbx_PDB_helix_id 
_struct_conf.beg_label_comp_id 
_struct_conf.beg_label_asym_id 
_struct_conf.beg_label_seq_id 
_struct_conf.pdbx_beg_PDB_ins_code 
_struct_conf.end_label_comp_id 
_struct_conf.end_label_asym_id 
_struct_conf.end_label_seq_id 
_struct_conf.pdbx_end_PDB_ins_code 
_struct_conf.beg_auth_comp_id 
_struct_conf.beg_auth_asym_id 
_struct_conf.beg_auth_seq_id 
_struct_conf.end_auth_comp_id 
_struct_conf.end_auth_asym_id 
_struct_conf.end_auth_seq_id 
_struct_conf.pdbx_PDB_helix_class 
_struct_conf.details 
_struct_conf.pdbx_PDB_helix_length 
HELX_P HELX_P1 AA1 ASP A 10  ? LEU A 14  ? ASP A 10  LEU A 14  5 ? 5  
HELX_P HELX_P2 AA2 SER A 25  ? ALA A 42  ? SER A 25  ALA A 42  1 ? 18 
HELX_P HELX_P3 AA3 PRO A 50  ? ALA A 53  ? PRO A 50  ALA A 53  5 ? 4  
HELX_P HELX_P4 AA4 GLY A 133 ? VAL A 147 ? GLY A 133 VAL A 147 1 ? 15 
HELX_P HELX_P5 AA5 LEU A 150 ? ILE A 155 ? LEU A 150 ILE A 155 5 ? 6  
HELX_P HELX_P6 AA6 ASN A 157 ? PHE A 161 ? ASN A 157 PHE A 161 5 ? 5  
# 
_struct_conf_type.id          HELX_P 
_struct_conf_type.criteria    ? 
_struct_conf_type.reference   ? 
# 
loop_
_struct_conn.id 
_struct_conn.conn_type_id 
_struct_conn.pdbx_leaving_atom_flag 
_struct_conn.pdbx_PDB_id 
_struct_conn.ptnr1_label_asym_id 
_struct_conn.ptnr1_label_comp_id 
_struct_conn.ptnr1_label_seq_id 
_struct_conn.ptnr1_label_atom_id 
_struct_conn.pdbx_ptnr1_label_alt_id 
_struct_conn.pdbx_ptnr1_PDB_ins_code 
_struct_conn.pdbx_ptnr1_standard_comp_id 
_struct_conn.ptnr1_symmetry 
_struct_conn.ptnr2_label_asym_id 
_struct_conn.ptnr2_label_comp_id 
_struct_conn.ptnr2_label_seq_id 
_struct_conn.ptnr2_label_atom_id 
_struct_conn.pdbx_ptnr2_label_alt_id 
_struct_conn.pdbx_ptnr2_PDB_ins_code 
_struct_conn.ptnr1_auth_asym_id 
_struct_conn.ptnr1_auth_comp_id 
_struct_conn.ptnr1_auth_seq_id 
_struct_conn.ptnr2_auth_asym_id 
_struct_conn.ptnr2_auth_comp_id 
_struct_conn.ptnr2_auth_seq_id 
_struct_conn.ptnr2_symmetry 
_struct_conn.pdbx_ptnr3_label_atom_id 
_struct_conn.pdbx_ptnr3_label_seq_id 
_struct_conn.pdbx_ptnr3_label_comp_id 
_struct_conn.pdbx_ptnr3_label_asym_id 
_struct_conn.pdbx_ptnr3_label_alt_id 
_struct_conn.pdbx_ptnr3_PDB_ins_code 
_struct_conn.details 
_struct_conn.pdbx_dist_value 
_struct_conn.pdbx_value_order 
_struct_conn.pdbx_role 
metalc1  metalc ? ? A LEU 14  O   ? ? ? 1_555 G NA  . NA ? ? A LEU 14  A NA  206 1_555 ? ? ? ? ? ? ? 2.529 ? ? 
metalc2  metalc ? ? A GLU 37  OE2 ? ? ? 1_555 E CD  . CD ? ? A GLU 37  A CD  204 8_445 ? ? ? ? ? ? ? 2.137 ? ? 
metalc3  metalc ? ? A HIS 43  NE2 ? ? ? 1_555 C CD  . CD ? ? A HIS 43  A CD  202 8_445 ? ? ? ? ? ? ? 2.292 ? ? 
metalc4  metalc ? ? A CYS 99  SG  ? ? ? 1_555 D CD  . CD ? ? A CYS 99  A CD  203 1_555 ? ? ? ? ? ? ? 2.520 ? ? 
metalc5  metalc ? ? A GLU 128 OE1 ? ? ? 1_555 C CD  . CD ? ? A GLU 128 A CD  202 1_555 ? ? ? ? ? ? ? 2.222 ? ? 
metalc6  metalc ? ? A GLU 130 OE2 ? ? ? 1_555 C CD  . CD ? ? A GLU 130 A CD  202 1_555 ? ? ? ? ? ? ? 2.268 ? ? 
metalc7  metalc ? ? A GLU 132 OE1 ? ? ? 1_555 E CD  . CD ? ? A GLU 132 A CD  204 1_555 ? ? ? ? ? ? ? 2.630 ? ? 
metalc8  metalc ? ? A GLU 132 OE2 ? ? ? 1_555 E CD  . CD ? ? A GLU 132 A CD  204 1_555 ? ? ? ? ? ? ? 2.319 ? ? 
metalc9  metalc ? ? A HIS 141 NE2 ? ? ? 1_555 D CD  . CD ? ? A HIS 141 A CD  203 1_555 ? ? ? ? ? ? ? 2.505 ? ? 
metalc10 metalc ? ? A HIS 145 NE2 ? ? ? 1_555 D CD  . CD ? ? A HIS 145 A CD  203 1_555 ? ? ? ? ? ? ? 2.478 ? ? 
metalc11 metalc ? ? E CD  .   CD  ? ? ? 1_555 H HOH . O  ? ? A CD  204 A HOH 301 1_555 ? ? ? ? ? ? ? 1.812 ? ? 
metalc12 metalc ? ? E CD  .   CD  ? ? ? 1_555 H HOH . O  ? ? A CD  204 A HOH 400 1_555 ? ? ? ? ? ? ? 2.634 ? ? 
metalc13 metalc ? ? G NA  .   NA  ? ? ? 1_555 H HOH . O  ? ? A NA  206 A HOH 343 1_555 ? ? ? ? ? ? ? 2.332 ? ? 
metalc14 metalc ? ? G NA  .   NA  ? ? ? 1_555 H HOH . O  ? ? A NA  206 A HOH 401 8_555 ? ? ? ? ? ? ? 2.981 ? ? 
# 
_struct_conn_type.id          metalc 
_struct_conn_type.criteria    ? 
_struct_conn_type.reference   ? 
# 
loop_
_struct_sheet.id 
_struct_sheet.type 
_struct_sheet.number_strands 
_struct_sheet.details 
AA1 ? 5 ? 
AA2 ? 3 ? 
# 
loop_
_struct_sheet_order.sheet_id 
_struct_sheet_order.range_id_1 
_struct_sheet_order.range_id_2 
_struct_sheet_order.offset 
_struct_sheet_order.sense 
AA1 1 2 ? anti-parallel 
AA1 2 3 ? anti-parallel 
AA1 3 4 ? anti-parallel 
AA1 4 5 ? anti-parallel 
AA2 1 2 ? anti-parallel 
AA2 2 3 ? anti-parallel 
# 
loop_
_struct_sheet_range.sheet_id 
_struct_sheet_range.id 
_struct_sheet_range.beg_label_comp_id 
_struct_sheet_range.beg_label_asym_id 
_struct_sheet_range.beg_label_seq_id 
_struct_sheet_range.pdbx_beg_PDB_ins_code 
_struct_sheet_range.end_label_comp_id 
_struct_sheet_range.end_label_asym_id 
_struct_sheet_range.end_label_seq_id 
_struct_sheet_range.pdbx_end_PDB_ins_code 
_struct_sheet_range.beg_auth_comp_id 
_struct_sheet_range.beg_auth_asym_id 
_struct_sheet_range.beg_auth_seq_id 
_struct_sheet_range.end_auth_comp_id 
_struct_sheet_range.end_auth_asym_id 
_struct_sheet_range.end_auth_seq_id 
AA1 1 GLY A 46  ? ALA A 48  ? GLY A 46  ALA A 48  
AA1 2 LEU A 58  ? PHE A 63  ? LEU A 58  PHE A 63  
AA1 3 VAL A 75  ? PRO A 87  ? VAL A 75  PRO A 87  
AA1 4 TYR A 114 ? PHE A 120 ? TYR A 114 PHE A 120 
AA1 5 PRO A 126 ? GLU A 132 ? PRO A 126 GLU A 132 
AA2 1 MET A 92  ? GLU A 97  ? MET A 92  GLU A 97  
AA2 2 LEU A 105 ? TYR A 112 ? LEU A 105 TYR A 112 
AA2 3 GLY A 162 ? PHE A 163 ? GLY A 162 PHE A 163 
# 
loop_
_pdbx_struct_sheet_hbond.sheet_id 
_pdbx_struct_sheet_hbond.range_id_1 
_pdbx_struct_sheet_hbond.range_id_2 
_pdbx_struct_sheet_hbond.range_1_label_atom_id 
_pdbx_struct_sheet_hbond.range_1_label_comp_id 
_pdbx_struct_sheet_hbond.range_1_label_asym_id 
_pdbx_struct_sheet_hbond.range_1_label_seq_id 
_pdbx_struct_sheet_hbond.range_1_PDB_ins_code 
_pdbx_struct_sheet_hbond.range_1_auth_atom_id 
_pdbx_struct_sheet_hbond.range_1_auth_comp_id 
_pdbx_struct_sheet_hbond.range_1_auth_asym_id 
_pdbx_struct_sheet_hbond.range_1_auth_seq_id 
_pdbx_struct_sheet_hbond.range_2_label_atom_id 
_pdbx_struct_sheet_hbond.range_2_label_comp_id 
_pdbx_struct_sheet_hbond.range_2_label_asym_id 
_pdbx_struct_sheet_hbond.range_2_label_seq_id 
_pdbx_struct_sheet_hbond.range_2_PDB_ins_code 
_pdbx_struct_sheet_hbond.range_2_auth_atom_id 
_pdbx_struct_sheet_hbond.range_2_auth_comp_id 
_pdbx_struct_sheet_hbond.range_2_auth_asym_id 
_pdbx_struct_sheet_hbond.range_2_auth_seq_id 
AA1 1 2 N LEU A 47  ? N LEU A 47  O VAL A 60  ? O VAL A 60  
AA1 2 3 N PHE A 61  ? N PHE A 61  O THR A 78  ? O THR A 78  
AA1 3 4 N ALA A 81  ? N ALA A 81  O PHE A 120 ? O PHE A 120 
AA1 4 5 N GLY A 119 ? N GLY A 119 O ILE A 127 ? O ILE A 127 
AA2 1 2 N GLY A 95  ? N GLY A 95  O ILE A 109 ? O ILE A 109 
AA2 2 3 N ARG A 106 ? N ARG A 106 O GLY A 162 ? O GLY A 162 
# 
loop_
_struct_site.id 
_struct_site.pdbx_evidence_code 
_struct_site.pdbx_auth_asym_id 
_struct_site.pdbx_auth_comp_id 
_struct_site.pdbx_auth_seq_id 
_struct_site.pdbx_auth_ins_code 
_struct_site.pdbx_num_residues 
_struct_site.details 
AC1 Software A 56V 201 ? 8 'binding site for residue 56V A 201' 
AC2 Software A CD  202 ? 3 'binding site for residue CD A 202'  
AC3 Software A CD  203 ? 7 'binding site for residue CD A 203'  
AC4 Software A CD  204 ? 5 'binding site for residue CD A 204'  
AC5 Software A ACT 205 ? 6 'binding site for residue ACT A 205' 
AC6 Software A NA  206 ? 3 'binding site for residue NA A 206'  
# 
loop_
_struct_site_gen.id 
_struct_site_gen.site_id 
_struct_site_gen.pdbx_num_res 
_struct_site_gen.label_comp_id 
_struct_site_gen.label_asym_id 
_struct_site_gen.label_seq_id 
_struct_site_gen.pdbx_auth_ins_code 
_struct_site_gen.auth_comp_id 
_struct_site_gen.auth_asym_id 
_struct_site_gen.auth_seq_id 
_struct_site_gen.label_atom_id 
_struct_site_gen.label_alt_id 
_struct_site_gen.symmetry 
_struct_site_gen.details 
1  AC1 8 VAL A 45  ? VAL A 45  . ? 1_555 ? 
2  AC1 8 TYR A 69  ? TYR A 69  . ? 1_555 ? 
3  AC1 8 GLU A 97  ? GLU A 97  . ? 1_555 ? 
4  AC1 8 GLY A 98  ? GLY A 98  . ? 1_555 ? 
5  AC1 8 LEU A 100 ? LEU A 100 . ? 1_555 ? 
6  AC1 8 HIS A 141 ? HIS A 141 . ? 1_555 ? 
7  AC1 8 GLU A 142 ? GLU A 142 . ? 1_555 ? 
8  AC1 8 HOH H .   ? HOH A 341 . ? 1_555 ? 
9  AC2 3 HIS A 43  ? HIS A 43  . ? 8_545 ? 
10 AC2 3 GLU A 128 ? GLU A 128 . ? 1_555 ? 
11 AC2 3 GLU A 130 ? GLU A 130 . ? 1_555 ? 
12 AC3 7 GLN A 51  ? GLN A 51  . ? 1_555 ? 
13 AC3 7 CYS A 99  ? CYS A 99  . ? 1_555 ? 
14 AC3 7 HIS A 141 ? HIS A 141 . ? 1_555 ? 
15 AC3 7 GLU A 142 ? GLU A 142 . ? 1_555 ? 
16 AC3 7 HIS A 145 ? HIS A 145 . ? 1_555 ? 
17 AC3 7 HOH H .   ? HOH A 302 . ? 1_555 ? 
18 AC3 7 HOH H .   ? HOH A 341 . ? 1_555 ? 
19 AC4 5 GLU A 37  ? GLU A 37  . ? 8_545 ? 
20 AC4 5 GLU A 132 ? GLU A 132 . ? 1_555 ? 
21 AC4 5 HOH H .   ? HOH A 301 . ? 1_555 ? 
22 AC4 5 HOH H .   ? HOH A 399 . ? 8_545 ? 
23 AC4 5 HOH H .   ? HOH A 400 . ? 1_555 ? 
24 AC5 6 LEU A 14  ? LEU A 14  . ? 1_555 ? 
25 AC5 6 GLY A 148 ? GLY A 148 . ? 1_555 ? 
26 AC5 6 ARG A 149 ? ARG A 149 . ? 1_555 ? 
27 AC5 6 LEU A 150 ? LEU A 150 . ? 1_555 ? 
28 AC5 6 SER A 153 ? SER A 153 . ? 1_555 ? 
29 AC5 6 ASP A 159 ? ASP A 159 . ? 8_555 ? 
30 AC6 3 LEU A 14  ? LEU A 14  . ? 1_555 ? 
31 AC6 3 HOH H .   ? HOH A 343 . ? 1_555 ? 
32 AC6 3 HOH H .   ? HOH A 401 . ? 8_555 ? 
# 
_atom_sites.entry_id                    5CY8 
_atom_sites.fract_transf_matrix[1][1]   0.00761238 
_atom_sites.fract_transf_matrix[1][2]   0.01249680 
_atom_sites.fract_transf_matrix[1][3]   0.01316612 
_atom_sites.fract_transf_matrix[2][1]   0.01601908 
_atom_sites.fract_transf_matrix[2][2]   0.01050758 
_atom_sites.fract_transf_matrix[2][3]   -0.00452104 
_atom_sites.fract_transf_matrix[3][1]   -0.00220129 
_atom_sites.fract_transf_matrix[3][2]   0.00277162 
_atom_sites.fract_transf_matrix[3][3]   -0.00135799 
_atom_sites.fract_transf_vector[1]      -0.048816 
_atom_sites.fract_transf_vector[2]      -0.338562 
_atom_sites.fract_transf_vector[3]      0.013838 
# 
loop_
_atom_type.symbol 
C  
CD 
N  
NA 
O  
S  
# 
loop_
_atom_site.group_PDB 
_atom_site.id 
_atom_site.type_symbol 
_atom_site.label_atom_id 
_atom_site.label_alt_id 
_atom_site.label_comp_id 
_atom_site.label_asym_id 
_atom_site.label_entity_id 
_atom_site.label_seq_id 
_atom_site.pdbx_PDB_ins_code 
_atom_site.Cartn_x 
_atom_site.Cartn_y 
_atom_site.Cartn_z 
_atom_site.occupancy 
_atom_site.B_iso_or_equiv 
_atom_site.pdbx_formal_charge 
_atom_site.auth_seq_id 
_atom_site.auth_comp_id 
_atom_site.auth_asym_id 
_atom_site.auth_atom_id 
_atom_site.pdbx_PDB_model_num 
ATOM   1    N  N   . MET A 1 1   ? -8.452  -2.747  -17.108 1.00 33.80  ? 1   MET A N   1 
ATOM   2    C  CA  . MET A 1 1   ? -7.424  -2.094  -17.949 1.00 37.21  ? 1   MET A CA  1 
ATOM   3    C  C   . MET A 1 1   ? -6.227  -1.715  -17.065 1.00 40.06  ? 1   MET A C   1 
ATOM   4    O  O   . MET A 1 1   ? -6.405  -1.188  -15.959 1.00 42.67  ? 1   MET A O   1 
ATOM   5    C  CB  . MET A 1 1   ? -8.031  -0.845  -18.537 1.00 40.44  ? 1   MET A CB  1 
ATOM   6    C  CG  . MET A 1 1   ? -7.213  -0.239  -19.669 1.00 50.90  ? 1   MET A CG  1 
ATOM   7    S  SD  . MET A 1 1   ? -7.511  1.542   -19.639 1.00 72.59  ? 1   MET A SD  1 
ATOM   8    C  CE  . MET A 1 1   ? -9.201  1.661   -20.297 1.00 64.79  ? 1   MET A CE  1 
ATOM   9    N  N   . ILE A 1 2   ? -5.016  -2.020  -17.522 1.00 38.17  ? 2   ILE A N   1 
ATOM   10   C  CA  . ILE A 1 2   ? -3.788  -1.790  -16.760 1.00 36.34  ? 2   ILE A CA  1 
ATOM   11   C  C   . ILE A 1 2   ? -3.497  -0.302  -16.933 1.00 38.25  ? 2   ILE A C   1 
ATOM   12   O  O   . ILE A 1 2   ? -3.592  0.198   -18.067 1.00 39.10  ? 2   ILE A O   1 
ATOM   13   C  CB  . ILE A 1 2   ? -2.612  -2.696  -17.266 1.00 38.68  ? 2   ILE A CB  1 
ATOM   14   C  CG1 . ILE A 1 2   ? -2.841  -4.159  -16.856 1.00 34.22  ? 2   ILE A CG1 1 
ATOM   15   C  CG2 . ILE A 1 2   ? -1.254  -2.251  -16.718 1.00 34.10  ? 2   ILE A CG2 1 
ATOM   16   C  CD1 . ILE A 1 2   ? -1.901  -5.151  -17.515 1.00 35.52  ? 2   ILE A CD1 1 
ATOM   17   N  N   . ARG A 1 3   ? -3.238  0.407   -15.821 1.00 31.82  ? 3   ARG A N   1 
ATOM   18   C  CA  . ARG A 1 3   ? -2.877  1.838   -15.857 1.00 32.65  ? 3   ARG A CA  1 
ATOM   19   C  C   . ARG A 1 3   ? -1.382  2.098   -15.595 1.00 29.30  ? 3   ARG A C   1 
ATOM   20   O  O   . ARG A 1 3   ? -0.759  1.369   -14.869 1.00 28.11  ? 3   ARG A O   1 
ATOM   21   C  CB  . ARG A 1 3   ? -3.646  2.611   -14.765 1.00 35.61  ? 3   ARG A CB  1 
ATOM   22   C  CG  . ARG A 1 3   ? -5.121  2.323   -14.721 1.00 38.14  ? 3   ARG A CG  1 
ATOM   23   C  CD  . ARG A 1 3   ? -5.888  3.460   -15.391 1.00 39.92  ? 3   ARG A CD  1 
ATOM   24   N  NE  . ARG A 1 3   ? -7.287  3.286   -15.044 1.00 40.43  ? 3   ARG A NE  1 
ATOM   25   C  CZ  . ARG A 1 3   ? -8.052  4.203   -14.477 1.00 34.86  ? 3   ARG A CZ  1 
ATOM   26   N  NH1 . ARG A 1 3   ? -7.596  5.426   -14.235 1.00 35.57  ? 3   ARG A NH1 1 
ATOM   27   N  NH2 . ARG A 1 3   ? -9.303  3.893   -14.210 1.00 37.78  ? 3   ARG A NH2 1 
ATOM   28   N  N   . ASP A 1 4   ? -0.850  3.180   -16.135 1.00 29.18  ? 4   ASP A N   1 
ATOM   29   C  CA  . ASP A 1 4   ? 0.514   3.593   -15.838 1.00 31.65  ? 4   ASP A CA  1 
ATOM   30   C  C   . ASP A 1 4   ? 0.655   3.792   -14.373 1.00 29.22  ? 4   ASP A C   1 
ATOM   31   O  O   . ASP A 1 4   ? -0.207  4.425   -13.790 1.00 27.37  ? 4   ASP A O   1 
ATOM   32   C  CB  . ASP A 1 4   ? 0.831   4.905   -16.536 1.00 33.20  ? 4   ASP A CB  1 
ATOM   33   C  CG  . ASP A 1 4   ? 0.798   4.758   -18.041 1.00 40.74  ? 4   ASP A CG  1 
ATOM   34   O  OD1 . ASP A 1 4   ? 1.049   3.639   -18.569 1.00 37.13  ? 4   ASP A OD1 1 
ATOM   35   O  OD2 . ASP A 1 4   ? 0.493   5.772   -18.683 1.00 43.97  ? 4   ASP A OD2 1 
ATOM   36   N  N   . ILE A 1 5   ? 1.727   3.251   -13.788 1.00 25.65  ? 5   ILE A N   1 
ATOM   37   C  CA  . ILE A 1 5   ? 2.094   3.520   -12.410 1.00 25.52  ? 5   ILE A CA  1 
ATOM   38   C  C   . ILE A 1 5   ? 3.086   4.676   -12.428 1.00 27.04  ? 5   ILE A C   1 
ATOM   39   O  O   . ILE A 1 5   ? 4.176   4.547   -12.958 1.00 30.92  ? 5   ILE A O   1 
ATOM   40   C  CB  . ILE A 1 5   ? 2.749   2.291   -11.749 1.00 28.03  ? 5   ILE A CB  1 
ATOM   41   C  CG1 . ILE A 1 5   ? 1.697   1.170   -11.574 1.00 25.12  ? 5   ILE A CG1 1 
ATOM   42   C  CG2 . ILE A 1 5   ? 3.336   2.679   -10.401 1.00 27.32  ? 5   ILE A CG2 1 
ATOM   43   C  CD1 . ILE A 1 5   ? 2.247   -0.157  -11.089 1.00 24.35  ? 5   ILE A CD1 1 
ATOM   44   N  N   . ILE A 1 6   ? 2.715   5.817   -11.861 1.00 26.27  ? 6   ILE A N   1 
ATOM   45   C  CA  . ILE A 1 6   ? 3.606   6.956   -11.847 1.00 27.72  ? 6   ILE A CA  1 
ATOM   46   C  C   . ILE A 1 6   ? 4.719   6.796   -10.784 1.00 29.80  ? 6   ILE A C   1 
ATOM   47   O  O   . ILE A 1 6   ? 4.557   6.081   -9.759  1.00 30.43  ? 6   ILE A O   1 
ATOM   48   C  CB  . ILE A 1 6   ? 2.833   8.300   -11.702 1.00 26.62  ? 6   ILE A CB  1 
ATOM   49   C  CG1 . ILE A 1 6   ? 2.042   8.328   -10.379 1.00 25.09  ? 6   ILE A CG1 1 
ATOM   50   C  CG2 . ILE A 1 6   ? 1.994   8.513   -12.951 1.00 24.39  ? 6   ILE A CG2 1 
ATOM   51   C  CD1 . ILE A 1 6   ? 1.539   9.696   -9.916  1.00 22.37  ? 6   ILE A CD1 1 
ATOM   52   N  N   . ARG A 1 7   ? 5.840   7.470   -11.032 1.00 29.68  ? 7   ARG A N   1 
ATOM   53   C  CA  . ARG A 1 7   ? 7.103   7.171   -10.294 1.00 31.98  ? 7   ARG A CA  1 
ATOM   54   C  C   . ARG A 1 7   ? 7.448   8.303   -9.347  1.00 26.75  ? 7   ARG A C   1 
ATOM   55   O  O   . ARG A 1 7   ? 7.164   9.467   -9.646  1.00 23.72  ? 7   ARG A O   1 
ATOM   56   C  CB  . ARG A 1 7   ? 8.255   6.878   -11.278 1.00 30.53  ? 7   ARG A CB  1 
ATOM   57   C  CG  . ARG A 1 7   ? 8.218   5.430   -11.770 1.00 33.41  ? 7   ARG A CG  1 
ATOM   58   C  CD  . ARG A 1 7   ? 9.355   5.133   -12.739 1.00 41.26  ? 7   ARG A CD  1 
ATOM   59   N  NE  . ARG A 1 7   ? 9.353   6.027   -13.909 1.00 42.05  ? 7   ARG A NE  1 
ATOM   60   C  CZ  . ARG A 1 7   ? 10.401  6.724   -14.353 1.00 48.09  ? 7   ARG A CZ  1 
ATOM   61   N  NH1 . ARG A 1 7   ? 11.609  6.670   -13.781 1.00 47.41  ? 7   ARG A NH1 1 
ATOM   62   N  NH2 . ARG A 1 7   ? 10.235  7.483   -15.412 1.00 55.40  ? 7   ARG A NH2 1 
ATOM   63   N  N   . MET A 1 8   ? 8.047   7.946   -8.214  1.00 25.82  ? 8   MET A N   1 
ATOM   64   C  CA  . MET A 1 8   ? 8.525   8.932   -7.255  1.00 26.13  ? 8   MET A CA  1 
ATOM   65   C  C   . MET A 1 8   ? 9.154   10.129  -7.959  1.00 24.58  ? 8   MET A C   1 
ATOM   66   O  O   . MET A 1 8   ? 9.916   9.957   -8.890  1.00 24.99  ? 8   MET A O   1 
ATOM   67   C  CB  . MET A 1 8   ? 9.485   8.313   -6.271  1.00 23.99  ? 8   MET A CB  1 
ATOM   68   C  CG  . MET A 1 8   ? 9.857   9.293   -5.158  1.00 25.74  ? 8   MET A CG  1 
ATOM   69   S  SD  . MET A 1 8   ? 10.767  8.444   -3.811  1.00 25.47  ? 8   MET A SD  1 
ATOM   70   C  CE  . MET A 1 8   ? 12.419  8.318   -4.537  1.00 22.45  ? 8   MET A CE  1 
ATOM   71   N  N   . GLY A 1 9   ? 8.814   11.332  -7.529  1.00 27.15  ? 9   GLY A N   1 
ATOM   72   C  CA  . GLY A 1 9   ? 9.194   12.550  -8.271  1.00 28.53  ? 9   GLY A CA  1 
ATOM   73   C  C   . GLY A 1 9   ? 7.991   13.249  -8.906  1.00 28.46  ? 9   GLY A C   1 
ATOM   74   O  O   . GLY A 1 9   ? 7.979   14.476  -9.056  1.00 31.68  ? 9   GLY A O   1 
ATOM   75   N  N   . ASP A 1 10  ? 6.964   12.484  -9.267  1.00 28.81  ? 10  ASP A N   1 
ATOM   76   C  CA  . ASP A 1 10  ? 5.695   13.073  -9.748  1.00 26.82  ? 10  ASP A CA  1 
ATOM   77   C  C   . ASP A 1 10  ? 5.009   13.790  -8.574  1.00 26.82  ? 10  ASP A C   1 
ATOM   78   O  O   . ASP A 1 10  ? 4.902   13.209  -7.510  1.00 27.73  ? 10  ASP A O   1 
ATOM   79   C  CB  . ASP A 1 10  ? 4.795   11.970  -10.272 1.00 26.49  ? 10  ASP A CB  1 
ATOM   80   C  CG  . ASP A 1 10  ? 3.649   12.507  -11.113 1.00 26.88  ? 10  ASP A CG  1 
ATOM   81   O  OD1 . ASP A 1 10  ? 2.861   13.354  -10.622 1.00 26.79  ? 10  ASP A OD1 1 
ATOM   82   O  OD2 . ASP A 1 10  ? 3.557   12.079  -12.274 1.00 25.81  ? 10  ASP A OD2 1 
ATOM   83   N  N   . LYS A 1 11  ? 4.570   15.042  -8.738  1.00 28.68  ? 11  LYS A N   1 
ATOM   84   C  CA  . LYS A 1 11  ? 3.883   15.735  -7.606  1.00 29.79  ? 11  LYS A CA  1 
ATOM   85   C  C   . LYS A 1 11  ? 2.587   15.050  -7.180  1.00 25.83  ? 11  LYS A C   1 
ATOM   86   O  O   . LYS A 1 11  ? 2.078   15.241  -6.078  1.00 23.40  ? 11  LYS A O   1 
ATOM   87   C  CB  . LYS A 1 11  ? 3.603   17.205  -7.944  1.00 32.92  ? 11  LYS A CB  1 
ATOM   88   C  CG  . LYS A 1 11  ? 4.886   17.971  -8.052  1.00 36.92  ? 11  LYS A CG  1 
ATOM   89   C  CD  . LYS A 1 11  ? 4.730   19.465  -8.304  1.00 42.23  ? 11  LYS A CD  1 
ATOM   90   C  CE  . LYS A 1 11  ? 6.140   20.041  -8.557  1.00 43.50  ? 11  LYS A CE  1 
ATOM   91   N  NZ  . LYS A 1 11  ? 6.384   21.398  -8.006  1.00 46.88  ? 11  LYS A NZ  1 
ATOM   92   N  N   . ARG A 1 12  ? 2.060   14.225  -8.056  1.00 22.74  ? 12  ARG A N   1 
ATOM   93   C  CA  . ARG A 1 12  ? 0.771   13.623  -7.749  1.00 23.79  ? 12  ARG A CA  1 
ATOM   94   C  C   . ARG A 1 12  ? 0.870   12.532  -6.694  1.00 25.44  ? 12  ARG A C   1 
ATOM   95   O  O   . ARG A 1 12  ? -0.160  12.069  -6.217  1.00 28.73  ? 12  ARG A O   1 
ATOM   96   C  CB  . ARG A 1 12  ? 0.086   13.131  -9.053  1.00 22.49  ? 12  ARG A CB  1 
ATOM   97   C  CG  . ARG A 1 12  ? -0.158  14.311  -9.993  1.00 23.80  ? 12  ARG A CG  1 
ATOM   98   C  CD  . ARG A 1 12  ? -0.680  13.864  -11.311 1.00 24.97  ? 12  ARG A CD  1 
ATOM   99   N  NE  . ARG A 1 12  ? 0.397   13.212  -12.063 1.00 26.38  ? 12  ARG A NE  1 
ATOM   100  C  CZ  . ARG A 1 12  ? 0.254   12.718  -13.288 1.00 26.69  ? 12  ARG A CZ  1 
ATOM   101  N  NH1 . ARG A 1 12  ? -0.944  12.766  -13.883 1.00 24.90  ? 12  ARG A NH1 1 
ATOM   102  N  NH2 . ARG A 1 12  ? 1.287   12.108  -13.893 1.00 27.11  ? 12  ARG A NH2 1 
ATOM   103  N  N   . LEU A 1 13  ? 2.088   12.089  -6.364  1.00 23.74  ? 13  LEU A N   1 
ATOM   104  C  CA  . LEU A 1 13  ? 2.278   11.176  -5.239  1.00 24.40  ? 13  LEU A CA  1 
ATOM   105  C  C   . LEU A 1 13  ? 2.321   11.896  -3.904  1.00 24.09  ? 13  LEU A C   1 
ATOM   106  O  O   . LEU A 1 13  ? 2.326   11.267  -2.837  1.00 23.95  ? 13  LEU A O   1 
ATOM   107  C  CB  . LEU A 1 13  ? 3.585   10.418  -5.444  1.00 25.33  ? 13  LEU A CB  1 
ATOM   108  C  CG  . LEU A 1 13  ? 3.512   9.334   -6.514  1.00 24.46  ? 13  LEU A CG  1 
ATOM   109  C  CD1 . LEU A 1 13  ? 4.846   8.715   -6.853  1.00 26.74  ? 13  LEU A CD1 1 
ATOM   110  C  CD2 . LEU A 1 13  ? 2.565   8.285   -5.971  1.00 27.86  ? 13  LEU A CD2 1 
ATOM   111  N  N   . LEU A 1 14  ? 2.359   13.225  -3.968  1.00 25.21  ? 14  LEU A N   1 
ATOM   112  C  CA  . LEU A 1 14  ? 2.649   14.084  -2.818  1.00 31.44  ? 14  LEU A CA  1 
ATOM   113  C  C   . LEU A 1 14  ? 1.419   14.741  -2.176  1.00 31.41  ? 14  LEU A C   1 
ATOM   114  O  O   . LEU A 1 14  ? 1.537   15.359  -1.138  1.00 34.09  ? 14  LEU A O   1 
ATOM   115  C  CB  . LEU A 1 14  ? 3.692   15.165  -3.206  1.00 29.06  ? 14  LEU A CB  1 
ATOM   116  C  CG  . LEU A 1 14  ? 5.064   14.635  -3.704  1.00 31.33  ? 14  LEU A CG  1 
ATOM   117  C  CD1 . LEU A 1 14  ? 5.974   15.828  -3.956  1.00 25.12  ? 14  LEU A CD1 1 
ATOM   118  C  CD2 . LEU A 1 14  ? 5.714   13.569  -2.781  1.00 26.83  ? 14  LEU A CD2 1 
ATOM   119  N  N   . ARG A 1 15  ? 0.274   14.604  -2.822  1.00 31.38  ? 15  ARG A N   1 
ATOM   120  C  CA  . ARG A 1 15  ? -1.002  15.239  -2.464  1.00 32.74  ? 15  ARG A CA  1 
ATOM   121  C  C   . ARG A 1 15  ? -1.678  14.541  -1.316  1.00 28.61  ? 15  ARG A C   1 
ATOM   122  O  O   . ARG A 1 15  ? -1.475  13.358  -1.143  1.00 28.02  ? 15  ARG A O   1 
ATOM   123  C  CB  . ARG A 1 15  ? -1.971  15.076  -3.650  1.00 31.56  ? 15  ARG A CB  1 
ATOM   124  C  CG  . ARG A 1 15  ? -1.650  15.943  -4.834  1.00 31.15  ? 15  ARG A CG  1 
ATOM   125  C  CD  . ARG A 1 15  ? -2.784  15.907  -5.864  1.00 34.37  ? 15  ARG A CD  1 
ATOM   126  N  NE  . ARG A 1 15  ? -2.867  14.660  -6.616  1.00 31.49  ? 15  ARG A NE  1 
ATOM   127  C  CZ  . ARG A 1 15  ? -3.329  14.585  -7.864  1.00 33.67  ? 15  ARG A CZ  1 
ATOM   128  N  NH1 . ARG A 1 15  ? -3.735  15.696  -8.483  1.00 32.96  ? 15  ARG A NH1 1 
ATOM   129  N  NH2 . ARG A 1 15  ? -3.349  13.413  -8.515  1.00 29.32  ? 15  ARG A NH2 1 
ATOM   130  N  N   . VAL A 1 16  ? -2.513  15.260  -0.566  1.00 28.76  ? 16  VAL A N   1 
ATOM   131  C  CA  . VAL A 1 16  ? -3.514  14.650  0.311   1.00 27.52  ? 16  VAL A CA  1 
ATOM   132  C  C   . VAL A 1 16  ? -4.786  14.323  -0.537  1.00 27.75  ? 16  VAL A C   1 
ATOM   133  O  O   . VAL A 1 16  ? -5.448  15.214  -1.081  1.00 29.41  ? 16  VAL A O   1 
ATOM   134  C  CB  . VAL A 1 16  ? -3.800  15.576  1.511   1.00 31.72  ? 16  VAL A CB  1 
ATOM   135  C  CG1 . VAL A 1 16  ? -4.766  14.930  2.498   1.00 29.92  ? 16  VAL A CG1 1 
ATOM   136  C  CG2 . VAL A 1 16  ? -2.480  15.799  2.248   1.00 30.90  ? 16  VAL A CG2 1 
ATOM   137  N  N   . ALA A 1 17  ? -5.080  13.038  -0.706  1.00 24.20  ? 17  ALA A N   1 
ATOM   138  C  CA  . ALA A 1 17  ? -6.239  12.578  -1.475  1.00 25.03  ? 17  ALA A CA  1 
ATOM   139  C  C   . ALA A 1 17  ? -7.615  12.796  -0.756  1.00 25.42  ? 17  ALA A C   1 
ATOM   140  O  O   . ALA A 1 17  ? -7.741  12.550  0.447   1.00 25.28  ? 17  ALA A O   1 
ATOM   141  C  CB  . ALA A 1 17  ? -6.065  11.123  -1.884  1.00 21.84  ? 17  ALA A CB  1 
ATOM   142  N  N   . PRO A 1 18  ? -8.659  13.255  -1.507  1.00 26.29  ? 18  PRO A N   1 
ATOM   143  C  CA  . PRO A 1 18  ? -9.992  13.373  -0.900  1.00 25.71  ? 18  PRO A CA  1 
ATOM   144  C  C   . PRO A 1 18  ? -10.664 12.014  -0.821  1.00 26.77  ? 18  PRO A C   1 
ATOM   145  O  O   . PRO A 1 18  ? -10.149 10.996  -1.343  1.00 29.27  ? 18  PRO A O   1 
ATOM   146  C  CB  . PRO A 1 18  ? -10.728 14.357  -1.829  1.00 24.24  ? 18  PRO A CB  1 
ATOM   147  C  CG  . PRO A 1 18  ? -10.130 14.044  -3.152  1.00 26.77  ? 18  PRO A CG  1 
ATOM   148  C  CD  . PRO A 1 18  ? -8.644  13.827  -2.860  1.00 27.34  ? 18  PRO A CD  1 
ATOM   149  N  N   . GLN A 1 19  ? -11.755 11.985  -0.073  1.00 28.88  ? 19  GLN A N   1 
ATOM   150  C  CA  . GLN A 1 19  ? -12.519 10.789  0.181   1.00 29.11  ? 19  GLN A CA  1 
ATOM   151  C  C   . GLN A 1 19  ? -13.171 10.275  -1.069  1.00 27.08  ? 19  GLN A C   1 
ATOM   152  O  O   . GLN A 1 19  ? -13.383 11.004  -2.057  1.00 22.09  ? 19  GLN A O   1 
ATOM   153  C  CB  . GLN A 1 19  ? -13.612 11.108  1.165   1.00 35.15  ? 19  GLN A CB  1 
ATOM   154  C  CG  . GLN A 1 19  ? -13.173 11.071  2.608   1.00 45.33  ? 19  GLN A CG  1 
ATOM   155  C  CD  . GLN A 1 19  ? -14.360 11.188  3.575   1.00 53.23  ? 19  GLN A CD  1 
ATOM   156  O  OE1 . GLN A 1 19  ? -15.285 11.984  3.340   1.00 50.88  ? 19  GLN A OE1 1 
ATOM   157  N  NE2 . GLN A 1 19  ? -14.347 10.383  4.658   1.00 46.27  ? 19  GLN A NE2 1 
ATOM   158  N  N   . VAL A 1 20  ? -13.493 8.992   -1.016  1.00 25.34  ? 20  VAL A N   1 
ATOM   159  C  CA  . VAL A 1 20  ? -14.239 8.404   -2.082  1.00 25.84  ? 20  VAL A CA  1 
ATOM   160  C  C   . VAL A 1 20  ? -15.721 8.670   -1.724  1.00 28.28  ? 20  VAL A C   1 
ATOM   161  O  O   . VAL A 1 20  ? -16.185 8.390   -0.573  1.00 24.29  ? 20  VAL A O   1 
ATOM   162  C  CB  . VAL A 1 20  ? -13.964 6.898   -2.156  1.00 25.64  ? 20  VAL A CB  1 
ATOM   163  C  CG1 . VAL A 1 20  ? -15.012 6.213   -3.040  1.00 22.01  ? 20  VAL A CG1 1 
ATOM   164  C  CG2 . VAL A 1 20  ? -12.539 6.639   -2.623  1.00 23.49  ? 20  VAL A CG2 1 
ATOM   165  N  N   . THR A 1 21  ? -16.464 9.181   -2.694  1.00 28.53  ? 21  THR A N   1 
ATOM   166  C  CA  . THR A 1 21  ? -17.892 9.418   -2.473  1.00 31.92  ? 21  THR A CA  1 
ATOM   167  C  C   . THR A 1 21  ? -18.802 8.674   -3.426  1.00 30.51  ? 21  THR A C   1 
ATOM   168  O  O   . THR A 1 21  ? -20.006 8.909   -3.416  1.00 34.56  ? 21  THR A O   1 
ATOM   169  C  CB  . THR A 1 21  ? -18.258 10.915  -2.549  1.00 29.91  ? 21  THR A CB  1 
ATOM   170  O  OG1 . THR A 1 21  ? -17.886 11.397  -3.813  1.00 32.18  ? 21  THR A OG1 1 
ATOM   171  C  CG2 . THR A 1 21  ? -17.496 11.707  -1.502  1.00 32.18  ? 21  THR A CG2 1 
ATOM   172  N  N   . ASN A 1 22  ? -18.251 7.771   -4.225  1.00 27.73  ? 22  ASN A N   1 
ATOM   173  C  CA  . ASN A 1 22  ? -19.062 7.010   -5.143  1.00 25.60  ? 22  ASN A CA  1 
ATOM   174  C  C   . ASN A 1 22  ? -19.118 5.508   -4.850  1.00 23.05  ? 22  ASN A C   1 
ATOM   175  O  O   . ASN A 1 22  ? -19.145 4.688   -5.772  1.00 27.25  ? 22  ASN A O   1 
ATOM   176  C  CB  . ASN A 1 22  ? -18.717 7.329   -6.617  1.00 25.51  ? 22  ASN A CB  1 
ATOM   177  C  CG  . ASN A 1 22  ? -17.246 7.006   -7.002  1.00 31.29  ? 22  ASN A CG  1 
ATOM   178  O  OD1 . ASN A 1 22  ? -16.856 7.187   -8.177  1.00 31.72  ? 22  ASN A OD1 1 
ATOM   179  N  ND2 . ASN A 1 22  ? -16.446 6.516   -6.058  1.00 24.64  ? 22  ASN A ND2 1 
ATOM   180  N  N   . LEU A 1 23  ? -19.126 5.151   -3.587  1.00 20.20  ? 23  LEU A N   1 
ATOM   181  C  CA  . LEU A 1 23  ? -19.339 3.750   -3.170  1.00 22.00  ? 23  LEU A CA  1 
ATOM   182  C  C   . LEU A 1 23  ? -20.540 3.133   -3.833  1.00 24.26  ? 23  LEU A C   1 
ATOM   183  O  O   . LEU A 1 23  ? -21.623 3.737   -3.850  1.00 26.75  ? 23  LEU A O   1 
ATOM   184  C  CB  . LEU A 1 23  ? -19.530 3.601   -1.604  1.00 21.03  ? 23  LEU A CB  1 
ATOM   185  C  CG  . LEU A 1 23  ? -18.374 4.158   -0.751  1.00 23.17  ? 23  LEU A CG  1 
ATOM   186  C  CD1 . LEU A 1 23  ? -18.775 4.348   0.730   1.00 17.79  ? 23  LEU A CD1 1 
ATOM   187  C  CD2 . LEU A 1 23  ? -17.073 3.325   -0.936  1.00 20.01  ? 23  LEU A CD2 1 
ATOM   188  N  N   . GLY A 1 24  ? -20.369 1.905   -4.363  1.00 25.65  ? 24  GLY A N   1 
ATOM   189  C  CA  . GLY A 1 24  ? -21.453 1.090   -4.874  1.00 19.61  ? 24  GLY A CA  1 
ATOM   190  C  C   . GLY A 1 24  ? -21.721 1.411   -6.314  1.00 21.78  ? 24  GLY A C   1 
ATOM   191  O  O   . GLY A 1 24  ? -22.584 0.818   -6.928  1.00 26.24  ? 24  GLY A O   1 
ATOM   192  N  N   . SER A 1 25  ? -20.966 2.314   -6.895  1.00 22.08  ? 25  SER A N   1 
ATOM   193  C  CA  . SER A 1 25  ? -21.205 2.688   -8.253  1.00 23.25  ? 25  SER A CA  1 
ATOM   194  C  C   . SER A 1 25  ? -20.359 1.915   -9.269  1.00 26.17  ? 25  SER A C   1 
ATOM   195  O  O   . SER A 1 25  ? -19.328 1.306   -8.897  1.00 25.71  ? 25  SER A O   1 
ATOM   196  C  CB  . SER A 1 25  ? -20.857 4.157   -8.370  1.00 22.53  ? 25  SER A CB  1 
ATOM   197  O  OG  . SER A 1 25  ? -19.459 4.316   -8.487  1.00 23.19  ? 25  SER A OG  1 
ATOM   198  N  N   . ALA A 1 26  ? -20.753 2.020   -10.548 1.00 22.84  ? 26  ALA A N   1 
ATOM   199  C  CA  . ALA A 1 26  ? -20.082 1.360   -11.663 1.00 26.40  ? 26  ALA A CA  1 
ATOM   200  C  C   . ALA A 1 26  ? -18.674 1.909   -11.915 1.00 26.07  ? 26  ALA A C   1 
ATOM   201  O  O   . ALA A 1 26  ? -17.812 1.149   -12.323 1.00 25.30  ? 26  ALA A O   1 
ATOM   202  C  CB  . ALA A 1 26  ? -20.913 1.417   -12.980 1.00 21.08  ? 26  ALA A CB  1 
ATOM   203  N  N   . GLU A 1 27  ? -18.508 3.220   -11.769 1.00 26.69  ? 27  GLU A N   1 
ATOM   204  C  CA  . GLU A 1 27  ? -17.270 3.963   -11.955 1.00 26.97  ? 27  GLU A CA  1 
ATOM   205  C  C   . GLU A 1 27  ? -16.219 3.529   -10.893 1.00 30.52  ? 27  GLU A C   1 
ATOM   206  O  O   . GLU A 1 27  ? -15.054 3.278   -11.212 1.00 33.30  ? 27  GLU A O   1 
ATOM   207  C  CB  . GLU A 1 27  ? -17.565 5.430   -11.774 1.00 32.03  ? 27  GLU A CB  1 
ATOM   208  C  CG  . GLU A 1 27  ? -17.107 6.406   -12.839 1.00 43.62  ? 27  GLU A CG  1 
ATOM   209  C  CD  . GLU A 1 27  ? -16.795 7.843   -12.274 1.00 56.15  ? 27  GLU A CD  1 
ATOM   210  O  OE1 . GLU A 1 27  ? -17.667 8.519   -11.633 1.00 57.68  ? 27  GLU A OE1 1 
ATOM   211  O  OE2 . GLU A 1 27  ? -15.656 8.338   -12.476 1.00 50.09  ? 27  GLU A OE2 1 
ATOM   212  N  N   . LEU A 1 28  ? -16.622 3.414   -9.637  1.00 28.15  ? 28  LEU A N   1 
ATOM   213  C  CA  . LEU A 1 28  ? -15.698 2.956   -8.619  1.00 28.33  ? 28  LEU A CA  1 
ATOM   214  C  C   . LEU A 1 28  ? -15.292 1.496   -8.885  1.00 29.01  ? 28  LEU A C   1 
ATOM   215  O  O   . LEU A 1 28  ? -14.099 1.142   -8.750  1.00 29.10  ? 28  LEU A O   1 
ATOM   216  C  CB  . LEU A 1 28  ? -16.288 3.086   -7.218  1.00 25.21  ? 28  LEU A CB  1 
ATOM   217  C  CG  . LEU A 1 28  ? -15.407 2.620   -6.055  1.00 25.35  ? 28  LEU A CG  1 
ATOM   218  C  CD1 . LEU A 1 28  ? -14.192 3.564   -6.017  1.00 24.23  ? 28  LEU A CD1 1 
ATOM   219  C  CD2 . LEU A 1 28  ? -16.192 2.622   -4.742  1.00 22.16  ? 28  LEU A CD2 1 
ATOM   220  N  N   . HIS A 1 29  ? -16.276 0.654   -9.209  1.00 27.87  ? 29  HIS A N   1 
ATOM   221  C  CA  . HIS A 1 29  ? -16.005 -0.761  -9.524  1.00 31.05  ? 29  HIS A CA  1 
ATOM   222  C  C   . HIS A 1 29  ? -14.951 -0.889  -10.634 1.00 27.53  ? 29  HIS A C   1 
ATOM   223  O  O   . HIS A 1 29  ? -14.004 -1.608  -10.438 1.00 24.92  ? 29  HIS A O   1 
ATOM   224  C  CB  . HIS A 1 29  ? -17.273 -1.613  -9.743  1.00 34.46  ? 29  HIS A CB  1 
ATOM   225  C  CG  . HIS A 1 29  ? -17.936 -2.008  -8.448  1.00 46.81  ? 29  HIS A CG  1 
ATOM   226  N  ND1 . HIS A 1 29  ? -18.937 -1.258  -7.852  1.00 56.11  ? 29  HIS A ND1 1 
ATOM   227  C  CD2 . HIS A 1 29  ? -17.708 -3.051  -7.602  1.00 52.69  ? 29  HIS A CD2 1 
ATOM   228  C  CE1 . HIS A 1 29  ? -19.324 -1.840  -6.723  1.00 47.48  ? 29  HIS A CE1 1 
ATOM   229  N  NE2 . HIS A 1 29  ? -18.599 -2.933  -6.552  1.00 46.36  ? 29  HIS A NE2 1 
ATOM   230  N  N   . ALA A 1 30  ? -15.065 -0.098  -11.705 1.00 25.68  ? 30  ALA A N   1 
ATOM   231  C  CA  . ALA A 1 30  ? -14.177 -0.181  -12.832 1.00 26.35  ? 30  ALA A CA  1 
ATOM   232  C  C   . ALA A 1 30  ? -12.796 0.298   -12.440 1.00 27.32  ? 30  ALA A C   1 
ATOM   233  O  O   . ALA A 1 30  ? -11.815 -0.344  -12.803 1.00 29.38  ? 30  ALA A O   1 
ATOM   234  C  CB  . ALA A 1 30  ? -14.694 0.552   -14.059 1.00 20.79  ? 30  ALA A CB  1 
ATOM   235  N  N   . LEU A 1 31  ? -12.725 1.407   -11.696 1.00 27.79  ? 31  LEU A N   1 
ATOM   236  C  CA  . LEU A 1 31  ? -11.472 1.873   -11.137 1.00 25.18  ? 31  LEU A CA  1 
ATOM   237  C  C   . LEU A 1 31  ? -10.769 0.799   -10.237 1.00 25.62  ? 31  LEU A C   1 
ATOM   238  O  O   . LEU A 1 31  ? -9.572  0.542   -10.400 1.00 27.23  ? 31  LEU A O   1 
ATOM   239  C  CB  . LEU A 1 31  ? -11.654 3.163   -10.412 1.00 24.75  ? 31  LEU A CB  1 
ATOM   240  C  CG  . LEU A 1 31  ? -10.412 3.556   -9.570  1.00 24.58  ? 31  LEU A CG  1 
ATOM   241  C  CD1 . LEU A 1 31  ? -9.215  3.817   -10.509 1.00 24.26  ? 31  LEU A CD1 1 
ATOM   242  C  CD2 . LEU A 1 31  ? -10.771 4.814   -8.791  1.00 19.74  ? 31  LEU A CD2 1 
ATOM   243  N  N   . VAL A 1 32  ? -11.524 0.151   -9.365  1.00 22.64  ? 32  VAL A N   1 
ATOM   244  C  CA  . VAL A 1 32  ? -11.001 -0.838  -8.434  1.00 23.27  ? 32  VAL A CA  1 
ATOM   245  C  C   . VAL A 1 32  ? -10.481 -2.044  -9.201  1.00 25.36  ? 32  VAL A C   1 
ATOM   246  O  O   . VAL A 1 32  ? -9.490  -2.658  -8.809  1.00 29.43  ? 32  VAL A O   1 
ATOM   247  C  CB  . VAL A 1 32  ? -12.116 -1.304  -7.441  1.00 20.95  ? 32  VAL A CB  1 
ATOM   248  C  CG1 . VAL A 1 32  ? -11.833 -2.689  -6.807  1.00 17.13  ? 32  VAL A CG1 1 
ATOM   249  C  CG2 . VAL A 1 32  ? -12.305 -0.254  -6.374  1.00 18.46  ? 32  VAL A CG2 1 
ATOM   250  N  N   . SER A 1 33  ? -11.180 -2.383  -10.269 1.00 24.00  ? 33  SER A N   1 
ATOM   251  C  CA  . SER A 1 33  ? -10.846 -3.468  -11.197 1.00 24.73  ? 33  SER A CA  1 
ATOM   252  C  C   . SER A 1 33  ? -9.537  -3.207  -12.000 1.00 22.74  ? 33  SER A C   1 
ATOM   253  O  O   . SER A 1 33  ? -8.700  -4.084  -12.151 1.00 19.19  ? 33  SER A O   1 
ATOM   254  C  CB  . SER A 1 33  ? -11.987 -3.596  -12.180 1.00 26.42  ? 33  SER A CB  1 
ATOM   255  O  OG  . SER A 1 33  ? -11.940 -4.859  -12.756 1.00 35.87  ? 33  SER A OG  1 
ATOM   256  N  N   . ASP A 1 34  ? -9.419  -2.003  -12.551 1.00 21.97  ? 34  ASP A N   1 
ATOM   257  C  CA  . ASP A 1 34  ? -8.179  -1.479  -13.037 1.00 22.39  ? 34  ASP A CA  1 
ATOM   258  C  C   . ASP A 1 34  ? -7.008  -1.586  -11.994 1.00 25.77  ? 34  ASP A C   1 
ATOM   259  O  O   . ASP A 1 34  ? -5.904  -2.038  -12.355 1.00 26.36  ? 34  ASP A O   1 
ATOM   260  C  CB  . ASP A 1 34  ? -8.385  -0.044  -13.464 1.00 22.94  ? 34  ASP A CB  1 
ATOM   261  C  CG  . ASP A 1 34  ? -9.155  0.061   -14.815 1.00 28.67  ? 34  ASP A CG  1 
ATOM   262  O  OD1 . ASP A 1 34  ? -9.602  -0.984  -15.373 1.00 23.70  ? 34  ASP A OD1 1 
ATOM   263  O  OD2 . ASP A 1 34  ? -9.250  1.197   -15.314 1.00 27.44  ? 34  ASP A OD2 1 
ATOM   264  N  N   . MET A 1 35  ? -7.248  -1.182  -10.736 1.00 22.52  ? 35  MET A N   1 
ATOM   265  C  CA  . MET A 1 35  ? -6.215  -1.215  -9.688  1.00 22.91  ? 35  MET A CA  1 
ATOM   266  C  C   . MET A 1 35  ? -5.771  -2.657  -9.381  1.00 22.99  ? 35  MET A C   1 
ATOM   267  O  O   . MET A 1 35  ? -4.591  -2.914  -9.357  1.00 24.26  ? 35  MET A O   1 
ATOM   268  C  CB  . MET A 1 35  ? -6.693  -0.531  -8.436  1.00 20.49  ? 35  MET A CB  1 
ATOM   269  C  CG  . MET A 1 35  ? -6.815  0.950   -8.688  1.00 20.56  ? 35  MET A CG  1 
ATOM   270  S  SD  . MET A 1 35  ? -7.365  1.844   -7.234  1.00 23.36  ? 35  MET A SD  1 
ATOM   271  C  CE  . MET A 1 35  ? -5.966  1.665   -6.092  1.00 19.30  ? 35  MET A CE  1 
ATOM   272  N  N   . PHE A 1 36  ? -6.683  -3.589  -9.200  1.00 22.31  ? 36  PHE A N   1 
ATOM   273  C  CA  . PHE A 1 36  ? -6.260  -4.980  -9.006  1.00 25.16  ? 36  PHE A CA  1 
ATOM   274  C  C   . PHE A 1 36  ? -5.448  -5.496  -10.243 1.00 29.66  ? 36  PHE A C   1 
ATOM   275  O  O   . PHE A 1 36  ? -4.377  -6.090  -10.103 1.00 24.27  ? 36  PHE A O   1 
ATOM   276  C  CB  . PHE A 1 36  ? -7.472  -5.879  -8.804  1.00 23.70  ? 36  PHE A CB  1 
ATOM   277  C  CG  . PHE A 1 36  ? -7.977  -5.901  -7.384  1.00 24.06  ? 36  PHE A CG  1 
ATOM   278  C  CD1 . PHE A 1 36  ? -7.143  -6.348  -6.334  1.00 20.36  ? 36  PHE A CD1 1 
ATOM   279  C  CD2 . PHE A 1 36  ? -9.314  -5.499  -7.096  1.00 19.16  ? 36  PHE A CD2 1 
ATOM   280  C  CE1 . PHE A 1 36  ? -7.618  -6.402  -5.019  1.00 18.82  ? 36  PHE A CE1 1 
ATOM   281  C  CE2 . PHE A 1 36  ? -9.770  -5.578  -5.812  1.00 17.46  ? 36  PHE A CE2 1 
ATOM   282  C  CZ  . PHE A 1 36  ? -8.930  -6.015  -4.769  1.00 19.61  ? 36  PHE A CZ  1 
ATOM   283  N  N   . GLU A 1 37  ? -5.959  -5.217  -11.445 1.00 27.52  ? 37  GLU A N   1 
ATOM   284  C  CA  . GLU A 1 37  ? -5.265  -5.586  -12.650 1.00 28.95  ? 37  GLU A CA  1 
ATOM   285  C  C   . GLU A 1 37  ? -3.842  -4.995  -12.731 1.00 29.48  ? 37  GLU A C   1 
ATOM   286  O  O   . GLU A 1 37  ? -2.885  -5.707  -13.059 1.00 28.65  ? 37  GLU A O   1 
ATOM   287  C  CB  . GLU A 1 37  ? -6.084  -5.201  -13.896 1.00 27.27  ? 37  GLU A CB  1 
ATOM   288  C  CG  . GLU A 1 37  ? -5.634  -5.973  -15.089 1.00 30.57  ? 37  GLU A CG  1 
ATOM   289  C  CD  . GLU A 1 37  ? -6.424  -5.713  -16.358 1.00 37.50  ? 37  GLU A CD  1 
ATOM   290  O  OE1 . GLU A 1 37  ? -7.329  -4.832  -16.367 1.00 31.50  ? 37  GLU A OE1 1 
ATOM   291  O  OE2 . GLU A 1 37  ? -6.103  -6.426  -17.354 1.00 37.61  ? 37  GLU A OE2 1 
ATOM   292  N  N   . THR A 1 38  ? -3.723  -3.692  -12.459 1.00 27.74  ? 38  THR A N   1 
ATOM   293  C  CA  . THR A 1 38  ? -2.458  -3.008  -12.445 1.00 24.29  ? 38  THR A CA  1 
ATOM   294  C  C   . THR A 1 38  ? -1.549  -3.528  -11.340 1.00 25.56  ? 38  THR A C   1 
ATOM   295  O  O   . THR A 1 38  ? -0.377  -3.687  -11.531 1.00 25.08  ? 38  THR A O   1 
ATOM   296  C  CB  . THR A 1 38  ? -2.645  -1.500  -12.285 1.00 26.26  ? 38  THR A CB  1 
ATOM   297  O  OG1 . THR A 1 38  ? -3.529  -1.038  -13.326 1.00 25.83  ? 38  THR A OG1 1 
ATOM   298  C  CG2 . THR A 1 38  ? -1.260  -0.768  -12.428 1.00 23.59  ? 38  THR A CG2 1 
ATOM   299  N  N   . MET A 1 39  ? -2.091  -3.797  -10.177 1.00 24.81  ? 39  MET A N   1 
ATOM   300  C  CA  . MET A 1 39  ? -1.272  -4.262  -9.091  1.00 25.08  ? 39  MET A CA  1 
ATOM   301  C  C   . MET A 1 39  ? -0.656  -5.591  -9.509  1.00 27.27  ? 39  MET A C   1 
ATOM   302  O  O   . MET A 1 39  ? 0.546   -5.862  -9.221  1.00 25.06  ? 39  MET A O   1 
ATOM   303  C  CB  . MET A 1 39  ? -2.079  -4.486  -7.815  1.00 21.74  ? 39  MET A CB  1 
ATOM   304  C  CG  . MET A 1 39  ? -1.194  -4.892  -6.644  1.00 22.21  ? 39  MET A CG  1 
ATOM   305  S  SD  . MET A 1 39  ? -2.117  -4.981  -5.120  1.00 24.51  ? 39  MET A SD  1 
ATOM   306  C  CE  . MET A 1 39  ? -2.710  -6.679  -5.089  1.00 18.21  ? 39  MET A CE  1 
ATOM   307  N  N   . GLY A 1 40  ? -1.488  -6.387  -10.168 1.00 23.03  ? 40  GLY A N   1 
ATOM   308  C  CA  . GLY A 1 40  ? -1.196  -7.786  -10.498 1.00 26.22  ? 40  GLY A CA  1 
ATOM   309  C  C   . GLY A 1 40  ? -0.138  -7.897  -11.570 1.00 27.00  ? 40  GLY A C   1 
ATOM   310  O  O   . GLY A 1 40  ? 0.775   -8.692  -11.412 1.00 27.55  ? 40  GLY A O   1 
ATOM   311  N  N   . ALA A 1 41  ? -0.245  -7.087  -12.641 1.00 24.51  ? 41  ALA A N   1 
ATOM   312  C  CA  . ALA A 1 41  ? 0.758   -7.094  -13.724 1.00 24.69  ? 41  ALA A CA  1 
ATOM   313  C  C   . ALA A 1 41  ? 2.133   -6.578  -13.286 1.00 26.37  ? 41  ALA A C   1 
ATOM   314  O  O   . ALA A 1 41  ? 3.161   -6.875  -13.924 1.00 24.00  ? 41  ALA A O   1 
ATOM   315  C  CB  . ALA A 1 41  ? 0.291   -6.272  -14.908 1.00 21.32  ? 41  ALA A CB  1 
ATOM   316  N  N   . ALA A 1 42  ? 2.159   -5.763  -12.231 1.00 27.28  ? 42  ALA A N   1 
ATOM   317  C  CA  . ALA A 1 42  ? 3.436   -5.219  -11.755 1.00 28.13  ? 42  ALA A CA  1 
ATOM   318  C  C   . ALA A 1 42  ? 3.931   -6.043  -10.568 1.00 26.98  ? 42  ALA A C   1 
ATOM   319  O  O   . ALA A 1 42  ? 4.916   -5.693  -9.990  1.00 31.43  ? 42  ALA A O   1 
ATOM   320  C  CB  . ALA A 1 42  ? 3.306   -3.745  -11.405 1.00 25.47  ? 42  ALA A CB  1 
ATOM   321  N  N   . HIS A 1 43  ? 3.226   -7.125  -10.209 1.00 24.74  ? 43  HIS A N   1 
ATOM   322  C  CA  . HIS A 1 43  ? 3.571   -7.980  -9.069  1.00 25.15  ? 43  HIS A CA  1 
ATOM   323  C  C   . HIS A 1 43  ? 3.585   -7.270  -7.730  1.00 26.23  ? 43  HIS A C   1 
ATOM   324  O  O   . HIS A 1 43  ? 4.388   -7.639  -6.852  1.00 26.33  ? 43  HIS A O   1 
ATOM   325  C  CB  . HIS A 1 43  ? 4.890   -8.769  -9.288  1.00 25.60  ? 43  HIS A CB  1 
ATOM   326  C  CG  . HIS A 1 43  ? 4.809   -9.676  -10.467 1.00 30.01  ? 43  HIS A CG  1 
ATOM   327  N  ND1 . HIS A 1 43  ? 4.532   -11.021 -10.336 1.00 34.52  ? 43  HIS A ND1 1 
ATOM   328  C  CD2 . HIS A 1 43  ? 4.746   -9.402  -11.796 1.00 28.12  ? 43  HIS A CD2 1 
ATOM   329  C  CE1 . HIS A 1 43  ? 4.395   -11.549 -11.541 1.00 37.07  ? 43  HIS A CE1 1 
ATOM   330  N  NE2 . HIS A 1 43  ? 4.537   -10.590 -12.444 1.00 29.50  ? 43  HIS A NE2 1 
ATOM   331  N  N   . GLY A 1 44  ? 2.689   -6.297  -7.554  1.00 24.03  ? 44  GLY A N   1 
ATOM   332  C  CA  . GLY A 1 44  ? 2.549   -5.542  -6.265  1.00 21.80  ? 44  GLY A CA  1 
ATOM   333  C  C   . GLY A 1 44  ? 1.907   -6.382  -5.196  1.00 22.17  ? 44  GLY A C   1 
ATOM   334  O  O   . GLY A 1 44  ? 1.180   -7.314  -5.532  1.00 25.94  ? 44  GLY A O   1 
ATOM   335  N  N   . VAL A 1 45  ? 2.155   -6.085  -3.916  1.00 20.77  ? 45  VAL A N   1 
ATOM   336  C  CA  . VAL A 1 45  ? 1.285   -6.588  -2.857  1.00 22.69  ? 45  VAL A CA  1 
ATOM   337  C  C   . VAL A 1 45  ? 0.227   -5.550  -2.365  1.00 22.70  ? 45  VAL A C   1 
ATOM   338  O  O   . VAL A 1 45  ? -0.743  -5.895  -1.710  1.00 23.47  ? 45  VAL A O   1 
ATOM   339  C  CB  . VAL A 1 45  ? 2.100   -7.147  -1.667  1.00 24.19  ? 45  VAL A CB  1 
ATOM   340  C  CG1 . VAL A 1 45  ? 3.067   -8.232  -2.174  1.00 22.49  ? 45  VAL A CG1 1 
ATOM   341  C  CG2 . VAL A 1 45  ? 2.868   -6.022  -0.987  1.00 23.19  ? 45  VAL A CG2 1 
ATOM   342  N  N   . GLY A 1 46  ? 0.419   -4.283  -2.689  1.00 24.20  ? 46  GLY A N   1 
ATOM   343  C  CA  . GLY A 1 46  ? -0.581  -3.226  -2.385  1.00 23.66  ? 46  GLY A CA  1 
ATOM   344  C  C   . GLY A 1 46  ? -0.457  -2.217  -3.492  1.00 24.25  ? 46  GLY A C   1 
ATOM   345  O  O   . GLY A 1 46  ? 0.605   -2.133  -4.123  1.00 25.85  ? 46  GLY A O   1 
ATOM   346  N  N   . LEU A 1 47  ? -1.514  -1.481  -3.782  1.00 25.31  ? 47  LEU A N   1 
ATOM   347  C  CA  . LEU A 1 47  ? -1.410  -0.357  -4.732  1.00 25.42  ? 47  LEU A CA  1 
ATOM   348  C  C   . LEU A 1 47  ? -2.401  0.734   -4.327  1.00 25.24  ? 47  LEU A C   1 
ATOM   349  O  O   . LEU A 1 47  ? -3.528  0.437   -4.013  1.00 27.48  ? 47  LEU A O   1 
ATOM   350  C  CB  . LEU A 1 47  ? -1.737  -0.846  -6.149  1.00 23.14  ? 47  LEU A CB  1 
ATOM   351  C  CG  . LEU A 1 47  ? -1.737  0.238   -7.209  1.00 22.76  ? 47  LEU A CG  1 
ATOM   352  C  CD1 . LEU A 1 47  ? -0.287  0.577   -7.621  1.00 23.04  ? 47  LEU A CD1 1 
ATOM   353  C  CD2 . LEU A 1 47  ? -2.557  -0.318  -8.387  1.00 20.94  ? 47  LEU A CD2 1 
ATOM   354  N  N   . ALA A 1 48  ? -1.952  1.976   -4.244  1.00 25.02  ? 48  ALA A N   1 
ATOM   355  C  CA  . ALA A 1 48  ? -2.799  3.045   -3.770  1.00 23.49  ? 48  ALA A CA  1 
ATOM   356  C  C   . ALA A 1 48  ? -3.182  3.863   -4.969  1.00 22.87  ? 48  ALA A C   1 
ATOM   357  O  O   . ALA A 1 48  ? -2.368  4.053   -5.895  1.00 22.27  ? 48  ALA A O   1 
ATOM   358  C  CB  . ALA A 1 48  ? -2.050  3.909   -2.743  1.00 21.44  ? 48  ALA A CB  1 
ATOM   359  N  N   . ALA A 1 49  ? -4.400  4.384   -4.980  1.00 21.79  ? 49  ALA A N   1 
ATOM   360  C  CA  . ALA A 1 49  ? -4.876  5.055   -6.233  1.00 19.29  ? 49  ALA A CA  1 
ATOM   361  C  C   . ALA A 1 49  ? -3.978  6.196   -6.664  1.00 18.13  ? 49  ALA A C   1 
ATOM   362  O  O   . ALA A 1 49  ? -3.847  6.486   -7.854  1.00 19.65  ? 49  ALA A O   1 
ATOM   363  C  CB  . ALA A 1 49  ? -6.313  5.557   -6.069  1.00 18.02  ? 49  ALA A CB  1 
ATOM   364  N  N   . PRO A 1 50  ? -3.398  6.934   -5.713  1.00 18.67  ? 50  PRO A N   1 
ATOM   365  C  CA  . PRO A 1 50  ? -2.546  8.008   -6.289  1.00 20.09  ? 50  PRO A CA  1 
ATOM   366  C  C   . PRO A 1 50  ? -1.340  7.490   -7.079  1.00 22.32  ? 50  PRO A C   1 
ATOM   367  O  O   . PRO A 1 50  ? -0.800  8.246   -7.908  1.00 24.40  ? 50  PRO A O   1 
ATOM   368  C  CB  . PRO A 1 50  ? -2.101  8.813   -5.083  1.00 18.51  ? 50  PRO A CB  1 
ATOM   369  C  CG  . PRO A 1 50  ? -3.084  8.489   -4.041  1.00 18.60  ? 50  PRO A CG  1 
ATOM   370  C  CD  . PRO A 1 50  ? -3.655  7.129   -4.289  1.00 17.87  ? 50  PRO A CD  1 
ATOM   371  N  N   . GLN A 1 51  ? -0.958  6.205   -6.897  1.00 21.30  ? 51  GLN A N   1 
ATOM   372  C  CA  . GLN A 1 51  ? 0.151   5.668   -7.689  1.00 22.06  ? 51  GLN A CA  1 
ATOM   373  C  C   . GLN A 1 51  ? -0.244  5.503   -9.143  1.00 24.94  ? 51  GLN A C   1 
ATOM   374  O  O   . GLN A 1 51  ? 0.671   5.301   -10.020 1.00 25.46  ? 51  GLN A O   1 
ATOM   375  C  CB  . GLN A 1 51  ? 0.692   4.342   -7.153  1.00 20.08  ? 51  GLN A CB  1 
ATOM   376  C  CG  . GLN A 1 51  ? 1.083   4.388   -5.677  1.00 18.42  ? 51  GLN A CG  1 
ATOM   377  C  CD  . GLN A 1 51  ? 1.629   3.064   -5.294  1.00 20.81  ? 51  GLN A CD  1 
ATOM   378  O  OE1 . GLN A 1 51  ? 0.949   2.314   -4.602  1.00 20.34  ? 51  GLN A OE1 1 
ATOM   379  N  NE2 . GLN A 1 51  ? 2.861   2.704   -5.832  1.00 19.84  ? 51  GLN A NE2 1 
ATOM   380  N  N   . ILE A 1 52  ? -1.568  5.518   -9.401  1.00 20.56  ? 52  ILE A N   1 
ATOM   381  C  CA  . ILE A 1 52  ? -2.030  5.604   -10.755 1.00 21.71  ? 52  ILE A CA  1 
ATOM   382  C  C   . ILE A 1 52  ? -2.529  7.001   -11.116 1.00 24.59  ? 52  ILE A C   1 
ATOM   383  O  O   . ILE A 1 52  ? -3.260  7.147   -12.059 1.00 27.92  ? 52  ILE A O   1 
ATOM   384  C  CB  . ILE A 1 52  ? -3.015  4.481   -11.172 1.00 23.01  ? 52  ILE A CB  1 
ATOM   385  C  CG1 . ILE A 1 52  ? -4.267  4.409   -10.262 1.00 24.69  ? 52  ILE A CG1 1 
ATOM   386  C  CG2 . ILE A 1 52  ? -2.320  3.108   -11.293 1.00 21.34  ? 52  ILE A CG2 1 
ATOM   387  C  CD1 . ILE A 1 52  ? -5.358  3.521   -10.841 1.00 22.41  ? 52  ILE A CD1 1 
ATOM   388  N  N   . ALA A 1 53  ? -2.066  8.041   -10.419 1.00 27.22  ? 53  ALA A N   1 
ATOM   389  C  CA  . ALA A 1 53  ? -2.518  9.443   -10.641 1.00 27.84  ? 53  ALA A CA  1 
ATOM   390  C  C   . ALA A 1 53  ? -4.062  9.550   -10.517 1.00 28.79  ? 53  ALA A C   1 
ATOM   391  O  O   . ALA A 1 53  ? -4.705  10.272  -11.258 1.00 26.07  ? 53  ALA A O   1 
ATOM   392  C  CB  . ALA A 1 53  ? -2.041  10.019  -11.988 1.00 27.54  ? 53  ALA A CB  1 
ATOM   393  N  N   . VAL A 1 54  ? -4.640  8.845   -9.556  1.00 27.95  ? 54  VAL A N   1 
ATOM   394  C  CA  . VAL A 1 54  ? -6.054  9.048   -9.251  1.00 24.93  ? 54  VAL A CA  1 
ATOM   395  C  C   . VAL A 1 54  ? -6.106  9.499   -7.791  1.00 27.20  ? 54  VAL A C   1 
ATOM   396  O  O   . VAL A 1 54  ? -5.707  8.751   -6.859  1.00 24.17  ? 54  VAL A O   1 
ATOM   397  C  CB  . VAL A 1 54  ? -6.885  7.763   -9.514  1.00 23.36  ? 54  VAL A CB  1 
ATOM   398  C  CG1 . VAL A 1 54  ? -8.260  7.890   -8.849  1.00 20.62  ? 54  VAL A CG1 1 
ATOM   399  C  CG2 . VAL A 1 54  ? -6.973  7.465   -11.057 1.00 17.76  ? 54  VAL A CG2 1 
ATOM   400  N  N   . ASP A 1 55  ? -6.584  10.734  -7.624  1.00 25.59  ? 55  ASP A N   1 
ATOM   401  C  CA  . ASP A 1 55  ? -6.474  11.437  -6.380  1.00 26.47  ? 55  ASP A CA  1 
ATOM   402  C  C   . ASP A 1 55  ? -7.659  11.060  -5.480  1.00 27.79  ? 55  ASP A C   1 
ATOM   403  O  O   . ASP A 1 55  ? -8.543  11.893  -5.258  1.00 27.87  ? 55  ASP A O   1 
ATOM   404  C  CB  . ASP A 1 55  ? -6.449  12.952  -6.662  1.00 26.38  ? 55  ASP A CB  1 
ATOM   405  C  CG  . ASP A 1 55  ? -6.007  13.773  -5.453  1.00 29.96  ? 55  ASP A CG  1 
ATOM   406  O  OD1 . ASP A 1 55  ? -5.639  13.201  -4.434  1.00 33.60  ? 55  ASP A OD1 1 
ATOM   407  O  OD2 . ASP A 1 55  ? -6.041  15.029  -5.470  1.00 35.65  ? 55  ASP A OD2 1 
ATOM   408  N  N   . LEU A 1 56  ? -7.645  9.846   -4.941  1.00 24.20  ? 56  LEU A N   1 
ATOM   409  C  CA  . LEU A 1 56  ? -8.748  9.358   -4.113  1.00 26.69  ? 56  LEU A CA  1 
ATOM   410  C  C   . LEU A 1 56  ? -8.186  8.543   -2.981  1.00 26.18  ? 56  LEU A C   1 
ATOM   411  O  O   . LEU A 1 56  ? -7.094  7.972   -3.127  1.00 26.43  ? 56  LEU A O   1 
ATOM   412  C  CB  . LEU A 1 56  ? -9.720  8.476   -4.965  1.00 27.41  ? 56  LEU A CB  1 
ATOM   413  C  CG  . LEU A 1 56  ? -10.753 9.139   -5.948  1.00 29.73  ? 56  LEU A CG  1 
ATOM   414  C  CD1 . LEU A 1 56  ? -11.721 8.081   -6.501  1.00 27.97  ? 56  LEU A CD1 1 
ATOM   415  C  CD2 . LEU A 1 56  ? -11.594 10.246  -5.298  1.00 23.09  ? 56  LEU A CD2 1 
ATOM   416  N  N   . GLN A 1 57  ? -8.924  8.481   -1.868  1.00 24.33  ? 57  GLN A N   1 
ATOM   417  C  CA  . GLN A 1 57  ? -8.559  7.663   -0.719  1.00 21.55  ? 57  GLN A CA  1 
ATOM   418  C  C   . GLN A 1 57  ? -8.918  6.222   -0.962  1.00 23.39  ? 57  GLN A C   1 
ATOM   419  O  O   . GLN A 1 57  ? -9.821  5.684   -0.366  1.00 21.61  ? 57  GLN A O   1 
ATOM   420  C  CB  . GLN A 1 57  ? -9.242  8.140   0.592   1.00 23.22  ? 57  GLN A CB  1 
ATOM   421  C  CG  . GLN A 1 57  ? -8.750  9.528   1.044   1.00 23.35  ? 57  GLN A CG  1 
ATOM   422  C  CD  . GLN A 1 57  ? -9.382  10.036  2.338   1.00 23.91  ? 57  GLN A CD  1 
ATOM   423  O  OE1 . GLN A 1 57  ? -9.918  9.254   3.178   1.00 21.09  ? 57  GLN A OE1 1 
ATOM   424  N  NE2 . GLN A 1 57  ? -9.289  11.365  2.531   1.00 19.29  ? 57  GLN A NE2 1 
ATOM   425  N  N   . LEU A 1 58  ? -8.157  5.567   -1.816  1.00 23.82  ? 58  LEU A N   1 
ATOM   426  C  CA  . LEU A 1 58  ? -8.464  4.198   -2.163  1.00 20.81  ? 58  LEU A CA  1 
ATOM   427  C  C   . LEU A 1 58  ? -7.132  3.396   -2.389  1.00 20.77  ? 58  LEU A C   1 
ATOM   428  O  O   . LEU A 1 58  ? -6.131  3.911   -2.927  1.00 19.53  ? 58  LEU A O   1 
ATOM   429  C  CB  . LEU A 1 58  ? -9.279  4.296   -3.469  1.00 17.71  ? 58  LEU A CB  1 
ATOM   430  C  CG  . LEU A 1 58  ? -9.658  3.027   -4.244  1.00 17.34  ? 58  LEU A CG  1 
ATOM   431  C  CD1 . LEU A 1 58  ? -10.698 2.268   -3.445  1.00 16.60  ? 58  LEU A CD1 1 
ATOM   432  C  CD2 . LEU A 1 58  ? -10.115 3.368   -5.692  1.00 14.67  ? 58  LEU A CD2 1 
ATOM   433  N  N   . MET A 1 59  ? -7.170  2.128   -2.049  1.00 21.19  ? 59  MET A N   1 
ATOM   434  C  CA  . MET A 1 59  ? -6.024  1.246   -2.182  1.00 21.01  ? 59  MET A CA  1 
ATOM   435  C  C   . MET A 1 59  ? -6.586  -0.143  -2.410  1.00 22.83  ? 59  MET A C   1 
ATOM   436  O  O   . MET A 1 59  ? -7.717  -0.489  -1.969  1.00 25.23  ? 59  MET A O   1 
ATOM   437  C  CB  . MET A 1 59  ? -5.224  1.242   -0.833  1.00 22.62  ? 59  MET A CB  1 
ATOM   438  C  CG  . MET A 1 59  ? -6.009  0.723   0.374   1.00 20.59  ? 59  MET A CG  1 
ATOM   439  S  SD  . MET A 1 59  ? -5.008  0.504   1.885   1.00 23.99  ? 59  MET A SD  1 
ATOM   440  C  CE  . MET A 1 59  ? -4.763  2.172   2.476   1.00 21.50  ? 59  MET A CE  1 
ATOM   441  N  N   . VAL A 1 60  ? -5.808  -0.975  -3.075  1.00 22.03  ? 60  VAL A N   1 
ATOM   442  C  CA  . VAL A 1 60  ? -6.102  -2.385  -3.097  1.00 20.49  ? 60  VAL A CA  1 
ATOM   443  C  C   . VAL A 1 60  ? -4.859  -3.097  -2.601  1.00 21.82  ? 60  VAL A C   1 
ATOM   444  O  O   . VAL A 1 60  ? -3.758  -2.520  -2.654  1.00 24.07  ? 60  VAL A O   1 
ATOM   445  C  CB  . VAL A 1 60  ? -6.458  -2.880  -4.531  1.00 21.22  ? 60  VAL A CB  1 
ATOM   446  C  CG1 . VAL A 1 60  ? -7.745  -2.208  -5.013  1.00 17.92  ? 60  VAL A CG1 1 
ATOM   447  C  CG2 . VAL A 1 60  ? -5.300  -2.722  -5.530  1.00 15.76  ? 60  VAL A CG2 1 
ATOM   448  N  N   . PHE A 1 61  ? -5.010  -4.344  -2.157  1.00 20.37  ? 61  PHE A N   1 
ATOM   449  C  CA  . PHE A 1 61  ? -3.862  -5.071  -1.652  1.00 20.50  ? 61  PHE A CA  1 
ATOM   450  C  C   . PHE A 1 61  ? -4.243  -6.489  -1.416  1.00 21.19  ? 61  PHE A C   1 
ATOM   451  O  O   . PHE A 1 61  ? -5.450  -6.803  -1.470  1.00 22.55  ? 61  PHE A O   1 
ATOM   452  C  CB  . PHE A 1 61  ? -3.293  -4.471  -0.345  1.00 19.81  ? 61  PHE A CB  1 
ATOM   453  C  CG  . PHE A 1 61  ? -4.289  -4.431  0.804   1.00 20.63  ? 61  PHE A CG  1 
ATOM   454  C  CD1 . PHE A 1 61  ? -5.107  -3.279  1.011   1.00 20.04  ? 61  PHE A CD1 1 
ATOM   455  C  CD2 . PHE A 1 61  ? -4.396  -5.497  1.716   1.00 19.46  ? 61  PHE A CD2 1 
ATOM   456  C  CE1 . PHE A 1 61  ? -6.020  -3.241  2.055   1.00 18.99  ? 61  PHE A CE1 1 
ATOM   457  C  CE2 . PHE A 1 61  ? -5.339  -5.474  2.751   1.00 17.58  ? 61  PHE A CE2 1 
ATOM   458  C  CZ  . PHE A 1 61  ? -6.120  -4.330  2.943   1.00 18.09  ? 61  PHE A CZ  1 
ATOM   459  N  N   . GLY A 1 62  ? -3.223  -7.326  -1.122  1.00 21.97  ? 62  GLY A N   1 
ATOM   460  C  CA  . GLY A 1 62  ? -3.432  -8.732  -0.790  1.00 26.71  ? 62  GLY A CA  1 
ATOM   461  C  C   . GLY A 1 62  ? -2.853  -9.691  -1.803  1.00 29.13  ? 62  GLY A C   1 
ATOM   462  O  O   . GLY A 1 62  ? -2.494  -9.283  -2.926  1.00 30.80  ? 62  GLY A O   1 
ATOM   463  N  N   . PHE A 1 63  ? -2.718  -10.959 -1.402  1.00 31.03  ? 63  PHE A N   1 
ATOM   464  C  CA  . PHE A 1 63  ? -2.158  -11.997 -2.279  1.00 36.67  ? 63  PHE A CA  1 
ATOM   465  C  C   . PHE A 1 63  ? -2.147  -13.290 -1.515  1.00 39.33  ? 63  PHE A C   1 
ATOM   466  O  O   . PHE A 1 63  ? -2.169  -13.267 -0.269  1.00 39.95  ? 63  PHE A O   1 
ATOM   467  C  CB  . PHE A 1 63  ? -0.689  -11.669 -2.559  1.00 40.71  ? 63  PHE A CB  1 
ATOM   468  C  CG  . PHE A 1 63  ? 0.119   -11.491 -1.287  1.00 44.98  ? 63  PHE A CG  1 
ATOM   469  C  CD1 . PHE A 1 63  ? 0.746   -12.601 -0.671  1.00 40.34  ? 63  PHE A CD1 1 
ATOM   470  C  CD2 . PHE A 1 63  ? 0.204   -10.227 -0.663  1.00 41.20  ? 63  PHE A CD2 1 
ATOM   471  C  CE1 . PHE A 1 63  ? 1.466   -12.442 0.499   1.00 43.39  ? 63  PHE A CE1 1 
ATOM   472  C  CE2 . PHE A 1 63  ? 0.907   -10.083 0.532   1.00 39.43  ? 63  PHE A CE2 1 
ATOM   473  C  CZ  . PHE A 1 63  ? 1.540   -11.180 1.103   1.00 41.50  ? 63  PHE A CZ  1 
ATOM   474  N  N   . GLU A 1 64  ? -2.058  -14.405 -2.245  1.00 40.76  ? 64  GLU A N   1 
ATOM   475  C  CA  . GLU A 1 64  ? -1.694  -15.713 -1.655  1.00 51.58  ? 64  GLU A CA  1 
ATOM   476  C  C   . GLU A 1 64  ? -0.177  -15.921 -1.598  1.00 52.22  ? 64  GLU A C   1 
ATOM   477  O  O   . GLU A 1 64  ? 0.352   -16.323 -0.580  1.00 50.01  ? 64  GLU A O   1 
ATOM   478  C  CB  . GLU A 1 64  ? -2.255  -16.851 -2.470  1.00 50.26  ? 64  GLU A CB  1 
ATOM   479  C  CG  . GLU A 1 64  ? -3.732  -17.018 -2.327  1.00 61.42  ? 64  GLU A CG  1 
ATOM   480  C  CD  . GLU A 1 64  ? -4.291  -18.001 -3.336  1.00 66.72  ? 64  GLU A CD  1 
ATOM   481  O  OE1 . GLU A 1 64  ? -3.551  -18.891 -3.852  1.00 61.34  ? 64  GLU A OE1 1 
ATOM   482  O  OE2 . GLU A 1 64  ? -5.498  -17.861 -3.598  1.00 66.31  ? 64  GLU A OE2 1 
ATOM   483  N  N   . ALA A 1 65  ? 0.480   -15.678 -2.736  1.00 57.02  ? 65  ALA A N   1 
ATOM   484  C  CA  . ALA A 1 65  ? 1.912   -15.865 -2.950  1.00 62.18  ? 65  ALA A CA  1 
ATOM   485  C  C   . ALA A 1 65  ? 2.458   -14.655 -3.687  1.00 66.33  ? 65  ALA A C   1 
ATOM   486  O  O   . ALA A 1 65  ? 1.889   -14.194 -4.703  1.00 62.86  ? 65  ALA A O   1 
ATOM   487  C  CB  . ALA A 1 65  ? 2.205   -17.140 -3.753  1.00 61.93  ? 65  ALA A CB  1 
ATOM   488  N  N   . SER A 1 66  ? 3.570   -14.163 -3.144  1.00 70.63  ? 66  SER A N   1 
ATOM   489  C  CA  . SER A 1 66  ? 4.284   -12.996 -3.640  1.00 73.83  ? 66  SER A CA  1 
ATOM   490  C  C   . SER A 1 66  ? 5.627   -13.459 -4.218  1.00 76.51  ? 66  SER A C   1 
ATOM   491  O  O   . SER A 1 66  ? 6.386   -14.182 -3.553  1.00 65.28  ? 66  SER A O   1 
ATOM   492  C  CB  . SER A 1 66  ? 4.505   -11.964 -2.497  1.00 63.54  ? 66  SER A CB  1 
ATOM   493  O  OG  . SER A 1 66  ? 5.191   -10.800 -2.965  1.00 54.60  ? 66  SER A OG  1 
ATOM   494  N  N   . GLU A 1 67  ? 5.897   -13.048 -5.461  1.00 85.49  ? 67  GLU A N   1 
ATOM   495  C  CA  . GLU A 1 67  ? 7.223   -13.200 -6.064  1.00 87.79  ? 67  GLU A CA  1 
ATOM   496  C  C   . GLU A 1 67  ? 8.268   -12.466 -5.193  1.00 88.26  ? 67  GLU A C   1 
ATOM   497  O  O   . GLU A 1 67  ? 9.236   -13.080 -4.743  1.00 90.38  ? 67  GLU A O   1 
ATOM   498  C  CB  . GLU A 1 67  ? 7.220   -12.655 -7.500  1.00 85.14  ? 67  GLU A CB  1 
ATOM   499  C  CG  . GLU A 1 67  ? 8.106   -13.418 -8.472  1.00 78.70  ? 67  GLU A CG  1 
ATOM   500  C  CD  . GLU A 1 67  ? 7.837   -13.037 -9.927  1.00 80.10  ? 67  GLU A CD  1 
ATOM   501  O  OE1 . GLU A 1 67  ? 7.959   -11.836 -10.276 1.00 84.53  ? 67  GLU A OE1 1 
ATOM   502  O  OE2 . GLU A 1 67  ? 7.513   -13.936 -10.735 1.00 64.50  ? 67  GLU A OE2 1 
ATOM   503  N  N   . ARG A 1 68  ? 8.032   -11.175 -4.919  1.00 81.65  ? 68  ARG A N   1 
ATOM   504  C  CA  . ARG A 1 68  ? 8.943   -10.330 -4.111  1.00 71.72  ? 68  ARG A CA  1 
ATOM   505  C  C   . ARG A 1 68  ? 9.043   -10.637 -2.599  1.00 65.12  ? 68  ARG A C   1 
ATOM   506  O  O   . ARG A 1 68  ? 10.110  -10.482 -2.013  1.00 63.62  ? 68  ARG A O   1 
ATOM   507  C  CB  . ARG A 1 68  ? 8.636   -8.844  -4.322  1.00 73.87  ? 68  ARG A CB  1 
ATOM   508  C  CG  . ARG A 1 68  ? 8.187   -8.490  -5.731  1.00 71.36  ? 68  ARG A CG  1 
ATOM   509  C  CD  . ARG A 1 68  ? 7.542   -7.126  -5.699  1.00 67.17  ? 68  ARG A CD  1 
ATOM   510  N  NE  . ARG A 1 68  ? 7.128   -6.667  -7.013  1.00 63.57  ? 68  ARG A NE  1 
ATOM   511  C  CZ  . ARG A 1 68  ? 7.896   -5.955  -7.832  1.00 66.22  ? 68  ARG A CZ  1 
ATOM   512  N  NH1 . ARG A 1 68  ? 9.135   -5.632  -7.481  1.00 68.56  ? 68  ARG A NH1 1 
ATOM   513  N  NH2 . ARG A 1 68  ? 7.430   -5.560  -9.009  1.00 61.73  ? 68  ARG A NH2 1 
ATOM   514  N  N   . TYR A 1 69  ? 7.953   -11.050 -1.956  1.00 64.29  ? 69  TYR A N   1 
ATOM   515  C  CA  . TYR A 1 69  ? 8.007   -11.387 -0.511  1.00 68.14  ? 69  TYR A CA  1 
ATOM   516  C  C   . TYR A 1 69  ? 7.753   -12.856 -0.310  1.00 74.11  ? 69  TYR A C   1 
ATOM   517  O  O   . TYR A 1 69  ? 6.790   -13.225 0.396   1.00 73.00  ? 69  TYR A O   1 
ATOM   518  C  CB  . TYR A 1 69  ? 7.056   -10.506 0.335   1.00 56.61  ? 69  TYR A CB  1 
ATOM   519  C  CG  . TYR A 1 69  ? 7.470   -9.085  0.176   1.00 53.71  ? 69  TYR A CG  1 
ATOM   520  C  CD1 . TYR A 1 69  ? 7.002   -8.324  -0.900  1.00 44.58  ? 69  TYR A CD1 1 
ATOM   521  C  CD2 . TYR A 1 69  ? 8.417   -8.512  1.057   1.00 56.61  ? 69  TYR A CD2 1 
ATOM   522  C  CE1 . TYR A 1 69  ? 7.431   -7.027  -1.089  1.00 47.52  ? 69  TYR A CE1 1 
ATOM   523  C  CE2 . TYR A 1 69  ? 8.854   -7.209  0.886   1.00 51.56  ? 69  TYR A CE2 1 
ATOM   524  C  CZ  . TYR A 1 69  ? 8.370   -6.472  -0.191  1.00 51.71  ? 69  TYR A CZ  1 
ATOM   525  O  OH  . TYR A 1 69  ? 8.817   -5.184  -0.377  1.00 53.30  ? 69  TYR A OH  1 
ATOM   526  N  N   . PRO A 1 70  ? 8.630   -13.702 -0.920  1.00 81.56  ? 70  PRO A N   1 
ATOM   527  C  CA  . PRO A 1 70  ? 8.360   -15.143 -0.945  1.00 77.84  ? 70  PRO A CA  1 
ATOM   528  C  C   . PRO A 1 70  ? 8.260   -15.630 0.498   1.00 72.16  ? 70  PRO A C   1 
ATOM   529  O  O   . PRO A 1 70  ? 7.600   -16.617 0.765   1.00 65.39  ? 70  PRO A O   1 
ATOM   530  C  CB  . PRO A 1 70  ? 9.569   -15.728 -1.698  1.00 82.02  ? 70  PRO A CB  1 
ATOM   531  C  CG  . PRO A 1 70  ? 10.305  -14.549 -2.287  1.00 71.66  ? 70  PRO A CG  1 
ATOM   532  C  CD  . PRO A 1 70  ? 10.016  -13.418 -1.355  1.00 75.59  ? 70  PRO A CD  1 
ATOM   533  N  N   . GLU A 1 71  ? 8.873   -14.897 1.426   1.00 76.77  ? 71  GLU A N   1 
ATOM   534  C  CA  . GLU A 1 71  ? 8.499   -15.029 2.817   1.00 85.32  ? 71  GLU A CA  1 
ATOM   535  C  C   . GLU A 1 71  ? 7.540   -13.901 3.239   1.00 87.57  ? 71  GLU A C   1 
ATOM   536  O  O   . GLU A 1 71  ? 7.944   -12.731 3.306   1.00 98.70  ? 71  GLU A O   1 
ATOM   537  C  CB  . GLU A 1 71  ? 9.723   -15.164 3.744   1.00 88.40  ? 71  GLU A CB  1 
ATOM   538  C  CG  . GLU A 1 71  ? 9.342   -15.626 5.152   1.00 94.87  ? 71  GLU A CG  1 
ATOM   539  C  CD  . GLU A 1 71  ? 7.886   -16.094 5.240   1.00 99.92  ? 71  GLU A CD  1 
ATOM   540  O  OE1 . GLU A 1 71  ? 7.082   -15.439 5.945   1.00 92.24  ? 71  GLU A OE1 1 
ATOM   541  O  OE2 . GLU A 1 71  ? 7.525   -17.092 4.567   1.00 101.34 ? 71  GLU A OE2 1 
ATOM   542  N  N   . ALA A 1 72  ? 6.272   -14.294 3.455   1.00 78.80  ? 72  ALA A N   1 
ATOM   543  C  CA  . ALA A 1 72  ? 5.141   -13.493 4.012   1.00 67.97  ? 72  ALA A CA  1 
ATOM   544  C  C   . ALA A 1 72  ? 3.850   -14.355 4.005   1.00 52.40  ? 72  ALA A C   1 
ATOM   545  O  O   . ALA A 1 72  ? 3.587   -15.044 3.022   1.00 50.99  ? 72  ALA A O   1 
ATOM   546  C  CB  . ALA A 1 72  ? 4.918   -12.202 3.216   1.00 65.16  ? 72  ALA A CB  1 
ATOM   547  N  N   . PRO A 1 73  ? 3.045   -14.315 5.078   1.00 46.92  ? 73  PRO A N   1 
ATOM   548  C  CA  . PRO A 1 73  ? 1.738   -15.043 5.079   1.00 48.65  ? 73  PRO A CA  1 
ATOM   549  C  C   . PRO A 1 73  ? 0.715   -14.379 4.137   1.00 51.32  ? 73  PRO A C   1 
ATOM   550  O  O   . PRO A 1 73  ? 0.842   -13.183 3.849   1.00 52.31  ? 73  PRO A O   1 
ATOM   551  C  CB  . PRO A 1 73  ? 1.237   -14.923 6.544   1.00 49.86  ? 73  PRO A CB  1 
ATOM   552  C  CG  . PRO A 1 73  ? 2.131   -13.894 7.211   1.00 50.48  ? 73  PRO A CG  1 
ATOM   553  C  CD  . PRO A 1 73  ? 3.151   -13.366 6.208   1.00 45.85  ? 73  PRO A CD  1 
ATOM   554  N  N   . ALA A 1 74  ? -0.270  -15.146 3.656   1.00 51.02  ? 74  ALA A N   1 
ATOM   555  C  CA  . ALA A 1 74  ? -1.312  -14.652 2.742   1.00 43.48  ? 74  ALA A CA  1 
ATOM   556  C  C   . ALA A 1 74  ? -1.982  -13.455 3.426   1.00 47.15  ? 74  ALA A C   1 
ATOM   557  O  O   . ALA A 1 74  ? -2.248  -13.494 4.645   1.00 45.67  ? 74  ALA A O   1 
ATOM   558  C  CB  . ALA A 1 74  ? -2.349  -15.737 2.445   1.00 37.67  ? 74  ALA A CB  1 
ATOM   559  N  N   . VAL A 1 75  ? -2.181  -12.382 2.652   1.00 37.85  ? 75  VAL A N   1 
ATOM   560  C  CA  . VAL A 1 75  ? -3.008  -11.240 3.049   1.00 34.21  ? 75  VAL A CA  1 
ATOM   561  C  C   . VAL A 1 75  ? -4.268  -11.194 2.148   1.00 33.13  ? 75  VAL A C   1 
ATOM   562  O  O   . VAL A 1 75  ? -4.141  -11.196 0.916   1.00 32.41  ? 75  VAL A O   1 
ATOM   563  C  CB  . VAL A 1 75  ? -2.189  -9.933  2.936   1.00 35.38  ? 75  VAL A CB  1 
ATOM   564  C  CG1 . VAL A 1 75  ? -3.077  -8.697  3.170   1.00 35.65  ? 75  VAL A CG1 1 
ATOM   565  C  CG2 . VAL A 1 75  ? -1.013  -9.948  3.911   1.00 30.55  ? 75  VAL A CG2 1 
ATOM   566  N  N   . PRO A 1 76  ? -5.485  -11.142 2.729   1.00 32.48  ? 76  PRO A N   1 
ATOM   567  C  CA  . PRO A 1 76  ? -6.735  -11.259 1.869   1.00 31.26  ? 76  PRO A CA  1 
ATOM   568  C  C   . PRO A 1 76  ? -6.855  -10.179 0.788   1.00 29.17  ? 76  PRO A C   1 
ATOM   569  O  O   . PRO A 1 76  ? -6.470  -9.043  1.030   1.00 26.75  ? 76  PRO A O   1 
ATOM   570  C  CB  . PRO A 1 76  ? -7.898  -11.178 2.863   1.00 31.05  ? 76  PRO A CB  1 
ATOM   571  C  CG  . PRO A 1 76  ? -7.283  -10.683 4.161   1.00 33.52  ? 76  PRO A CG  1 
ATOM   572  C  CD  . PRO A 1 76  ? -5.798  -10.979 4.161   1.00 34.09  ? 76  PRO A CD  1 
ATOM   573  N  N   . LEU A 1 77  ? -7.309  -10.550 -0.422  1.00 29.31  ? 77  LEU A N   1 
ATOM   574  C  CA  . LEU A 1 77  ? -7.469  -9.559  -1.501  1.00 27.40  ? 77  LEU A CA  1 
ATOM   575  C  C   . LEU A 1 77  ? -8.479  -8.546  -1.056  1.00 24.20  ? 77  LEU A C   1 
ATOM   576  O  O   . LEU A 1 77  ? -9.544  -8.930  -0.652  1.00 20.30  ? 77  LEU A O   1 
ATOM   577  C  CB  . LEU A 1 77  ? -7.929  -10.187 -2.802  1.00 30.05  ? 77  LEU A CB  1 
ATOM   578  C  CG  . LEU A 1 77  ? -6.843  -10.893 -3.596  1.00 33.70  ? 77  LEU A CG  1 
ATOM   579  C  CD1 . LEU A 1 77  ? -7.519  -11.488 -4.831  1.00 33.80  ? 77  LEU A CD1 1 
ATOM   580  C  CD2 . LEU A 1 77  ? -5.818  -9.854  -3.984  1.00 31.29  ? 77  LEU A CD2 1 
ATOM   581  N  N   . THR A 1 78  ? -8.111  -7.264  -1.037  1.00 22.95  ? 78  THR A N   1 
ATOM   582  C  CA  . THR A 1 78  ? -8.959  -6.281  -0.362  1.00 24.25  ? 78  THR A CA  1 
ATOM   583  C  C   . THR A 1 78  ? -8.969  -4.953  -1.147  1.00 25.44  ? 78  THR A C   1 
ATOM   584  O  O   . THR A 1 78  ? -7.903  -4.453  -1.578  1.00 24.13  ? 78  THR A O   1 
ATOM   585  C  CB  . THR A 1 78  ? -8.461  -6.005  1.099   1.00 25.32  ? 78  THR A CB  1 
ATOM   586  O  OG1 . THR A 1 78  ? -8.484  -7.210  1.896   1.00 21.66  ? 78  THR A OG1 1 
ATOM   587  C  CG2 . THR A 1 78  ? -9.318  -4.889  1.802   1.00 25.26  ? 78  THR A CG2 1 
ATOM   588  N  N   . ALA A 1 79  ? -10.150 -4.369  -1.336  1.00 24.02  ? 79  ALA A N   1 
ATOM   589  C  CA  . ALA A 1 79  ? -10.164 -3.007  -1.835  1.00 22.20  ? 79  ALA A CA  1 
ATOM   590  C  C   . ALA A 1 79  ? -10.743 -2.151  -0.732  1.00 24.66  ? 79  ALA A C   1 
ATOM   591  O  O   . ALA A 1 79  ? -11.801 -2.511  -0.177  1.00 27.55  ? 79  ALA A O   1 
ATOM   592  C  CB  . ALA A 1 79  ? -10.984 -2.943  -3.095  1.00 23.55  ? 79  ALA A CB  1 
ATOM   593  N  N   . LEU A 1 80  ? -10.092 -1.024  -0.405  1.00 23.36  ? 80  LEU A N   1 
ATOM   594  C  CA  . LEU A 1 80  ? -10.442 -0.272  0.815   1.00 21.27  ? 80  LEU A CA  1 
ATOM   595  C  C   . LEU A 1 80  ? -10.540 1.197   0.537   1.00 21.65  ? 80  LEU A C   1 
ATOM   596  O  O   . LEU A 1 80  ? -9.565  1.805   0.150   1.00 21.23  ? 80  LEU A O   1 
ATOM   597  C  CB  . LEU A 1 80  ? -9.378  -0.497  1.901   1.00 21.01  ? 80  LEU A CB  1 
ATOM   598  C  CG  . LEU A 1 80  ? -9.536  0.159   3.267   1.00 21.60  ? 80  LEU A CG  1 
ATOM   599  C  CD1 . LEU A 1 80  ? -10.805 -0.429  3.918   1.00 18.67  ? 80  LEU A CD1 1 
ATOM   600  C  CD2 . LEU A 1 80  ? -8.323  -0.110  4.139   1.00 21.28  ? 80  LEU A CD2 1 
ATOM   601  N  N   . ALA A 1 81  ? -11.742 1.770   0.731   1.00 23.54  ? 81  ALA A N   1 
ATOM   602  C  CA  . ALA A 1 81  ? -11.966 3.225   0.521   1.00 21.01  ? 81  ALA A CA  1 
ATOM   603  C  C   . ALA A 1 81  ? -11.988 3.916   1.891   1.00 19.23  ? 81  ALA A C   1 
ATOM   604  O  O   . ALA A 1 81  ? -12.440 3.326   2.886   1.00 16.46  ? 81  ALA A O   1 
ATOM   605  C  CB  . ALA A 1 81  ? -13.299 3.465   -0.185  1.00 22.93  ? 81  ALA A CB  1 
ATOM   606  N  N   . ASN A 1 82  ? -11.488 5.151   1.928   1.00 20.19  ? 82  ASN A N   1 
ATOM   607  C  CA  . ASN A 1 82  ? -11.604 6.017   3.104   1.00 23.36  ? 82  ASN A CA  1 
ATOM   608  C  C   . ASN A 1 82  ? -10.966 5.393   4.342   1.00 24.71  ? 82  ASN A C   1 
ATOM   609  O  O   . ASN A 1 82  ? -11.453 5.570   5.419   1.00 23.35  ? 82  ASN A O   1 
ATOM   610  C  CB  . ASN A 1 82  ? -13.068 6.422   3.280   1.00 20.87  ? 82  ASN A CB  1 
ATOM   611  C  CG  . ASN A 1 82  ? -13.557 7.155   2.027   1.00 22.65  ? 82  ASN A CG  1 
ATOM   612  O  OD1 . ASN A 1 82  ? -12.732 7.661   1.271   1.00 23.15  ? 82  ASN A OD1 1 
ATOM   613  N  ND2 . ASN A 1 82  ? -14.839 7.169   1.771   1.00 21.52  ? 82  ASN A ND2 1 
ATOM   614  N  N   . ALA A 1 83  ? -9.864  4.667   4.125   1.00 24.76  ? 83  ALA A N   1 
ATOM   615  C  CA  . ALA A 1 83  ? -9.072  4.055   5.195   1.00 25.06  ? 83  ALA A CA  1 
ATOM   616  C  C   . ALA A 1 83  ? -8.739  4.971   6.372   1.00 26.29  ? 83  ALA A C   1 
ATOM   617  O  O   . ALA A 1 83  ? -8.232  6.113   6.208   1.00 23.54  ? 83  ALA A O   1 
ATOM   618  C  CB  . ALA A 1 83  ? -7.781  3.507   4.632   1.00 22.95  ? 83  ALA A CB  1 
ATOM   619  N  N   . GLN A 1 84  ? -8.981  4.458   7.567   1.00 29.64  ? 84  GLN A N   1 
ATOM   620  C  CA  . GLN A 1 84  ? -8.512  5.134   8.785   1.00 33.18  ? 84  GLN A CA  1 
ATOM   621  C  C   . GLN A 1 84  ? -7.762  4.127   9.568   1.00 32.56  ? 84  GLN A C   1 
ATOM   622  O  O   . GLN A 1 84  ? -8.217  2.975   9.696   1.00 29.17  ? 84  GLN A O   1 
ATOM   623  C  CB  . GLN A 1 84  ? -9.687  5.648   9.624   1.00 38.72  ? 84  GLN A CB  1 
ATOM   624  C  CG  . GLN A 1 84  ? -10.214 6.995   9.116   1.00 49.60  ? 84  GLN A CG  1 
ATOM   625  C  CD  . GLN A 1 84  ? -11.450 7.461   9.909   1.00 63.68  ? 84  GLN A CD  1 
ATOM   626  O  OE1 . GLN A 1 84  ? -12.594 7.062   9.618   1.00 56.64  ? 84  GLN A OE1 1 
ATOM   627  N  NE2 . GLN A 1 84  ? -11.219 8.306   10.927  1.00 60.64  ? 84  GLN A NE2 1 
ATOM   628  N  N   . ILE A 1 85  ? -6.623  4.555   10.117  1.00 31.64  ? 85  ILE A N   1 
ATOM   629  C  CA  . ILE A 1 85  ? -5.756  3.639   10.847  1.00 29.29  ? 85  ILE A CA  1 
ATOM   630  C  C   . ILE A 1 85  ? -5.453  4.063   12.301  1.00 30.48  ? 85  ILE A C   1 
ATOM   631  O  O   . ILE A 1 85  ? -5.170  5.229   12.548  1.00 27.81  ? 85  ILE A O   1 
ATOM   632  C  CB  . ILE A 1 85  ? -4.438  3.465   10.083  1.00 30.72  ? 85  ILE A CB  1 
ATOM   633  C  CG1 . ILE A 1 85  ? -4.688  2.686   8.808   1.00 31.87  ? 85  ILE A CG1 1 
ATOM   634  C  CG2 . ILE A 1 85  ? -3.418  2.660   10.889  1.00 28.76  ? 85  ILE A CG2 1 
ATOM   635  C  CD1 . ILE A 1 85  ? -3.366  2.477   8.084   1.00 37.05  ? 85  ILE A CD1 1 
ATOM   636  N  N   . GLU A 1 86  ? -5.444  3.084   13.227  1.00 28.01  ? 86  GLU A N   1 
ATOM   637  C  CA  . GLU A 1 86  ? -5.120  3.268   14.625  1.00 29.36  ? 86  GLU A CA  1 
ATOM   638  C  C   . GLU A 1 86  ? -4.175  2.154   15.065  1.00 30.20  ? 86  GLU A C   1 
ATOM   639  O  O   . GLU A 1 86  ? -4.501  0.948   14.926  1.00 29.98  ? 86  GLU A O   1 
ATOM   640  C  CB  . GLU A 1 86  ? -6.393  3.110   15.449  1.00 33.06  ? 86  GLU A CB  1 
ATOM   641  C  CG  . GLU A 1 86  ? -6.378  3.912   16.714  1.00 39.94  ? 86  GLU A CG  1 
ATOM   642  C  CD  . GLU A 1 86  ? -7.612  3.676   17.588  1.00 39.59  ? 86  GLU A CD  1 
ATOM   643  O  OE1 . GLU A 1 86  ? -8.769  3.799   17.089  1.00 36.35  ? 86  GLU A OE1 1 
ATOM   644  O  OE2 . GLU A 1 86  ? -7.384  3.374   18.784  1.00 35.20  ? 86  GLU A OE2 1 
ATOM   645  N  N   . PRO A 1 87  ? -3.012  2.537   15.623  1.00 32.08  ? 87  PRO A N   1 
ATOM   646  C  CA  . PRO A 1 87  ? -2.107  1.579   16.239  1.00 31.97  ? 87  PRO A CA  1 
ATOM   647  C  C   . PRO A 1 87  ? -2.797  0.914   17.467  1.00 31.18  ? 87  PRO A C   1 
ATOM   648  O  O   . PRO A 1 87  ? -3.497  1.596   18.195  1.00 30.28  ? 87  PRO A O   1 
ATOM   649  C  CB  . PRO A 1 87  ? -0.929  2.465   16.671  1.00 33.98  ? 87  PRO A CB  1 
ATOM   650  C  CG  . PRO A 1 87  ? -1.536  3.793   16.912  1.00 35.47  ? 87  PRO A CG  1 
ATOM   651  C  CD  . PRO A 1 87  ? -2.565  3.935   15.833  1.00 33.04  ? 87  PRO A CD  1 
ATOM   652  N  N   . LEU A 1 88  ? -2.657  -0.397  17.654  1.00 27.42  ? 88  LEU A N   1 
ATOM   653  C  CA  . LEU A 1 88  ? -3.274  -1.060  18.826  1.00 28.89  ? 88  LEU A CA  1 
ATOM   654  C  C   . LEU A 1 88  ? -2.266  -1.302  19.950  1.00 31.50  ? 88  LEU A C   1 
ATOM   655  O  O   . LEU A 1 88  ? -2.590  -1.870  20.993  1.00 31.04  ? 88  LEU A O   1 
ATOM   656  C  CB  . LEU A 1 88  ? -3.952  -2.359  18.430  1.00 25.75  ? 88  LEU A CB  1 
ATOM   657  C  CG  . LEU A 1 88  ? -5.135  -2.044  17.473  1.00 28.32  ? 88  LEU A CG  1 
ATOM   658  C  CD1 . LEU A 1 88  ? -5.882  -3.300  17.171  1.00 26.18  ? 88  LEU A CD1 1 
ATOM   659  C  CD2 . LEU A 1 88  ? -6.111  -0.965  17.937  1.00 24.40  ? 88  LEU A CD2 1 
ATOM   660  N  N   . SER A 1 89  ? -1.044  -0.829  19.724  1.00 33.26  ? 89  SER A N   1 
ATOM   661  C  CA  . SER A 1 89  ? 0.063   -0.904  20.683  1.00 30.76  ? 89  SER A CA  1 
ATOM   662  C  C   . SER A 1 89  ? 1.108   -0.015  20.132  1.00 34.07  ? 89  SER A C   1 
ATOM   663  O  O   . SER A 1 89  ? 0.985   0.458   19.000  1.00 37.39  ? 89  SER A O   1 
ATOM   664  C  CB  . SER A 1 89  ? 0.559   -2.328  20.816  1.00 29.96  ? 89  SER A CB  1 
ATOM   665  O  OG  . SER A 1 89  ? 1.926   -2.413  20.897  1.00 29.14  ? 89  SER A OG  1 
ATOM   666  N  N   . ASP A 1 90  ? 2.129   0.227   20.934  1.00 37.70  ? 90  ASP A N   1 
ATOM   667  C  CA  . ASP A 1 90  ? 3.276   0.969   20.497  1.00 35.89  ? 90  ASP A CA  1 
ATOM   668  C  C   . ASP A 1 90  ? 4.419   0.091   19.974  1.00 30.51  ? 90  ASP A C   1 
ATOM   669  O  O   . ASP A 1 90  ? 5.321   0.689   19.431  1.00 33.30  ? 90  ASP A O   1 
ATOM   670  C  CB  . ASP A 1 90  ? 3.797   1.863   21.623  1.00 41.72  ? 90  ASP A CB  1 
ATOM   671  C  CG  . ASP A 1 90  ? 2.985   3.144   21.801  1.00 50.23  ? 90  ASP A CG  1 
ATOM   672  O  OD1 . ASP A 1 90  ? 2.343   3.665   20.825  1.00 52.82  ? 90  ASP A OD1 1 
ATOM   673  O  OD2 . ASP A 1 90  ? 3.031   3.664   22.945  1.00 56.06  ? 90  ASP A OD2 1 
ATOM   674  N  N   . GLU A 1 91  ? 4.392   -1.257  20.080  1.00 26.85  ? 91  GLU A N   1 
ATOM   675  C  CA  . GLU A 1 91  ? 5.503   -2.161  19.514  1.00 31.78  ? 91  GLU A CA  1 
ATOM   676  C  C   . GLU A 1 91  ? 5.677   -1.676  18.043  1.00 34.31  ? 91  GLU A C   1 
ATOM   677  O  O   . GLU A 1 91  ? 4.690   -1.553  17.267  1.00 29.83  ? 91  GLU A O   1 
ATOM   678  C  CB  . GLU A 1 91  ? 5.310   -3.762  19.689  1.00 30.95  ? 91  GLU A CB  1 
ATOM   679  C  CG  . GLU A 1 91  ? 6.518   -4.833  19.626  1.00 32.13  ? 91  GLU A CG  1 
ATOM   680  C  CD  . GLU A 1 91  ? 6.089   -6.291  20.068  1.00 43.63  ? 91  GLU A CD  1 
ATOM   681  O  OE1 . GLU A 1 91  ? 6.841   -7.454  20.246  1.00 26.49  ? 91  GLU A OE1 1 
ATOM   682  O  OE2 . GLU A 1 91  ? 4.828   -6.214  20.272  1.00 44.67  ? 91  GLU A OE2 1 
ATOM   683  N  N   . MET A 1 92  ? 6.899   -1.256  17.722  1.00 35.25  ? 92  MET A N   1 
ATOM   684  C  CA  . MET A 1 92  ? 7.308   -1.015  16.366  1.00 33.66  ? 92  MET A CA  1 
ATOM   685  C  C   . MET A 1 92  ? 8.006   -2.285  15.877  1.00 32.38  ? 92  MET A C   1 
ATOM   686  O  O   . MET A 1 92  ? 8.456   -3.127  16.669  1.00 30.95  ? 92  MET A O   1 
ATOM   687  C  CB  . MET A 1 92  ? 8.219   0.200   16.299  1.00 32.91  ? 92  MET A CB  1 
ATOM   688  C  CG  . MET A 1 92  ? 7.512   1.487   16.694  1.00 33.26  ? 92  MET A CG  1 
ATOM   689  S  SD  . MET A 1 92  ? 6.201   1.964   15.574  1.00 40.20  ? 92  MET A SD  1 
ATOM   690  C  CE  . MET A 1 92  ? 7.039   2.872   14.286  1.00 30.94  ? 92  MET A CE  1 
ATOM   691  N  N   . GLU A 1 93  ? 8.072   -2.446  14.569  1.00 30.89  ? 93  GLU A N   1 
ATOM   692  C  CA  . GLU A 1 93  ? 8.791   -3.573  14.018  1.00 30.39  ? 93  GLU A CA  1 
ATOM   693  C  C   . GLU A 1 93  ? 9.454   -3.218  12.697  1.00 31.02  ? 93  GLU A C   1 
ATOM   694  O  O   . GLU A 1 93  ? 8.826   -2.595  11.848  1.00 31.15  ? 93  GLU A O   1 
ATOM   695  C  CB  . GLU A 1 93  ? 7.804   -4.708  13.832  1.00 30.06  ? 93  GLU A CB  1 
ATOM   696  C  CG  . GLU A 1 93  ? 8.401   -5.979  13.296  1.00 35.64  ? 93  GLU A CG  1 
ATOM   697  C  CD  . GLU A 1 93  ? 7.399   -7.129  13.299  1.00 42.52  ? 93  GLU A CD  1 
ATOM   698  O  OE1 . GLU A 1 93  ? 6.373   -7.073  12.585  1.00 41.73  ? 93  GLU A OE1 1 
ATOM   699  O  OE2 . GLU A 1 93  ? 7.627   -8.112  14.015  1.00 46.82  ? 93  GLU A OE2 1 
ATOM   700  N  N   . ASN A 1 94  ? 10.715  -3.611  12.517  1.00 28.55  ? 94  ASN A N   1 
ATOM   701  C  CA  . ASN A 1 94  ? 11.389  -3.402  11.249  1.00 28.93  ? 94  ASN A CA  1 
ATOM   702  C  C   . ASN A 1 94  ? 11.057  -4.525  10.266  1.00 27.73  ? 94  ASN A C   1 
ATOM   703  O  O   . ASN A 1 94  ? 10.904  -5.694  10.668  1.00 25.61  ? 94  ASN A O   1 
ATOM   704  C  CB  . ASN A 1 94  ? 12.917  -3.319  11.418  1.00 28.70  ? 94  ASN A CB  1 
ATOM   705  C  CG  . ASN A 1 94  ? 13.351  -2.117  12.236  1.00 31.76  ? 94  ASN A CG  1 
ATOM   706  O  OD1 . ASN A 1 94  ? 12.885  -1.008  12.041  1.00 31.21  ? 94  ASN A OD1 1 
ATOM   707  N  ND2 . ASN A 1 94  ? 14.262  -2.339  13.142  1.00 33.10  ? 94  ASN A ND2 1 
ATOM   708  N  N   . GLY A 1 95  ? 11.000  -4.153  8.985   1.00 25.39  ? 95  GLY A N   1 
ATOM   709  C  CA  . GLY A 1 95  ? 10.791  -5.074  7.853   1.00 23.88  ? 95  GLY A CA  1 
ATOM   710  C  C   . GLY A 1 95  ? 11.159  -4.343  6.571   1.00 23.30  ? 95  GLY A C   1 
ATOM   711  O  O   . GLY A 1 95  ? 11.212  -3.090  6.532   1.00 25.58  ? 95  GLY A O   1 
ATOM   712  N  N   . TRP A 1 96  ? 11.463  -5.132  5.555   1.00 23.61  ? 96  TRP A N   1 
ATOM   713  C  CA  . TRP A 1 96  ? 11.748  -4.690  4.194   1.00 27.12  ? 96  TRP A CA  1 
ATOM   714  C  C   . TRP A 1 96  ? 10.475  -4.226  3.465   1.00 27.09  ? 96  TRP A C   1 
ATOM   715  O  O   . TRP A 1 96  ? 9.455   -4.924  3.473   1.00 22.69  ? 96  TRP A O   1 
ATOM   716  C  CB  . TRP A 1 96  ? 12.345  -5.873  3.384   1.00 28.05  ? 96  TRP A CB  1 
ATOM   717  C  CG  . TRP A 1 96  ? 13.759  -6.236  3.829   1.00 34.93  ? 96  TRP A CG  1 
ATOM   718  C  CD1 . TRP A 1 96  ? 14.147  -7.342  4.583   1.00 30.13  ? 96  TRP A CD1 1 
ATOM   719  C  CD2 . TRP A 1 96  ? 14.966  -5.466  3.597   1.00 31.60  ? 96  TRP A CD2 1 
ATOM   720  N  NE1 . TRP A 1 96  ? 15.496  -7.300  4.795   1.00 30.32  ? 96  TRP A NE1 1 
ATOM   721  C  CE2 . TRP A 1 96  ? 16.034  -6.179  4.213   1.00 31.19  ? 96  TRP A CE2 1 
ATOM   722  C  CE3 . TRP A 1 96  ? 15.250  -4.265  2.905   1.00 27.76  ? 96  TRP A CE3 1 
ATOM   723  C  CZ2 . TRP A 1 96  ? 17.359  -5.721  4.176   1.00 25.74  ? 96  TRP A CZ2 1 
ATOM   724  C  CZ3 . TRP A 1 96  ? 16.545  -3.825  2.866   1.00 25.43  ? 96  TRP A CZ3 1 
ATOM   725  C  CH2 . TRP A 1 96  ? 17.593  -4.547  3.493   1.00 24.15  ? 96  TRP A CH2 1 
ATOM   726  N  N   . GLU A 1 97  ? 10.581  -3.082  2.804   1.00 25.43  ? 97  GLU A N   1 
ATOM   727  C  CA  . GLU A 1 97  ? 9.554   -2.588  1.918   1.00 26.61  ? 97  GLU A CA  1 
ATOM   728  C  C   . GLU A 1 97  ? 10.215  -2.182  0.617   1.00 27.89  ? 97  GLU A C   1 
ATOM   729  O  O   . GLU A 1 97  ? 11.368  -1.696  0.621   1.00 27.12  ? 97  GLU A O   1 
ATOM   730  C  CB  . GLU A 1 97  ? 8.816   -1.377  2.550   1.00 22.88  ? 97  GLU A CB  1 
ATOM   731  C  CG  . GLU A 1 97  ? 8.090   -1.783  3.847   1.00 20.94  ? 97  GLU A CG  1 
ATOM   732  C  CD  . GLU A 1 97  ? 7.255   -0.675  4.452   1.00 23.98  ? 97  GLU A CD  1 
ATOM   733  O  OE1 . GLU A 1 97  ? 6.763   0.275   3.743   1.00 23.19  ? 97  GLU A OE1 1 
ATOM   734  O  OE2 . GLU A 1 97  ? 7.093   -0.723  5.674   1.00 25.66  ? 97  GLU A OE2 1 
ATOM   735  N  N   . GLY A 1 98  ? 9.483   -2.399  -0.483  1.00 26.09  ? 98  GLY A N   1 
ATOM   736  C  CA  . GLY A 1 98  ? 9.701   -1.682  -1.754  1.00 26.48  ? 98  GLY A CA  1 
ATOM   737  C  C   . GLY A 1 98  ? 8.404   -1.043  -2.198  1.00 28.03  ? 98  GLY A C   1 
ATOM   738  O  O   . GLY A 1 98  ? 7.421   -1.012  -1.460  1.00 28.05  ? 98  GLY A O   1 
ATOM   739  N  N   . CYS A 1 99  ? 8.379   -0.520  -3.418  1.00 28.40  ? 99  CYS A N   1 
ATOM   740  C  CA  . CYS A 1 99  ? 7.255   0.265   -3.852  1.00 25.35  ? 99  CYS A CA  1 
ATOM   741  C  C   . CYS A 1 99  ? 7.308   0.289   -5.363  1.00 25.23  ? 99  CYS A C   1 
ATOM   742  O  O   . CYS A 1 99  ? 8.326   0.659   -5.927  1.00 25.99  ? 99  CYS A O   1 
ATOM   743  C  CB  . CYS A 1 99  ? 7.322   1.712   -3.286  1.00 28.55  ? 99  CYS A CB  1 
ATOM   744  S  SG  . CYS A 1 99  ? 5.762   2.660   -3.531  1.00 26.39  ? 99  CYS A SG  1 
ATOM   745  N  N   . LEU A 1 100 ? 6.159   0.078   -6.017  1.00 27.43  ? 100 LEU A N   1 
ATOM   746  C  CA  . LEU A 1 100 ? 6.102   0.141   -7.507  1.00 27.20  ? 100 LEU A CA  1 
ATOM   747  C  C   . LEU A 1 100 ? 6.398   1.504   -8.117  1.00 25.50  ? 100 LEU A C   1 
ATOM   748  O  O   . LEU A 1 100 ? 6.706   1.545   -9.278  1.00 28.83  ? 100 LEU A O   1 
ATOM   749  C  CB  . LEU A 1 100 ? 4.783   -0.413  -8.074  1.00 25.98  ? 100 LEU A CB  1 
ATOM   750  C  CG  . LEU A 1 100 ? 4.330   -1.668  -7.389  1.00 26.51  ? 100 LEU A CG  1 
ATOM   751  C  CD1 . LEU A 1 100 ? 2.854   -1.936  -7.720  1.00 23.58  ? 100 LEU A CD1 1 
ATOM   752  C  CD2 . LEU A 1 100 ? 5.329   -2.717  -7.869  1.00 22.81  ? 100 LEU A CD2 1 
ATOM   753  N  N   . SER A 1 101 ? 6.307   2.588   -7.347  1.00 25.74  ? 101 SER A N   1 
ATOM   754  C  CA  . SER A 1 101 ? 6.669   3.930   -7.814  1.00 24.99  ? 101 SER A CA  1 
ATOM   755  C  C   . SER A 1 101 ? 8.157   4.199   -7.587  1.00 26.29  ? 101 SER A C   1 
ATOM   756  O  O   . SER A 1 101 ? 8.674   5.217   -8.075  1.00 25.17  ? 101 SER A O   1 
ATOM   757  C  CB  . SER A 1 101 ? 5.828   5.013   -7.104  1.00 25.66  ? 101 SER A CB  1 
ATOM   758  O  OG  . SER A 1 101 ? 4.427   4.732   -7.245  1.00 27.64  ? 101 SER A OG  1 
ATOM   759  N  N   . ILE A 1 102 ? 8.844   3.281   -6.877  1.00 23.86  ? 102 ILE A N   1 
ATOM   760  C  CA  . ILE A 1 102 ? 10.305  3.428   -6.650  1.00 27.52  ? 102 ILE A CA  1 
ATOM   761  C  C   . ILE A 1 102 ? 11.006  2.120   -7.087  1.00 27.23  ? 102 ILE A C   1 
ATOM   762  O  O   . ILE A 1 102 ? 11.511  1.369   -6.215  1.00 25.84  ? 102 ILE A O   1 
ATOM   763  C  CB  . ILE A 1 102 ? 10.667  3.672   -5.148  1.00 26.40  ? 102 ILE A CB  1 
ATOM   764  C  CG1 . ILE A 1 102 ? 9.751   4.730   -4.471  1.00 24.26  ? 102 ILE A CG1 1 
ATOM   765  C  CG2 . ILE A 1 102 ? 12.146  4.036   -5.006  1.00 25.02  ? 102 ILE A CG2 1 
ATOM   766  C  CD1 . ILE A 1 102 ? 9.813   4.691   -2.944  1.00 23.16  ? 102 ILE A CD1 1 
ATOM   767  N  N   . PRO A 1 103 ? 11.001  1.828   -8.404  1.00 26.54  ? 103 PRO A N   1 
ATOM   768  C  CA  . PRO A 1 103 ? 11.355  0.466   -8.927  1.00 25.00  ? 103 PRO A CA  1 
ATOM   769  C  C   . PRO A 1 103 ? 12.819  0.105   -8.656  1.00 28.34  ? 103 PRO A C   1 
ATOM   770  O  O   . PRO A 1 103 ? 13.679  0.961   -8.727  1.00 29.24  ? 103 PRO A O   1 
ATOM   771  C  CB  . PRO A 1 103 ? 11.145  0.581   -10.459 1.00 23.13  ? 103 PRO A CB  1 
ATOM   772  C  CG  . PRO A 1 103 ? 10.928  2.048   -10.792 1.00 22.63  ? 103 PRO A CG  1 
ATOM   773  C  CD  . PRO A 1 103 ? 10.551  2.763   -9.479  1.00 24.98  ? 103 PRO A CD  1 
ATOM   774  N  N   . GLY A 1 104 ? 13.104  -1.147  -8.309  1.00 28.48  ? 104 GLY A N   1 
ATOM   775  C  CA  . GLY A 1 104 ? 14.479  -1.565  -8.160  1.00 30.49  ? 104 GLY A CA  1 
ATOM   776  C  C   . GLY A 1 104 ? 15.073  -1.410  -6.759  1.00 33.55  ? 104 GLY A C   1 
ATOM   777  O  O   . GLY A 1 104 ? 16.160  -1.930  -6.497  1.00 35.92  ? 104 GLY A O   1 
ATOM   778  N  N   . LEU A 1 105 ? 14.388  -0.701  -5.862  1.00 27.40  ? 105 LEU A N   1 
ATOM   779  C  CA  . LEU A 1 105 ? 14.978  -0.366  -4.551  1.00 27.53  ? 105 LEU A CA  1 
ATOM   780  C  C   . LEU A 1 105 ? 14.168  -0.948  -3.421  1.00 27.12  ? 105 LEU A C   1 
ATOM   781  O  O   . LEU A 1 105 ? 12.997  -1.325  -3.586  1.00 31.95  ? 105 LEU A O   1 
ATOM   782  C  CB  . LEU A 1 105 ? 15.165  1.154   -4.359  1.00 27.73  ? 105 LEU A CB  1 
ATOM   783  C  CG  . LEU A 1 105 ? 16.180  1.908   -5.257  1.00 30.38  ? 105 LEU A CG  1 
ATOM   784  C  CD1 . LEU A 1 105 ? 15.723  3.302   -5.487  1.00 29.90  ? 105 LEU A CD1 1 
ATOM   785  C  CD2 . LEU A 1 105 ? 17.550  2.032   -4.596  1.00 35.12  ? 105 LEU A CD2 1 
ATOM   786  N  N   . ARG A 1 106 ? 14.811  -1.122  -2.286  1.00 26.99  ? 106 ARG A N   1 
ATOM   787  C  CA  . ARG A 1 106 ? 14.121  -1.514  -1.081  1.00 30.02  ? 106 ARG A CA  1 
ATOM   788  C  C   . ARG A 1 106 ? 14.873  -0.956  0.156   1.00 28.36  ? 106 ARG A C   1 
ATOM   789  O  O   . ARG A 1 106 ? 15.993  -0.455  0.032   1.00 28.80  ? 106 ARG A O   1 
ATOM   790  C  CB  . ARG A 1 106 ? 13.769  -3.005  -1.075  1.00 28.59  ? 106 ARG A CB  1 
ATOM   791  C  CG  . ARG A 1 106 ? 14.922  -3.882  -0.782  1.00 35.80  ? 106 ARG A CG  1 
ATOM   792  C  CD  . ARG A 1 106 ? 14.769  -5.345  -1.210  1.00 38.26  ? 106 ARG A CD  1 
ATOM   793  N  NE  . ARG A 1 106 ? 15.579  -6.084  -0.243  1.00 51.72  ? 106 ARG A NE  1 
ATOM   794  C  CZ  . ARG A 1 106 ? 16.710  -6.759  -0.466  1.00 51.71  ? 106 ARG A CZ  1 
ATOM   795  N  NH1 . ARG A 1 106 ? 17.213  -6.924  -1.680  1.00 58.43  ? 106 ARG A NH1 1 
ATOM   796  N  NH2 . ARG A 1 106 ? 17.325  -7.324  0.561   1.00 43.37  ? 106 ARG A NH2 1 
ATOM   797  N  N   . ALA A 1 107 ? 14.197  -0.896  1.302   1.00 26.39  ? 107 ALA A N   1 
ATOM   798  C  CA  . ALA A 1 107 ? 14.810  -0.441  2.548   1.00 24.10  ? 107 ALA A CA  1 
ATOM   799  C  C   . ALA A 1 107 ? 14.092  -1.133  3.696   1.00 24.79  ? 107 ALA A C   1 
ATOM   800  O  O   . ALA A 1 107 ? 13.008  -1.772  3.479   1.00 22.47  ? 107 ALA A O   1 
ATOM   801  C  CB  . ALA A 1 107 ? 14.778  1.084   2.682   1.00 22.61  ? 107 ALA A CB  1 
ATOM   802  N  N   . VAL A 1 108 ? 14.713  -1.087  4.886   1.00 22.06  ? 108 VAL A N   1 
ATOM   803  C  CA  . VAL A 1 108 ? 14.085  -1.576  6.106   1.00 21.81  ? 108 VAL A CA  1 
ATOM   804  C  C   . VAL A 1 108 ? 13.330  -0.368  6.740   1.00 23.67  ? 108 VAL A C   1 
ATOM   805  O  O   . VAL A 1 108 ? 13.883  0.726   6.835   1.00 22.00  ? 108 VAL A O   1 
ATOM   806  C  CB  . VAL A 1 108 ? 15.146  -2.147  7.090   1.00 23.36  ? 108 VAL A CB  1 
ATOM   807  C  CG1 . VAL A 1 108 ? 14.559  -2.411  8.470   1.00 19.42  ? 108 VAL A CG1 1 
ATOM   808  C  CG2 . VAL A 1 108 ? 15.812  -3.385  6.500   1.00 24.06  ? 108 VAL A CG2 1 
ATOM   809  N  N   . ILE A 1 109 ? 12.076  -0.568  7.173   1.00 22.29  ? 109 ILE A N   1 
ATOM   810  C  CA  . ILE A 1 109 ? 11.222  0.542   7.583   1.00 19.68  ? 109 ILE A CA  1 
ATOM   811  C  C   . ILE A 1 109 ? 10.537  0.113   8.848   1.00 21.32  ? 109 ILE A C   1 
ATOM   812  O  O   . ILE A 1 109 ? 10.031  -1.019  8.908   1.00 22.45  ? 109 ILE A O   1 
ATOM   813  C  CB  . ILE A 1 109 ? 10.105  0.777   6.516   1.00 19.55  ? 109 ILE A CB  1 
ATOM   814  C  CG1 . ILE A 1 109 ? 10.715  0.979   5.119   1.00 20.54  ? 109 ILE A CG1 1 
ATOM   815  C  CG2 . ILE A 1 109 ? 9.212   1.948   6.885   1.00 17.25  ? 109 ILE A CG2 1 
ATOM   816  C  CD1 . ILE A 1 109 ? 11.512  2.290   4.986   1.00 21.61  ? 109 ILE A CD1 1 
ATOM   817  N  N   . PRO A 1 110 ? 10.532  0.969   9.890   1.00 22.55  ? 110 PRO A N   1 
ATOM   818  C  CA  . PRO A 1 110 ? 9.768   0.541   11.052  1.00 24.10  ? 110 PRO A CA  1 
ATOM   819  C  C   . PRO A 1 110 ? 8.257   0.895   10.896  1.00 25.68  ? 110 PRO A C   1 
ATOM   820  O  O   . PRO A 1 110 ? 7.941   1.982   10.419  1.00 28.85  ? 110 PRO A O   1 
ATOM   821  C  CB  . PRO A 1 110 ? 10.410  1.361   12.181  1.00 23.53  ? 110 PRO A CB  1 
ATOM   822  C  CG  . PRO A 1 110 ? 10.758  2.618   11.531  1.00 24.10  ? 110 PRO A CG  1 
ATOM   823  C  CD  . PRO A 1 110 ? 11.228  2.249   10.140  1.00 22.97  ? 110 PRO A CD  1 
ATOM   824  N  N   . ARG A 1 111 ? 7.358   -0.003  11.286  1.00 24.04  ? 111 ARG A N   1 
ATOM   825  C  CA  . ARG A 1 111 ? 5.901   0.223   11.225  1.00 25.12  ? 111 ARG A CA  1 
ATOM   826  C  C   . ARG A 1 111 ? 5.283   -0.342  12.510  1.00 25.85  ? 111 ARG A C   1 
ATOM   827  O  O   . ARG A 1 111 ? 5.925   -1.133  13.180  1.00 24.38  ? 111 ARG A O   1 
ATOM   828  C  CB  . ARG A 1 111 ? 5.276   -0.532  10.031  1.00 25.33  ? 111 ARG A CB  1 
ATOM   829  C  CG  . ARG A 1 111 ? 5.755   -0.140  8.624   1.00 24.62  ? 111 ARG A CG  1 
ATOM   830  C  CD  . ARG A 1 111 ? 5.146   1.160   8.130   1.00 21.98  ? 111 ARG A CD  1 
ATOM   831  N  NE  . ARG A 1 111 ? 5.544   1.372   6.761   1.00 21.56  ? 111 ARG A NE  1 
ATOM   832  C  CZ  . ARG A 1 111 ? 5.304   2.485   6.078   1.00 22.13  ? 111 ARG A CZ  1 
ATOM   833  N  NH1 . ARG A 1 111 ? 4.623   3.476   6.641   1.00 21.82  ? 111 ARG A NH1 1 
ATOM   834  N  NH2 . ARG A 1 111 ? 5.727   2.597   4.825   1.00 21.46  ? 111 ARG A NH2 1 
ATOM   835  N  N   . TYR A 1 112 ? 4.055   0.051   12.875  1.00 26.48  ? 112 TYR A N   1 
ATOM   836  C  CA  . TYR A 1 112 ? 3.404   -0.620  14.001  1.00 27.94  ? 112 TYR A CA  1 
ATOM   837  C  C   . TYR A 1 112 ? 3.198   -2.083  13.731  1.00 28.43  ? 112 TYR A C   1 
ATOM   838  O  O   . TYR A 1 112 ? 2.795   -2.434  12.642  1.00 29.78  ? 112 TYR A O   1 
ATOM   839  C  CB  . TYR A 1 112 ? 2.081   0.008   14.309  1.00 29.45  ? 112 TYR A CB  1 
ATOM   840  C  CG  . TYR A 1 112 ? 2.239   1.404   14.831  1.00 28.11  ? 112 TYR A CG  1 
ATOM   841  C  CD1 . TYR A 1 112 ? 2.586   1.632   16.200  1.00 27.36  ? 112 TYR A CD1 1 
ATOM   842  C  CD2 . TYR A 1 112 ? 2.052   2.493   13.992  1.00 29.91  ? 112 TYR A CD2 1 
ATOM   843  C  CE1 . TYR A 1 112 ? 2.735   2.910   16.696  1.00 29.69  ? 112 TYR A CE1 1 
ATOM   844  C  CE2 . TYR A 1 112 ? 2.213   3.799   14.466  1.00 32.04  ? 112 TYR A CE2 1 
ATOM   845  C  CZ  . TYR A 1 112 ? 2.552   4.004   15.807  1.00 34.09  ? 112 TYR A CZ  1 
ATOM   846  O  OH  . TYR A 1 112 ? 2.696   5.289   16.277  1.00 35.73  ? 112 TYR A OH  1 
ATOM   847  N  N   . ARG A 1 113 ? 3.488   -2.941  14.708  1.00 30.31  ? 113 ARG A N   1 
ATOM   848  C  CA  . ARG A 1 113 ? 3.243   -4.369  14.538  1.00 30.76  ? 113 ARG A CA  1 
ATOM   849  C  C   . ARG A 1 113 ? 1.723   -4.639  14.484  1.00 29.05  ? 113 ARG A C   1 
ATOM   850  O  O   . ARG A 1 113 ? 1.292   -5.506  13.747  1.00 30.16  ? 113 ARG A O   1 
ATOM   851  C  CB  . ARG A 1 113 ? 4.020   -5.240  15.590  1.00 33.09  ? 113 ARG A CB  1 
ATOM   852  C  CG  . ARG A 1 113 ? 3.418   -6.630  15.819  1.00 46.23  ? 113 ARG A CG  1 
ATOM   853  C  CD  . ARG A 1 113 ? 4.302   -7.846  16.140  1.00 55.25  ? 113 ARG A CD  1 
ATOM   854  N  NE  . ARG A 1 113 ? 4.734   -8.688  14.967  1.00 68.82  ? 113 ARG A NE  1 
ATOM   855  C  CZ  . ARG A 1 113 ? 4.057   -9.673  14.321  1.00 61.83  ? 113 ARG A CZ  1 
ATOM   856  N  NH1 . ARG A 1 113 ? 2.805   -10.023 14.616  1.00 57.90  ? 113 ARG A NH1 1 
ATOM   857  N  NH2 . ARG A 1 113 ? 4.654   -10.309 13.312  1.00 65.02  ? 113 ARG A NH2 1 
ATOM   858  N  N   . TYR A 1 114 ? 0.929   -3.885  15.261  1.00 28.79  ? 114 TYR A N   1 
ATOM   859  C  CA  . TYR A 1 114 ? -0.514  -4.090  15.425  1.00 28.89  ? 114 TYR A CA  1 
ATOM   860  C  C   . TYR A 1 114 ? -1.294  -2.846  15.112  1.00 27.43  ? 114 TYR A C   1 
ATOM   861  O  O   . TYR A 1 114 ? -1.041  -1.806  15.723  1.00 25.62  ? 114 TYR A O   1 
ATOM   862  C  CB  . TYR A 1 114 ? -0.899  -4.532  16.864  1.00 30.15  ? 114 TYR A CB  1 
ATOM   863  C  CG  . TYR A 1 114 ? -0.201  -5.771  17.275  1.00 37.00  ? 114 TYR A CG  1 
ATOM   864  C  CD1 . TYR A 1 114 ? 0.929   -5.734  18.103  1.00 44.96  ? 114 TYR A CD1 1 
ATOM   865  C  CD2 . TYR A 1 114 ? -0.605  -6.998  16.797  1.00 39.50  ? 114 TYR A CD2 1 
ATOM   866  C  CE1 . TYR A 1 114 ? 1.610   -6.902  18.447  1.00 45.96  ? 114 TYR A CE1 1 
ATOM   867  C  CE2 . TYR A 1 114 ? 0.051   -8.156  17.158  1.00 39.37  ? 114 TYR A CE2 1 
ATOM   868  C  CZ  . TYR A 1 114 ? 1.155   -8.096  17.960  1.00 41.13  ? 114 TYR A CZ  1 
ATOM   869  O  OH  . TYR A 1 114 ? 1.761   -9.253  18.265  1.00 46.67  ? 114 TYR A OH  1 
ATOM   870  N  N   . ILE A 1 115 ? -2.300  -2.982  14.233  1.00 24.33  ? 115 ILE A N   1 
ATOM   871  C  CA  . ILE A 1 115 ? -3.213  -1.907  13.964  1.00 23.14  ? 115 ILE A CA  1 
ATOM   872  C  C   . ILE A 1 115 ? -4.672  -2.380  13.867  1.00 24.63  ? 115 ILE A C   1 
ATOM   873  O  O   . ILE A 1 115 ? -4.961  -3.588  13.770  1.00 26.08  ? 115 ILE A O   1 
ATOM   874  C  CB  . ILE A 1 115 ? -2.853  -1.139  12.667  1.00 23.05  ? 115 ILE A CB  1 
ATOM   875  C  CG1 . ILE A 1 115 ? -3.060  -2.046  11.452  1.00 21.25  ? 115 ILE A CG1 1 
ATOM   876  C  CG2 . ILE A 1 115 ? -1.417  -0.596  12.696  1.00 27.08  ? 115 ILE A CG2 1 
ATOM   877  C  CD1 . ILE A 1 115 ? -2.705  -1.373  10.157  1.00 21.69  ? 115 ILE A CD1 1 
ATOM   878  N  N   . ARG A 1 116 ? -5.584  -1.410  13.864  1.00 22.39  ? 116 ARG A N   1 
ATOM   879  C  CA  . ARG A 1 116 ? -6.892  -1.617  13.312  1.00 23.78  ? 116 ARG A CA  1 
ATOM   880  C  C   . ARG A 1 116 ? -6.998  -0.663  12.141  1.00 26.30  ? 116 ARG A C   1 
ATOM   881  O  O   . ARG A 1 116 ? -6.570  0.517   12.219  1.00 24.50  ? 116 ARG A O   1 
ATOM   882  C  CB  . ARG A 1 116 ? -8.023  -1.265  14.328  1.00 27.17  ? 116 ARG A CB  1 
ATOM   883  C  CG  . ARG A 1 116 ? -9.434  -1.598  13.823  1.00 30.13  ? 116 ARG A CG  1 
ATOM   884  C  CD  . ARG A 1 116 ? -10.515 -1.267  14.859  1.00 30.78  ? 116 ARG A CD  1 
ATOM   885  N  NE  . ARG A 1 116 ? -10.444 -2.099  16.069  1.00 27.91  ? 116 ARG A NE  1 
ATOM   886  C  CZ  . ARG A 1 116 ? -10.077 -1.601  17.261  1.00 28.03  ? 116 ARG A CZ  1 
ATOM   887  N  NH1 . ARG A 1 116 ? -9.748  -0.322  17.377  1.00 29.81  ? 116 ARG A NH1 1 
ATOM   888  N  NH2 . ARG A 1 116 ? -10.044 -2.355  18.328  1.00 25.89  ? 116 ARG A NH2 1 
ATOM   889  N  N   . TYR A 1 117 ? -7.602  -1.144  11.061  1.00 25.42  ? 117 TYR A N   1 
ATOM   890  C  CA  . TYR A 1 117 ? -7.991  -0.225  9.999   1.00 23.76  ? 117 TYR A CA  1 
ATOM   891  C  C   . TYR A 1 117 ? -9.508  -0.378  9.716   1.00 23.54  ? 117 TYR A C   1 
ATOM   892  O  O   . TYR A 1 117 ? -10.079 -1.463  9.951   1.00 23.91  ? 117 TYR A O   1 
ATOM   893  C  CB  . TYR A 1 117 ? -7.160  -0.457  8.744   1.00 23.92  ? 117 TYR A CB  1 
ATOM   894  C  CG  . TYR A 1 117 ? -7.245  -1.858  8.074   1.00 26.48  ? 117 TYR A CG  1 
ATOM   895  C  CD1 . TYR A 1 117 ? -6.317  -2.856  8.398   1.00 25.97  ? 117 TYR A CD1 1 
ATOM   896  C  CD2 . TYR A 1 117 ? -8.212  -2.158  7.068   1.00 27.67  ? 117 TYR A CD2 1 
ATOM   897  C  CE1 . TYR A 1 117 ? -6.318  -4.102  7.761   1.00 28.06  ? 117 TYR A CE1 1 
ATOM   898  C  CE2 . TYR A 1 117 ? -8.232  -3.406  6.410   1.00 25.34  ? 117 TYR A CE2 1 
ATOM   899  C  CZ  . TYR A 1 117 ? -7.276  -4.361  6.747   1.00 30.01  ? 117 TYR A CZ  1 
ATOM   900  O  OH  . TYR A 1 117 ? -7.251  -5.585  6.160   1.00 29.52  ? 117 TYR A OH  1 
ATOM   901  N  N   . ARG A 1 118 ? -10.112 0.707   9.226   1.00 22.29  ? 118 ARG A N   1 
ATOM   902  C  CA  . ARG A 1 118 ? -11.544 0.836   8.969   1.00 27.73  ? 118 ARG A CA  1 
ATOM   903  C  C   . ARG A 1 118 ? -11.694 1.617   7.661   1.00 28.28  ? 118 ARG A C   1 
ATOM   904  O  O   . ARG A 1 118 ? -10.843 2.449   7.314   1.00 29.93  ? 118 ARG A O   1 
ATOM   905  C  CB  . ARG A 1 118 ? -12.264 1.636   10.076  1.00 28.63  ? 118 ARG A CB  1 
ATOM   906  C  CG  . ARG A 1 118 ? -12.102 1.142   11.505  1.00 32.36  ? 118 ARG A CG  1 
ATOM   907  C  CD  . ARG A 1 118 ? -13.164 1.826   12.399  1.00 44.98  ? 118 ARG A CD  1 
ATOM   908  N  NE  . ARG A 1 118 ? -12.756 2.068   13.798  1.00 53.28  ? 118 ARG A NE  1 
ATOM   909  C  CZ  . ARG A 1 118 ? -13.234 1.433   14.881  1.00 52.30  ? 118 ARG A CZ  1 
ATOM   910  N  NH1 . ARG A 1 118 ? -14.169 0.478   14.720  1.00 48.35  ? 118 ARG A NH1 1 
ATOM   911  N  NH2 . ARG A 1 118 ? -12.802 1.791   16.123  1.00 39.02  ? 118 ARG A NH2 1 
ATOM   912  N  N   . GLY A 1 119 ? -12.776 1.321   6.955   1.00 25.66  ? 119 GLY A N   1 
ATOM   913  C  CA  . GLY A 1 119 ? -13.176 2.047   5.751   1.00 25.33  ? 119 GLY A CA  1 
ATOM   914  C  C   . GLY A 1 119 ? -14.297 1.281   5.094   1.00 23.54  ? 119 GLY A C   1 
ATOM   915  O  O   . GLY A 1 119 ? -15.125 0.645   5.755   1.00 24.78  ? 119 GLY A O   1 
ATOM   916  N  N   . PHE A 1 120 ? -14.330 1.296   3.787   1.00 23.71  ? 120 PHE A N   1 
ATOM   917  C  CA  . PHE A 1 120 ? -15.464 0.704   3.100   1.00 23.18  ? 120 PHE A CA  1 
ATOM   918  C  C   . PHE A 1 120 ? -14.968 -0.115  1.925   1.00 23.31  ? 120 PHE A C   1 
ATOM   919  O  O   . PHE A 1 120 ? -14.100 0.370   1.162   1.00 22.81  ? 120 PHE A O   1 
ATOM   920  C  CB  . PHE A 1 120 ? -16.421 1.852   2.634   1.00 20.43  ? 120 PHE A CB  1 
ATOM   921  C  CG  . PHE A 1 120 ? -17.002 2.631   3.791   1.00 23.14  ? 120 PHE A CG  1 
ATOM   922  C  CD1 . PHE A 1 120 ? -18.106 2.146   4.485   1.00 25.02  ? 120 PHE A CD1 1 
ATOM   923  C  CD2 . PHE A 1 120 ? -16.383 3.792   4.260   1.00 25.31  ? 120 PHE A CD2 1 
ATOM   924  C  CE1 . PHE A 1 120 ? -18.609 2.827   5.600   1.00 27.96  ? 120 PHE A CE1 1 
ATOM   925  C  CE2 . PHE A 1 120 ? -16.829 4.450   5.414   1.00 24.87  ? 120 PHE A CE2 1 
ATOM   926  C  CZ  . PHE A 1 120 ? -17.958 3.967   6.079   1.00 27.53  ? 120 PHE A CZ  1 
ATOM   927  N  N   . ALA A 1 121 ? -15.594 -1.282  1.719   1.00 23.85  ? 121 ALA A N   1 
ATOM   928  C  CA  . ALA A 1 121 ? -15.512 -1.993  0.423   1.00 23.29  ? 121 ALA A CA  1 
ATOM   929  C  C   . ALA A 1 121 ? -16.139 -1.149  -0.698  1.00 26.16  ? 121 ALA A C   1 
ATOM   930  O  O   . ALA A 1 121 ? -16.987 -0.256  -0.438  1.00 28.10  ? 121 ALA A O   1 
ATOM   931  C  CB  . ALA A 1 121 ? -16.154 -3.385  0.478   1.00 20.66  ? 121 ALA A CB  1 
ATOM   932  N  N   . PRO A 1 122 ? -15.727 -1.407  -1.958  1.00 26.22  ? 122 PRO A N   1 
ATOM   933  C  CA  . PRO A 1 122 ? -16.293 -0.613  -3.042  1.00 25.53  ? 122 PRO A CA  1 
ATOM   934  C  C   . PRO A 1 122 ? -17.821 -0.727  -3.175  1.00 24.93  ? 122 PRO A C   1 
ATOM   935  O  O   . PRO A 1 122 ? -18.407 0.153   -3.802  1.00 24.86  ? 122 PRO A O   1 
ATOM   936  C  CB  . PRO A 1 122 ? -15.624 -1.210  -4.286  1.00 23.11  ? 122 PRO A CB  1 
ATOM   937  C  CG  . PRO A 1 122 ? -14.338 -1.738  -3.737  1.00 24.72  ? 122 PRO A CG  1 
ATOM   938  C  CD  . PRO A 1 122 ? -14.713 -2.357  -2.457  1.00 24.15  ? 122 PRO A CD  1 
ATOM   939  N  N   . ASP A 1 123 ? -18.449 -1.779  -2.648  1.00 22.92  ? 123 ASP A N   1 
ATOM   940  C  CA  . ASP A 1 123 ? -19.934 -1.832  -2.681  1.00 27.35  ? 123 ASP A CA  1 
ATOM   941  C  C   . ASP A 1 123 ? -20.543 -1.000  -1.539  1.00 27.22  ? 123 ASP A C   1 
ATOM   942  O  O   . ASP A 1 123 ? -21.759 -0.973  -1.369  1.00 30.21  ? 123 ASP A O   1 
ATOM   943  C  CB  . ASP A 1 123 ? -20.487 -3.291  -2.615  1.00 27.18  ? 123 ASP A CB  1 
ATOM   944  C  CG  . ASP A 1 123 ? -20.177 -3.966  -1.266  1.00 30.99  ? 123 ASP A CG  1 
ATOM   945  O  OD1 . ASP A 1 123 ? -20.622 -5.099  -0.981  1.00 31.79  ? 123 ASP A OD1 1 
ATOM   946  O  OD2 . ASP A 1 123 ? -19.455 -3.344  -0.461  1.00 33.26  ? 123 ASP A OD2 1 
ATOM   947  N  N   . GLY A 1 124 ? -19.713 -0.385  -0.706  1.00 26.40  ? 124 GLY A N   1 
ATOM   948  C  CA  . GLY A 1 124 ? -20.227 0.391   0.411   1.00 23.23  ? 124 GLY A CA  1 
ATOM   949  C  C   . GLY A 1 124 ? -20.369 -0.346  1.725   1.00 24.73  ? 124 GLY A C   1 
ATOM   950  O  O   . GLY A 1 124 ? -20.725 0.257   2.724   1.00 22.41  ? 124 GLY A O   1 
ATOM   951  N  N   . SER A 1 125 ? -20.125 -1.653  1.770   1.00 26.14  ? 125 SER A N   1 
ATOM   952  C  CA  . SER A 1 125 ? -20.196 -2.261  3.091   1.00 31.95  ? 125 SER A CA  1 
ATOM   953  C  C   . SER A 1 125 ? -18.956 -1.884  3.857   1.00 32.26  ? 125 SER A C   1 
ATOM   954  O  O   . SER A 1 125 ? -17.922 -1.704  3.275   1.00 32.12  ? 125 SER A O   1 
ATOM   955  C  CB  . SER A 1 125 ? -20.466 -3.777  3.086   1.00 32.00  ? 125 SER A CB  1 
ATOM   956  O  OG  . SER A 1 125 ? -19.734 -4.387  2.088   1.00 33.93  ? 125 SER A OG  1 
ATOM   957  N  N   . PRO A 1 126 ? -19.090 -1.707  5.177   1.00 38.41  ? 126 PRO A N   1 
ATOM   958  C  CA  . PRO A 1 126 ? -17.979 -1.242  5.977   1.00 34.40  ? 126 PRO A CA  1 
ATOM   959  C  C   . PRO A 1 126 ? -16.978 -2.369  6.172   1.00 36.42  ? 126 PRO A C   1 
ATOM   960  O  O   . PRO A 1 126 ? -17.350 -3.549  6.120   1.00 34.83  ? 126 PRO A O   1 
ATOM   961  C  CB  . PRO A 1 126 ? -18.638 -0.888  7.321   1.00 35.79  ? 126 PRO A CB  1 
ATOM   962  C  CG  . PRO A 1 126 ? -19.795 -1.829  7.415   1.00 39.07  ? 126 PRO A CG  1 
ATOM   963  C  CD  . PRO A 1 126 ? -20.314 -1.911  5.990   1.00 37.98  ? 126 PRO A CD  1 
ATOM   964  N  N   . ILE A 1 127 ? -15.723 -1.994  6.418   1.00 31.33  ? 127 ILE A N   1 
ATOM   965  C  CA  . ILE A 1 127 ? -14.672 -2.938  6.668   1.00 30.94  ? 127 ILE A CA  1 
ATOM   966  C  C   . ILE A 1 127 ? -14.014 -2.420  7.957   1.00 28.38  ? 127 ILE A C   1 
ATOM   967  O  O   . ILE A 1 127 ? -13.649 -1.218  8.039   1.00 27.92  ? 127 ILE A O   1 
ATOM   968  C  CB  . ILE A 1 127 ? -13.602 -2.904  5.524   1.00 28.94  ? 127 ILE A CB  1 
ATOM   969  C  CG1 . ILE A 1 127 ? -14.102 -3.564  4.241   1.00 30.28  ? 127 ILE A CG1 1 
ATOM   970  C  CG2 . ILE A 1 127 ? -12.277 -3.529  6.023   1.00 30.71  ? 127 ILE A CG2 1 
ATOM   971  C  CD1 . ILE A 1 127 ? -13.168 -3.395  3.051   1.00 28.00  ? 127 ILE A CD1 1 
ATOM   972  N  N   . GLU A 1 128 ? -13.870 -3.295  8.953   1.00 27.65  ? 128 GLU A N   1 
ATOM   973  C  CA  . GLU A 1 128 ? -12.922 -3.033  10.022  1.00 27.12  ? 128 GLU A CA  1 
ATOM   974  C  C   . GLU A 1 128 ? -12.189 -4.259  10.392  1.00 27.95  ? 128 GLU A C   1 
ATOM   975  O  O   . GLU A 1 128 ? -12.809 -5.303  10.605  1.00 24.24  ? 128 GLU A O   1 
ATOM   976  C  CB  . GLU A 1 128 ? -13.513 -2.306  11.258  1.00 33.04  ? 128 GLU A CB  1 
ATOM   977  C  CG  . GLU A 1 128 ? -14.556 -3.011  12.102  1.00 34.42  ? 128 GLU A CG  1 
ATOM   978  C  CD  . GLU A 1 128 ? -13.988 -3.985  13.136  1.00 37.25  ? 128 GLU A CD  1 
ATOM   979  O  OE1 . GLU A 1 128 ? -12.764 -3.976  13.538  1.00 27.85  ? 128 GLU A OE1 1 
ATOM   980  O  OE2 . GLU A 1 128 ? -14.836 -4.790  13.572  1.00 39.03  ? 128 GLU A OE2 1 
ATOM   981  N  N   . ARG A 1 129 ? -10.859 -4.138  10.474  1.00 26.14  ? 129 ARG A N   1 
ATOM   982  C  CA  . ARG A 1 129 ? -10.046 -5.303  10.848  1.00 27.72  ? 129 ARG A CA  1 
ATOM   983  C  C   . ARG A 1 129 ? -8.887  -4.968  11.765  1.00 27.61  ? 129 ARG A C   1 
ATOM   984  O  O   . ARG A 1 129 ? -8.267  -3.905  11.658  1.00 29.65  ? 129 ARG A O   1 
ATOM   985  C  CB  . ARG A 1 129 ? -9.462  -5.995  9.596   1.00 28.91  ? 129 ARG A CB  1 
ATOM   986  C  CG  . ARG A 1 129 ? -10.491 -6.639  8.657   1.00 30.88  ? 129 ARG A CG  1 
ATOM   987  C  CD  . ARG A 1 129 ? -9.804  -6.840  7.301   1.00 31.30  ? 129 ARG A CD  1 
ATOM   988  N  NE  . ARG A 1 129 ? -10.649 -7.432  6.251   1.00 32.92  ? 129 ARG A NE  1 
ATOM   989  C  CZ  . ARG A 1 129 ? -10.310 -7.524  4.958   1.00 31.21  ? 129 ARG A CZ  1 
ATOM   990  N  NH1 . ARG A 1 129 ? -9.163  -7.042  4.440   1.00 27.61  ? 129 ARG A NH1 1 
ATOM   991  N  NH2 . ARG A 1 129 ? -11.146 -8.065  4.144   1.00 31.90  ? 129 ARG A NH2 1 
ATOM   992  N  N   . GLU A 1 130 ? -8.559  -5.907  12.641  1.00 25.93  ? 130 GLU A N   1 
ATOM   993  C  CA  . GLU A 1 130 ? -7.253  -5.855  13.244  1.00 28.99  ? 130 GLU A CA  1 
ATOM   994  C  C   . GLU A 1 130 ? -6.288  -6.577  12.312  1.00 31.35  ? 130 GLU A C   1 
ATOM   995  O  O   . GLU A 1 130 ? -6.639  -7.600  11.683  1.00 28.53  ? 130 GLU A O   1 
ATOM   996  C  CB  . GLU A 1 130 ? -7.218  -6.461  14.641  1.00 23.09  ? 130 GLU A CB  1 
ATOM   997  C  CG  . GLU A 1 130 ? -8.078  -5.678  15.582  1.00 21.26  ? 130 GLU A CG  1 
ATOM   998  C  CD  . GLU A 1 130 ? -9.530  -6.086  15.376  1.00 24.55  ? 130 GLU A CD  1 
ATOM   999  O  OE1 . GLU A 1 130 ? -9.786  -7.327  15.300  1.00 24.87  ? 130 GLU A OE1 1 
ATOM   1000 O  OE2 . GLU A 1 130 ? -10.369 -5.170  15.255  1.00 23.16  ? 130 GLU A OE2 1 
ATOM   1001 N  N   . ALA A 1 131 ? -5.100  -5.998  12.214  1.00 28.82  ? 131 ALA A N   1 
ATOM   1002 C  CA  . ALA A 1 131 ? -4.065  -6.566  11.411  1.00 28.51  ? 131 ALA A CA  1 
ATOM   1003 C  C   . ALA A 1 131 ? -2.754  -6.573  12.226  1.00 28.42  ? 131 ALA A C   1 
ATOM   1004 O  O   . ALA A 1 131 ? -2.503  -5.674  13.035  1.00 26.59  ? 131 ALA A O   1 
ATOM   1005 C  CB  . ALA A 1 131 ? -3.945  -5.741  10.147  1.00 25.02  ? 131 ALA A CB  1 
ATOM   1006 N  N   . GLU A 1 132 ? -1.916  -7.574  12.014  1.00 30.17  ? 132 GLU A N   1 
ATOM   1007 C  CA  . GLU A 1 132 ? -0.598  -7.555  12.615  1.00 29.84  ? 132 GLU A CA  1 
ATOM   1008 C  C   . GLU A 1 132 ? 0.489   -7.808  11.559  1.00 30.39  ? 132 GLU A C   1 
ATOM   1009 O  O   . GLU A 1 132 ? 0.180   -8.290  10.468  1.00 29.15  ? 132 GLU A O   1 
ATOM   1010 C  CB  . GLU A 1 132 ? -0.570  -8.555  13.750  1.00 29.65  ? 132 GLU A CB  1 
ATOM   1011 C  CG  . GLU A 1 132 ? -0.244  -9.949  13.325  1.00 35.69  ? 132 GLU A CG  1 
ATOM   1012 C  CD  . GLU A 1 132 ? -0.603  -10.931 14.435  1.00 43.91  ? 132 GLU A CD  1 
ATOM   1013 O  OE1 . GLU A 1 132 ? 0.140   -11.027 15.448  1.00 42.34  ? 132 GLU A OE1 1 
ATOM   1014 O  OE2 . GLU A 1 132 ? -1.661  -11.589 14.307  1.00 42.82  ? 132 GLU A OE2 1 
ATOM   1015 N  N   . GLY A 1 133 ? 1.756   -7.462  11.842  1.00 27.88  ? 133 GLY A N   1 
ATOM   1016 C  CA  . GLY A 1 133 ? 2.852   -7.912  10.966  1.00 24.02  ? 133 GLY A CA  1 
ATOM   1017 C  C   . GLY A 1 133 ? 2.751   -7.400  9.527   1.00 28.01  ? 133 GLY A C   1 
ATOM   1018 O  O   . GLY A 1 133 ? 2.472   -6.200  9.296   1.00 26.85  ? 133 GLY A O   1 
ATOM   1019 N  N   . PHE A 1 134 ? 2.985   -8.287  8.555   1.00 23.90  ? 134 PHE A N   1 
ATOM   1020 C  CA  . PHE A 1 134 ? 3.066   -7.884  7.143   1.00 24.04  ? 134 PHE A CA  1 
ATOM   1021 C  C   . PHE A 1 134 ? 1.742   -7.238  6.600   1.00 21.82  ? 134 PHE A C   1 
ATOM   1022 O  O   . PHE A 1 134 ? 1.754   -6.216  5.924   1.00 25.02  ? 134 PHE A O   1 
ATOM   1023 C  CB  . PHE A 1 134 ? 3.519   -9.073  6.257   1.00 23.38  ? 134 PHE A CB  1 
ATOM   1024 C  CG  . PHE A 1 134 ? 3.944   -8.630  4.863   1.00 26.50  ? 134 PHE A CG  1 
ATOM   1025 C  CD1 . PHE A 1 134 ? 5.084   -7.881  4.692   1.00 24.47  ? 134 PHE A CD1 1 
ATOM   1026 C  CD2 . PHE A 1 134 ? 3.180   -8.953  3.735   1.00 23.85  ? 134 PHE A CD2 1 
ATOM   1027 C  CE1 . PHE A 1 134 ? 5.466   -7.441  3.407   1.00 29.67  ? 134 PHE A CE1 1 
ATOM   1028 C  CE2 . PHE A 1 134 ? 3.546   -8.514  2.475   1.00 24.08  ? 134 PHE A CE2 1 
ATOM   1029 C  CZ  . PHE A 1 134 ? 4.681   -7.746  2.309   1.00 25.25  ? 134 PHE A CZ  1 
ATOM   1030 N  N   . HIS A 1 135 ? 0.610   -7.831  6.963   1.00 21.57  ? 135 HIS A N   1 
ATOM   1031 C  CA  . HIS A 1 135 ? -0.722  -7.350  6.631   1.00 21.16  ? 135 HIS A CA  1 
ATOM   1032 C  C   . HIS A 1 135 ? -0.854  -5.893  7.078   1.00 21.10  ? 135 HIS A C   1 
ATOM   1033 O  O   . HIS A 1 135 ? -1.182  -4.991  6.280   1.00 21.51  ? 135 HIS A O   1 
ATOM   1034 C  CB  . HIS A 1 135 ? -1.731  -8.301  7.317   1.00 22.96  ? 135 HIS A CB  1 
ATOM   1035 C  CG  . HIS A 1 135 ? -3.185  -7.971  7.063   1.00 26.80  ? 135 HIS A CG  1 
ATOM   1036 N  ND1 . HIS A 1 135 ? -4.204  -8.865  7.352   1.00 27.18  ? 135 HIS A ND1 1 
ATOM   1037 C  CD2 . HIS A 1 135 ? -3.783  -6.864  6.542   1.00 22.60  ? 135 HIS A CD2 1 
ATOM   1038 C  CE1 . HIS A 1 135 ? -5.366  -8.309  7.042   1.00 26.79  ? 135 HIS A CE1 1 
ATOM   1039 N  NE2 . HIS A 1 135 ? -5.134  -7.107  6.536   1.00 27.87  ? 135 HIS A NE2 1 
ATOM   1040 N  N   . ALA A 1 136 ? -0.554  -5.657  8.349   1.00 22.86  ? 136 ALA A N   1 
ATOM   1041 C  CA  . ALA A 1 136 ? -0.479  -4.298  8.926   1.00 25.62  ? 136 ALA A CA  1 
ATOM   1042 C  C   . ALA A 1 136 ? 0.457   -3.336  8.190   1.00 25.75  ? 136 ALA A C   1 
ATOM   1043 O  O   . ALA A 1 136 ? 0.114   -2.145  7.953   1.00 26.70  ? 136 ALA A O   1 
ATOM   1044 C  CB  . ALA A 1 136 ? -0.076  -4.382  10.403  1.00 26.28  ? 136 ALA A CB  1 
ATOM   1045 N  N   . ARG A 1 137 ? 1.645   -3.835  7.867   1.00 22.86  ? 137 ARG A N   1 
ATOM   1046 C  CA  . ARG A 1 137 ? 2.688   -3.036  7.227   1.00 22.56  ? 137 ARG A CA  1 
ATOM   1047 C  C   . ARG A 1 137 ? 2.214   -2.621  5.804   1.00 24.28  ? 137 ARG A C   1 
ATOM   1048 O  O   . ARG A 1 137 ? 2.376   -1.481  5.362   1.00 24.05  ? 137 ARG A O   1 
ATOM   1049 C  CB  . ARG A 1 137 ? 3.993   -3.889  7.167   1.00 23.07  ? 137 ARG A CB  1 
ATOM   1050 C  CG  . ARG A 1 137 ? 4.994   -3.446  6.091   1.00 21.01  ? 137 ARG A CG  1 
ATOM   1051 C  CD  . ARG A 1 137 ? 6.297   -4.215  6.153   1.00 21.71  ? 137 ARG A CD  1 
ATOM   1052 N  NE  . ARG A 1 137 ? 6.749   -4.452  7.519   1.00 23.84  ? 137 ARG A NE  1 
ATOM   1053 C  CZ  . ARG A 1 137 ? 7.548   -3.620  8.191   1.00 22.28  ? 137 ARG A CZ  1 
ATOM   1054 N  NH1 . ARG A 1 137 ? 8.007   -2.541  7.607   1.00 18.69  ? 137 ARG A NH1 1 
ATOM   1055 N  NH2 . ARG A 1 137 ? 7.886   -3.881  9.452   1.00 22.65  ? 137 ARG A NH2 1 
ATOM   1056 N  N   . VAL A 1 138 ? 1.609   -3.562  5.077   1.00 26.78  ? 138 VAL A N   1 
ATOM   1057 C  CA  . VAL A 1 138 ? 1.015   -3.203  3.763   1.00 23.58  ? 138 VAL A CA  1 
ATOM   1058 C  C   . VAL A 1 138 ? 0.018   -2.058  3.863   1.00 21.13  ? 138 VAL A C   1 
ATOM   1059 O  O   . VAL A 1 138 ? 0.128   -1.035  3.118   1.00 21.60  ? 138 VAL A O   1 
ATOM   1060 C  CB  . VAL A 1 138 ? 0.360   -4.425  3.061   1.00 23.81  ? 138 VAL A CB  1 
ATOM   1061 C  CG1 . VAL A 1 138 ? -0.130  -3.953  1.696   1.00 24.02  ? 138 VAL A CG1 1 
ATOM   1062 C  CG2 . VAL A 1 138 ? 1.398   -5.495  2.861   1.00 23.33  ? 138 VAL A CG2 1 
ATOM   1063 N  N   . VAL A 1 139 ? -0.926  -2.195  4.799   1.00 20.43  ? 139 VAL A N   1 
ATOM   1064 C  CA  . VAL A 1 139 ? -1.965  -1.205  4.937   1.00 21.21  ? 139 VAL A CA  1 
ATOM   1065 C  C   . VAL A 1 139 ? -1.415  0.161   5.363   1.00 20.34  ? 139 VAL A C   1 
ATOM   1066 O  O   . VAL A 1 139 ? -1.756  1.193   4.747   1.00 22.32  ? 139 VAL A O   1 
ATOM   1067 C  CB  . VAL A 1 139 ? -3.120  -1.680  5.872   1.00 24.16  ? 139 VAL A CB  1 
ATOM   1068 C  CG1 . VAL A 1 139 ? -4.061  -0.501  6.095   1.00 22.72  ? 139 VAL A CG1 1 
ATOM   1069 C  CG2 . VAL A 1 139 ? -3.871  -2.919  5.255   1.00 19.33  ? 139 VAL A CG2 1 
ATOM   1070 N  N   . GLN A 1 140 ? -0.468  0.181   6.304   1.00 20.52  ? 140 GLN A N   1 
ATOM   1071 C  CA  . GLN A 1 140 ? 0.167   1.449   6.706   1.00 21.83  ? 140 GLN A CA  1 
ATOM   1072 C  C   . GLN A 1 140 ? 0.936   2.088   5.566   1.00 22.74  ? 140 GLN A C   1 
ATOM   1073 O  O   . GLN A 1 140 ? 0.867   3.281   5.326   1.00 25.65  ? 140 GLN A O   1 
ATOM   1074 C  CB  . GLN A 1 140 ? 1.107   1.243   7.890   1.00 21.90  ? 140 GLN A CB  1 
ATOM   1075 C  CG  . GLN A 1 140 ? 0.461   0.804   9.200   1.00 21.45  ? 140 GLN A CG  1 
ATOM   1076 C  CD  . GLN A 1 140 ? 1.515   0.459   10.241  1.00 23.21  ? 140 GLN A CD  1 
ATOM   1077 O  OE1 . GLN A 1 140 ? 2.187   1.365   10.735  1.00 24.82  ? 140 GLN A OE1 1 
ATOM   1078 N  NE2 . GLN A 1 140 ? 1.660   -0.828  10.598  1.00 19.64  ? 140 GLN A NE2 1 
ATOM   1079 N  N   . HIS A 1 141 ? 1.659   1.278   4.835   1.00 22.49  ? 141 HIS A N   1 
ATOM   1080 C  CA  . HIS A 1 141 ? 2.381   1.768   3.654   1.00 23.05  ? 141 HIS A CA  1 
ATOM   1081 C  C   . HIS A 1 141 ? 1.446   2.351   2.564   1.00 23.48  ? 141 HIS A C   1 
ATOM   1082 O  O   . HIS A 1 141 ? 1.759   3.380   1.984   1.00 23.46  ? 141 HIS A O   1 
ATOM   1083 C  CB  . HIS A 1 141 ? 3.161   0.553   3.096   1.00 23.18  ? 141 HIS A CB  1 
ATOM   1084 C  CG  . HIS A 1 141 ? 3.853   0.793   1.800   1.00 25.40  ? 141 HIS A CG  1 
ATOM   1085 N  ND1 . HIS A 1 141 ? 5.224   0.710   1.670   1.00 25.80  ? 141 HIS A ND1 1 
ATOM   1086 C  CD2 . HIS A 1 141 ? 3.371   1.027   0.554   1.00 26.79  ? 141 HIS A CD2 1 
ATOM   1087 C  CE1 . HIS A 1 141 ? 5.560   0.999   0.427   1.00 27.54  ? 141 HIS A CE1 1 
ATOM   1088 N  NE2 . HIS A 1 141 ? 4.456   1.151   -0.278  1.00 26.76  ? 141 HIS A NE2 1 
ATOM   1089 N  N   . GLU A 1 142 ? 0.368   1.637   2.200   1.00 23.48  ? 142 GLU A N   1 
ATOM   1090 C  CA  . GLU A 1 142 ? -0.535  2.144   1.151   1.00 21.67  ? 142 GLU A CA  1 
ATOM   1091 C  C   . GLU A 1 142 ? -1.259  3.343   1.708   1.00 23.69  ? 142 GLU A C   1 
ATOM   1092 O  O   . GLU A 1 142 ? -1.450  4.318   0.993   1.00 26.80  ? 142 GLU A O   1 
ATOM   1093 C  CB  . GLU A 1 142 ? -1.512  1.088   0.638   1.00 22.33  ? 142 GLU A CB  1 
ATOM   1094 C  CG  . GLU A 1 142 ? -0.880  -0.203  0.091   1.00 20.32  ? 142 GLU A CG  1 
ATOM   1095 C  CD  . GLU A 1 142 ? 0.246   0.040   -0.942  1.00 18.98  ? 142 GLU A CD  1 
ATOM   1096 O  OE1 . GLU A 1 142 ? 0.278   1.111   -1.575  1.00 21.06  ? 142 GLU A OE1 1 
ATOM   1097 O  OE2 . GLU A 1 142 ? 1.134   -0.807  -1.165  1.00 21.44  ? 142 GLU A OE2 1 
ATOM   1098 N  N   . TYR A 1 143 ? -1.522  3.361   3.007   1.00 21.86  ? 143 TYR A N   1 
ATOM   1099 C  CA  . TYR A 1 143 ? -2.139  4.549   3.587   1.00 22.45  ? 143 TYR A CA  1 
ATOM   1100 C  C   . TYR A 1 143 ? -1.252  5.795   3.412   1.00 27.29  ? 143 TYR A C   1 
ATOM   1101 O  O   . TYR A 1 143 ? -1.764  6.921   3.089   1.00 23.07  ? 143 TYR A O   1 
ATOM   1102 C  CB  . TYR A 1 143 ? -2.551  4.296   5.059   1.00 24.82  ? 143 TYR A CB  1 
ATOM   1103 C  CG  . TYR A 1 143 ? -3.086  5.524   5.764   1.00 28.22  ? 143 TYR A CG  1 
ATOM   1104 C  CD1 . TYR A 1 143 ? -4.473  5.808   5.730   1.00 30.24  ? 143 TYR A CD1 1 
ATOM   1105 C  CD2 . TYR A 1 143 ? -2.228  6.427   6.445   1.00 28.13  ? 143 TYR A CD2 1 
ATOM   1106 C  CE1 . TYR A 1 143 ? -4.993  6.945   6.326   1.00 33.09  ? 143 TYR A CE1 1 
ATOM   1107 C  CE2 . TYR A 1 143 ? -2.744  7.588   7.053   1.00 30.50  ? 143 TYR A CE2 1 
ATOM   1108 C  CZ  . TYR A 1 143 ? -4.134  7.825   6.987   1.00 35.02  ? 143 TYR A CZ  1 
ATOM   1109 O  OH  . TYR A 1 143 ? -4.733  8.916   7.559   1.00 37.65  ? 143 TYR A OH  1 
ATOM   1110 N  N   . ASP A 1 144 ? 0.075   5.638   3.614   1.00 26.12  ? 144 ASP A N   1 
ATOM   1111 C  CA  . ASP A 1 144 ? 0.958   6.812   3.471   1.00 23.71  ? 144 ASP A CA  1 
ATOM   1112 C  C   . ASP A 1 144 ? 0.801   7.415   2.098   1.00 23.18  ? 144 ASP A C   1 
ATOM   1113 O  O   . ASP A 1 144 ? 0.908   8.636   1.914   1.00 26.07  ? 144 ASP A O   1 
ATOM   1114 C  CB  . ASP A 1 144 ? 2.419   6.403   3.650   1.00 28.45  ? 144 ASP A CB  1 
ATOM   1115 C  CG  . ASP A 1 144 ? 2.888   6.431   5.109   1.00 29.88  ? 144 ASP A CG  1 
ATOM   1116 O  OD1 . ASP A 1 144 ? 2.162   6.947   6.005   1.00 28.04  ? 144 ASP A OD1 1 
ATOM   1117 O  OD2 . ASP A 1 144 ? 4.007   5.906   5.331   1.00 28.69  ? 144 ASP A OD2 1 
ATOM   1118 N  N   . HIS A 1 145 ? 0.592   6.597   1.076   1.00 21.95  ? 145 HIS A N   1 
ATOM   1119 C  CA  . HIS A 1 145 ? 0.286   7.234   -0.255  1.00 23.79  ? 145 HIS A CA  1 
ATOM   1120 C  C   . HIS A 1 145 ? -0.866  8.220   -0.256  1.00 24.12  ? 145 HIS A C   1 
ATOM   1121 O  O   . HIS A 1 145 ? -0.818  9.214   -0.974  1.00 24.26  ? 145 HIS A O   1 
ATOM   1122 C  CB  . HIS A 1 145 ? -0.006  6.180   -1.287  1.00 22.64  ? 145 HIS A CB  1 
ATOM   1123 C  CG  . HIS A 1 145 ? 1.231   5.519   -1.760  1.00 23.06  ? 145 HIS A CG  1 
ATOM   1124 N  ND1 . HIS A 1 145 ? 2.255   6.256   -2.279  1.00 25.70  ? 145 HIS A ND1 1 
ATOM   1125 C  CD2 . HIS A 1 145 ? 1.647   4.228   -1.775  1.00 21.69  ? 145 HIS A CD2 1 
ATOM   1126 C  CE1 . HIS A 1 145 ? 3.257   5.455   -2.613  1.00 25.64  ? 145 HIS A CE1 1 
ATOM   1127 N  NE2 . HIS A 1 145 ? 2.912   4.228   -2.326  1.00 20.93  ? 145 HIS A NE2 1 
ATOM   1128 N  N   . LEU A 1 146 ? -1.890  7.937   0.562   1.00 23.25  ? 146 LEU A N   1 
ATOM   1129 C  CA  . LEU A 1 146 ? -3.140  8.685   0.516   1.00 24.66  ? 146 LEU A CA  1 
ATOM   1130 C  C   . LEU A 1 146 ? -2.921  9.996   1.194   1.00 27.45  ? 146 LEU A C   1 
ATOM   1131 O  O   . LEU A 1 146 ? -3.748  10.928  1.024   1.00 25.92  ? 146 LEU A O   1 
ATOM   1132 C  CB  . LEU A 1 146 ? -4.290  7.904   1.202   1.00 24.73  ? 146 LEU A CB  1 
ATOM   1133 C  CG  . LEU A 1 146 ? -4.509  6.435   0.729   1.00 23.26  ? 146 LEU A CG  1 
ATOM   1134 C  CD1 . LEU A 1 146 ? -5.709  5.795   1.461   1.00 22.08  ? 146 LEU A CD1 1 
ATOM   1135 C  CD2 . LEU A 1 146 ? -4.655  6.447   -0.795  1.00 20.28  ? 146 LEU A CD2 1 
ATOM   1136 N  N   . VAL A 1 147 ? -1.836  10.067  1.998   1.00 27.56  ? 147 VAL A N   1 
ATOM   1137 C  CA  . VAL A 1 147 ? -1.427  11.358  2.602   1.00 28.37  ? 147 VAL A CA  1 
ATOM   1138 C  C   . VAL A 1 147 ? -0.143  11.977  1.969   1.00 28.27  ? 147 VAL A C   1 
ATOM   1139 O  O   . VAL A 1 147 ? 0.425   12.882  2.499   1.00 29.93  ? 147 VAL A O   1 
ATOM   1140 C  CB  . VAL A 1 147 ? -1.441  11.326  4.174   1.00 29.95  ? 147 VAL A CB  1 
ATOM   1141 C  CG1 . VAL A 1 147 ? -2.874  11.110  4.716   1.00 27.59  ? 147 VAL A CG1 1 
ATOM   1142 C  CG2 . VAL A 1 147 ? -0.452  10.278  4.739   1.00 28.67  ? 147 VAL A CG2 1 
ATOM   1143 N  N   . GLY A 1 148 ? 0.324   11.470  0.843   1.00 28.59  ? 148 GLY A N   1 
ATOM   1144 C  CA  . GLY A 1 148 ? 1.433   12.085  0.124   1.00 28.75  ? 148 GLY A CA  1 
ATOM   1145 C  C   . GLY A 1 148 ? 2.803   11.788  0.672   1.00 28.97  ? 148 GLY A C   1 
ATOM   1146 O  O   . GLY A 1 148 ? 3.737   12.630  0.575   1.00 29.17  ? 148 GLY A O   1 
ATOM   1147 N  N   . ARG A 1 149 ? 2.944   10.582  1.192   1.00 27.62  ? 149 ARG A N   1 
ATOM   1148 C  CA  . ARG A 1 149 ? 4.170   10.157  1.866   1.00 27.68  ? 149 ARG A CA  1 
ATOM   1149 C  C   . ARG A 1 149 ? 4.695   8.829   1.248   1.00 28.85  ? 149 ARG A C   1 
ATOM   1150 O  O   . ARG A 1 149 ? 3.890   7.878   0.966   1.00 25.04  ? 149 ARG A O   1 
ATOM   1151 C  CB  . ARG A 1 149 ? 3.906   10.071  3.367   1.00 29.57  ? 149 ARG A CB  1 
ATOM   1152 C  CG  . ARG A 1 149 ? 5.115   9.837   4.228   1.00 40.39  ? 149 ARG A CG  1 
ATOM   1153 C  CD  . ARG A 1 149 ? 5.237   10.845  5.338   1.00 47.64  ? 149 ARG A CD  1 
ATOM   1154 N  NE  . ARG A 1 149 ? 6.524   10.672  5.998   1.00 47.54  ? 149 ARG A NE  1 
ATOM   1155 C  CZ  . ARG A 1 149 ? 6.667   10.311  7.267   1.00 52.21  ? 149 ARG A CZ  1 
ATOM   1156 N  NH1 . ARG A 1 149 ? 5.597   10.114  8.045   1.00 48.96  ? 149 ARG A NH1 1 
ATOM   1157 N  NH2 . ARG A 1 149 ? 7.882   10.183  7.778   1.00 41.44  ? 149 ARG A NH2 1 
ATOM   1158 N  N   . LEU A 1 150 ? 6.007   8.798   0.947   1.00 22.77  ? 150 LEU A N   1 
ATOM   1159 C  CA  . LEU A 1 150 ? 6.648   7.541   0.519   1.00 24.92  ? 150 LEU A CA  1 
ATOM   1160 C  C   . LEU A 1 150 ? 7.609   7.017   1.558   1.00 25.09  ? 150 LEU A C   1 
ATOM   1161 O  O   . LEU A 1 150 ? 7.990   7.772   2.456   1.00 28.05  ? 150 LEU A O   1 
ATOM   1162 C  CB  . LEU A 1 150 ? 7.317   7.671   -0.827  1.00 26.77  ? 150 LEU A CB  1 
ATOM   1163 C  CG  . LEU A 1 150 ? 6.404   8.089   -1.951  1.00 26.69  ? 150 LEU A CG  1 
ATOM   1164 C  CD1 . LEU A 1 150 ? 6.740   9.509   -2.333  1.00 27.52  ? 150 LEU A CD1 1 
ATOM   1165 C  CD2 . LEU A 1 150 ? 6.526   7.144   -3.150  1.00 31.08  ? 150 LEU A CD2 1 
ATOM   1166 N  N   . TYR A 1 151 ? 7.984   5.734   1.453   1.00 26.06  ? 151 TYR A N   1 
ATOM   1167 C  CA  . TYR A 1 151 ? 8.812   5.061   2.489   1.00 24.43  ? 151 TYR A CA  1 
ATOM   1168 C  C   . TYR A 1 151 ? 10.222  5.693   2.741   1.00 24.49  ? 151 TYR A C   1 
ATOM   1169 O  O   . TYR A 1 151 ? 10.715  5.694   3.874   1.00 25.41  ? 151 TYR A O   1 
ATOM   1170 C  CB  . TYR A 1 151 ? 8.897   3.520   2.268   1.00 23.35  ? 151 TYR A CB  1 
ATOM   1171 C  CG  . TYR A 1 151 ? 9.889   3.034   1.210   1.00 25.72  ? 151 TYR A CG  1 
ATOM   1172 C  CD1 . TYR A 1 151 ? 11.296  3.121   1.402   1.00 27.89  ? 151 TYR A CD1 1 
ATOM   1173 C  CD2 . TYR A 1 151 ? 9.442   2.507   0.029   1.00 24.03  ? 151 TYR A CD2 1 
ATOM   1174 C  CE1 . TYR A 1 151 ? 12.184  2.688   0.443   1.00 21.95  ? 151 TYR A CE1 1 
ATOM   1175 C  CE2 . TYR A 1 151 ? 10.298  2.123   -0.947  1.00 24.16  ? 151 TYR A CE2 1 
ATOM   1176 C  CZ  . TYR A 1 151 ? 11.686  2.177   -0.731  1.00 28.21  ? 151 TYR A CZ  1 
ATOM   1177 O  OH  . TYR A 1 151 ? 12.541  1.708   -1.742  1.00 22.63  ? 151 TYR A OH  1 
ATOM   1178 N  N   . PRO A 1 152 ? 10.852  6.266   1.712   1.00 23.41  ? 152 PRO A N   1 
ATOM   1179 C  CA  . PRO A 1 152 ? 12.177  6.783   2.072   1.00 24.54  ? 152 PRO A CA  1 
ATOM   1180 C  C   . PRO A 1 152 ? 12.174  7.745   3.277   1.00 26.39  ? 152 PRO A C   1 
ATOM   1181 O  O   . PRO A 1 152 ? 13.117  7.673   4.115   1.00 25.32  ? 152 PRO A O   1 
ATOM   1182 C  CB  . PRO A 1 152 ? 12.639  7.457   0.772   1.00 24.16  ? 152 PRO A CB  1 
ATOM   1183 C  CG  . PRO A 1 152 ? 11.943  6.633   -0.328  1.00 20.67  ? 152 PRO A CG  1 
ATOM   1184 C  CD  . PRO A 1 152 ? 10.578  6.431   0.272   1.00 21.08  ? 152 PRO A CD  1 
ATOM   1185 N  N   . SER A 1 153 ? 11.160  8.624   3.381   1.00 24.03  ? 153 SER A N   1 
ATOM   1186 C  CA  . SER A 1 153 ? 11.077  9.564   4.526   1.00 22.23  ? 153 SER A CA  1 
ATOM   1187 C  C   . SER A 1 153 ? 10.815  8.824   5.807   1.00 21.84  ? 153 SER A C   1 
ATOM   1188 O  O   . SER A 1 153 ? 10.798  9.451   6.857   1.00 20.23  ? 153 SER A O   1 
ATOM   1189 C  CB  . SER A 1 153 ? 9.968   10.583  4.377   1.00 22.74  ? 153 SER A CB  1 
ATOM   1190 O  OG  . SER A 1 153 ? 8.706   9.925   4.339   1.00 25.01  ? 153 SER A OG  1 
ATOM   1191 N  N   . ARG A 1 154 ? 10.646  7.497   5.763   1.00 22.47  ? 154 ARG A N   1 
ATOM   1192 C  CA  . ARG A 1 154 ? 10.534  6.723   7.032   1.00 25.78  ? 154 ARG A CA  1 
ATOM   1193 C  C   . ARG A 1 154 ? 11.809  5.915   7.454   1.00 27.07  ? 154 ARG A C   1 
ATOM   1194 O  O   . ARG A 1 154 ? 11.843  5.256   8.534   1.00 25.13  ? 154 ARG A O   1 
ATOM   1195 C  CB  . ARG A 1 154 ? 9.254   5.824   7.035   1.00 26.46  ? 154 ARG A CB  1 
ATOM   1196 C  CG  . ARG A 1 154 ? 7.985   6.701   7.026   1.00 29.98  ? 154 ARG A CG  1 
ATOM   1197 C  CD  . ARG A 1 154 ? 6.773   5.873   7.294   1.00 32.76  ? 154 ARG A CD  1 
ATOM   1198 N  NE  . ARG A 1 154 ? 5.576   6.692   7.389   1.00 35.83  ? 154 ARG A NE  1 
ATOM   1199 C  CZ  . ARG A 1 154 ? 5.078   7.164   8.522   1.00 35.02  ? 154 ARG A CZ  1 
ATOM   1200 N  NH1 . ARG A 1 154 ? 5.687   6.910   9.664   1.00 34.30  ? 154 ARG A NH1 1 
ATOM   1201 N  NH2 . ARG A 1 154 ? 3.955   7.875   8.521   1.00 30.03  ? 154 ARG A NH2 1 
ATOM   1202 N  N   . ILE A 1 155 ? 12.806  5.889   6.566   1.00 27.92  ? 155 ILE A N   1 
ATOM   1203 C  CA  . ILE A 1 155 ? 14.009  5.116   6.809   1.00 26.70  ? 155 ILE A CA  1 
ATOM   1204 C  C   . ILE A 1 155 ? 14.782  5.696   8.050   1.00 26.96  ? 155 ILE A C   1 
ATOM   1205 O  O   . ILE A 1 155 ? 14.980  6.944   8.194   1.00 25.05  ? 155 ILE A O   1 
ATOM   1206 C  CB  . ILE A 1 155 ? 14.927  5.155   5.566   1.00 26.74  ? 155 ILE A CB  1 
ATOM   1207 C  CG1 . ILE A 1 155 ? 14.270  4.485   4.334   1.00 23.29  ? 155 ILE A CG1 1 
ATOM   1208 C  CG2 . ILE A 1 155 ? 16.278  4.493   5.864   1.00 23.19  ? 155 ILE A CG2 1 
ATOM   1209 C  CD1 . ILE A 1 155 ? 15.012  4.812   3.049   1.00 19.74  ? 155 ILE A CD1 1 
ATOM   1210 N  N   . GLU A 1 156 ? 15.200  4.809   8.935   1.00 25.02  ? 156 GLU A N   1 
ATOM   1211 C  CA  . GLU A 1 156 ? 16.035  5.233   10.061  1.00 30.76  ? 156 GLU A CA  1 
ATOM   1212 C  C   . GLU A 1 156 ? 17.460  4.766   9.844   1.00 30.53  ? 156 GLU A C   1 
ATOM   1213 O  O   . GLU A 1 156 ? 18.370  5.496   10.173  1.00 23.97  ? 156 GLU A O   1 
ATOM   1214 C  CB  . GLU A 1 156 ? 15.519  4.729   11.404  1.00 32.26  ? 156 GLU A CB  1 
ATOM   1215 C  CG  . GLU A 1 156 ? 14.225  5.428   11.799  1.00 39.42  ? 156 GLU A CG  1 
ATOM   1216 C  CD  . GLU A 1 156 ? 13.596  4.822   13.040  1.00 45.52  ? 156 GLU A CD  1 
ATOM   1217 O  OE1 . GLU A 1 156 ? 13.970  3.703   13.519  1.00 45.96  ? 156 GLU A OE1 1 
ATOM   1218 O  OE2 . GLU A 1 156 ? 12.690  5.491   13.530  1.00 53.74  ? 156 GLU A OE2 1 
ATOM   1219 N  N   . ASN A 1 157 ? 17.633  3.586   9.250   1.00 26.84  ? 157 ASN A N   1 
ATOM   1220 C  CA  . ASN A 1 157 ? 18.960  3.104   8.972   1.00 27.12  ? 157 ASN A CA  1 
ATOM   1221 C  C   . ASN A 1 157 ? 19.297  3.095   7.484   1.00 26.62  ? 157 ASN A C   1 
ATOM   1222 O  O   . ASN A 1 157 ? 18.982  2.136   6.767   1.00 29.39  ? 157 ASN A O   1 
ATOM   1223 C  CB  . ASN A 1 157 ? 19.103  1.713   9.568   1.00 25.03  ? 157 ASN A CB  1 
ATOM   1224 C  CG  . ASN A 1 157 ? 20.504  1.161   9.422   1.00 26.83  ? 157 ASN A CG  1 
ATOM   1225 O  OD1 . ASN A 1 157 ? 21.379  1.761   8.757   1.00 25.20  ? 157 ASN A OD1 1 
ATOM   1226 N  ND2 . ASN A 1 157 ? 20.719  0.006   10.003  1.00 22.50  ? 157 ASN A ND2 1 
ATOM   1227 N  N   . PHE A 1 158 ? 19.974  4.136   7.004   1.00 28.01  ? 158 PHE A N   1 
ATOM   1228 C  CA  . PHE A 1 158 ? 20.227  4.219   5.577   1.00 27.12  ? 158 PHE A CA  1 
ATOM   1229 C  C   . PHE A 1 158 ? 21.196  3.146   5.063   1.00 30.16  ? 158 PHE A C   1 
ATOM   1230 O  O   . PHE A 1 158 ? 21.363  3.046   3.838   1.00 32.09  ? 158 PHE A O   1 
ATOM   1231 C  CB  . PHE A 1 158 ? 20.657  5.643   5.159   1.00 29.90  ? 158 PHE A CB  1 
ATOM   1232 C  CG  . PHE A 1 158 ? 19.516  6.640   5.166   1.00 27.17  ? 158 PHE A CG  1 
ATOM   1233 C  CD1 . PHE A 1 158 ? 18.737  6.840   4.022   1.00 27.37  ? 158 PHE A CD1 1 
ATOM   1234 C  CD2 . PHE A 1 158 ? 19.162  7.320   6.338   1.00 29.15  ? 158 PHE A CD2 1 
ATOM   1235 C  CE1 . PHE A 1 158 ? 17.649  7.715   4.033   1.00 28.00  ? 158 PHE A CE1 1 
ATOM   1236 C  CE2 . PHE A 1 158 ? 18.075  8.215   6.356   1.00 26.45  ? 158 PHE A CE2 1 
ATOM   1237 C  CZ  . PHE A 1 158 ? 17.317  8.411   5.202   1.00 26.81  ? 158 PHE A CZ  1 
ATOM   1238 N  N   . ASP A 1 159 ? 21.821  2.336   5.944   1.00 24.30  ? 159 ASP A N   1 
ATOM   1239 C  CA  . ASP A 1 159 ? 22.614  1.189   5.431   1.00 29.04  ? 159 ASP A CA  1 
ATOM   1240 C  C   . ASP A 1 159 ? 21.741  0.158   4.734   1.00 28.73  ? 159 ASP A C   1 
ATOM   1241 O  O   . ASP A 1 159 ? 22.216  -0.578  3.893   1.00 26.72  ? 159 ASP A O   1 
ATOM   1242 C  CB  . ASP A 1 159 ? 23.428  0.462   6.512   1.00 28.06  ? 159 ASP A CB  1 
ATOM   1243 C  CG  . ASP A 1 159 ? 24.554  1.340   7.111   1.00 31.67  ? 159 ASP A CG  1 
ATOM   1244 O  OD1 . ASP A 1 159 ? 24.817  2.504   6.680   1.00 30.38  ? 159 ASP A OD1 1 
ATOM   1245 O  OD2 . ASP A 1 159 ? 25.151  0.841   8.060   1.00 34.47  ? 159 ASP A OD2 1 
ATOM   1246 N  N   . THR A 1 160 ? 20.455  0.127   5.095   1.00 28.09  ? 160 THR A N   1 
ATOM   1247 C  CA  . THR A 1 160 ? 19.545  -0.874  4.548   1.00 28.35  ? 160 THR A CA  1 
ATOM   1248 C  C   . THR A 1 160 ? 18.856  -0.464  3.241   1.00 26.00  ? 160 THR A C   1 
ATOM   1249 O  O   . THR A 1 160 ? 18.194  -1.298  2.634   1.00 28.89  ? 160 THR A O   1 
ATOM   1250 C  CB  . THR A 1 160 ? 18.476  -1.239  5.571   1.00 29.38  ? 160 THR A CB  1 
ATOM   1251 O  OG1 . THR A 1 160 ? 17.589  -0.098  5.781   1.00 32.04  ? 160 THR A OG1 1 
ATOM   1252 C  CG2 . THR A 1 160 ? 19.177  -1.642  6.871   1.00 22.39  ? 160 THR A CG2 1 
ATOM   1253 N  N   . PHE A 1 161 ? 19.019  0.793   2.827   1.00 23.90  ? 161 PHE A N   1 
ATOM   1254 C  CA  . PHE A 1 161 ? 18.455  1.325   1.582   1.00 25.16  ? 161 PHE A CA  1 
ATOM   1255 C  C   . PHE A 1 161 ? 19.417  1.045   0.386   1.00 26.77  ? 161 PHE A C   1 
ATOM   1256 O  O   . PHE A 1 161 ? 20.562  1.489   0.380   1.00 25.99  ? 161 PHE A O   1 
ATOM   1257 C  CB  . PHE A 1 161 ? 18.223  2.862   1.758   1.00 22.90  ? 161 PHE A CB  1 
ATOM   1258 C  CG  . PHE A 1 161 ? 17.464  3.542   0.620   1.00 23.16  ? 161 PHE A CG  1 
ATOM   1259 C  CD1 . PHE A 1 161 ? 16.520  2.864   -0.139  1.00 23.02  ? 161 PHE A CD1 1 
ATOM   1260 C  CD2 . PHE A 1 161 ? 17.647  4.923   0.379   1.00 22.91  ? 161 PHE A CD2 1 
ATOM   1261 C  CE1 . PHE A 1 161 ? 15.823  3.514   -1.166  1.00 24.83  ? 161 PHE A CE1 1 
ATOM   1262 C  CE2 . PHE A 1 161 ? 16.916  5.598   -0.589  1.00 22.73  ? 161 PHE A CE2 1 
ATOM   1263 C  CZ  . PHE A 1 161 ? 15.981  4.894   -1.381  1.00 22.08  ? 161 PHE A CZ  1 
ATOM   1264 N  N   . GLY A 1 162 ? 18.945  0.353   -0.636  1.00 25.71  ? 162 GLY A N   1 
ATOM   1265 C  CA  . GLY A 1 162 ? 19.763  0.101   -1.811  1.00 24.60  ? 162 GLY A CA  1 
ATOM   1266 C  C   . GLY A 1 162 ? 18.948  -0.685  -2.819  1.00 28.15  ? 162 GLY A C   1 
ATOM   1267 O  O   . GLY A 1 162 ? 17.753  -0.942  -2.632  1.00 27.15  ? 162 GLY A O   1 
ATOM   1268 N  N   . PHE A 1 163 ? 19.592  -1.023  -3.912  1.00 26.92  ? 163 PHE A N   1 
ATOM   1269 C  CA  . PHE A 1 163 ? 18.992  -1.812  -4.956  1.00 29.41  ? 163 PHE A CA  1 
ATOM   1270 C  C   . PHE A 1 163 ? 18.794  -3.246  -4.523  1.00 30.77  ? 163 PHE A C   1 
ATOM   1271 O  O   . PHE A 1 163 ? 19.593  -3.795  -3.766  1.00 31.93  ? 163 PHE A O   1 
ATOM   1272 C  CB  . PHE A 1 163 ? 19.819  -1.676  -6.246  1.00 26.31  ? 163 PHE A CB  1 
ATOM   1273 C  CG  . PHE A 1 163 ? 19.693  -0.316  -6.864  1.00 28.16  ? 163 PHE A CG  1 
ATOM   1274 C  CD1 . PHE A 1 163 ? 20.565  0.698   -6.520  1.00 28.92  ? 163 PHE A CD1 1 
ATOM   1275 C  CD2 . PHE A 1 163 ? 18.659  -0.035  -7.762  1.00 27.45  ? 163 PHE A CD2 1 
ATOM   1276 C  CE1 . PHE A 1 163 ? 20.441  1.978   -7.050  1.00 29.99  ? 163 PHE A CE1 1 
ATOM   1277 C  CE2 . PHE A 1 163 ? 18.521  1.224   -8.310  1.00 29.53  ? 163 PHE A CE2 1 
ATOM   1278 C  CZ  . PHE A 1 163 ? 19.415  2.254   -7.955  1.00 31.11  ? 163 PHE A CZ  1 
ATOM   1279 N  N   . ASP A 1 164 ? 17.696  -3.829  -4.990  1.00 35.40  ? 164 ASP A N   1 
ATOM   1280 C  CA  . ASP A 1 164 ? 17.231  -5.126  -4.543  1.00 37.58  ? 164 ASP A CA  1 
ATOM   1281 C  C   . ASP A 1 164 ? 18.174  -6.247  -5.010  1.00 39.71  ? 164 ASP A C   1 
ATOM   1282 O  O   . ASP A 1 164 ? 18.324  -7.253  -4.314  1.00 35.64  ? 164 ASP A O   1 
ATOM   1283 C  CB  . ASP A 1 164 ? 15.772  -5.379  -5.028  1.00 42.91  ? 164 ASP A CB  1 
ATOM   1284 C  CG  . ASP A 1 164 ? 15.380  -6.868  -4.929  1.00 50.47  ? 164 ASP A CG  1 
ATOM   1285 O  OD1 . ASP A 1 164 ? 15.284  -7.514  -5.988  1.00 62.16  ? 164 ASP A OD1 1 
ATOM   1286 O  OD2 . ASP A 1 164 ? 15.225  -7.426  -3.812  1.00 48.11  ? 164 ASP A OD2 1 
ATOM   1287 N  N   . ASP A 1 165 ? 18.809  -6.083  -6.178  1.00 39.16  ? 165 ASP A N   1 
ATOM   1288 C  CA  . ASP A 1 165 ? 19.712  -7.141  -6.660  1.00 44.43  ? 165 ASP A CA  1 
ATOM   1289 C  C   . ASP A 1 165 ? 21.105  -7.157  -6.008  1.00 45.79  ? 165 ASP A C   1 
ATOM   1290 O  O   . ASP A 1 165 ? 21.845  -8.088  -6.202  1.00 45.75  ? 165 ASP A O   1 
ATOM   1291 C  CB  . ASP A 1 165 ? 19.815  -7.137  -8.187  1.00 46.21  ? 165 ASP A CB  1 
ATOM   1292 C  CG  . ASP A 1 165 ? 20.440  -5.875  -8.733  1.00 48.84  ? 165 ASP A CG  1 
ATOM   1293 O  OD1 . ASP A 1 165 ? 20.610  -4.880  -8.001  1.00 52.62  ? 165 ASP A OD1 1 
ATOM   1294 O  OD2 . ASP A 1 165 ? 20.752  -5.861  -9.937  1.00 54.61  ? 165 ASP A OD2 1 
ATOM   1295 N  N   . VAL A 1 166 ? 21.410  -6.140  -5.203  1.00 44.77  ? 166 VAL A N   1 
ATOM   1296 C  CA  . VAL A 1 166 ? 22.724  -5.833  -4.680  1.00 41.09  ? 166 VAL A CA  1 
ATOM   1297 C  C   . VAL A 1 166 ? 22.731  -5.939  -3.124  1.00 44.04  ? 166 VAL A C   1 
ATOM   1298 O  O   . VAL A 1 166 ? 23.746  -6.241  -2.519  1.00 50.19  ? 166 VAL A O   1 
ATOM   1299 C  CB  . VAL A 1 166 ? 23.047  -4.364  -5.070  1.00 45.79  ? 166 VAL A CB  1 
ATOM   1300 C  CG1 . VAL A 1 166 ? 24.081  -3.757  -4.154  1.00 43.61  ? 166 VAL A CG1 1 
ATOM   1301 C  CG2 . VAL A 1 166 ? 23.472  -4.213  -6.532  1.00 49.25  ? 166 VAL A CG2 1 
ATOM   1302 N  N   . LEU A 1 167 ? 21.627  -5.624  -2.455  1.00 43.95  ? 167 LEU A N   1 
ATOM   1303 C  CA  . LEU A 1 167 ? 21.606  -5.615  -0.976  1.00 44.94  ? 167 LEU A CA  1 
ATOM   1304 C  C   . LEU A 1 167 ? 21.943  -6.979  -0.362  1.00 48.05  ? 167 LEU A C   1 
ATOM   1305 O  O   . LEU A 1 167 ? 21.581  -8.024  -0.901  1.00 41.03  ? 167 LEU A O   1 
ATOM   1306 C  CB  . LEU A 1 167 ? 20.231  -5.197  -0.444  1.00 40.50  ? 167 LEU A CB  1 
ATOM   1307 C  CG  . LEU A 1 167 ? 19.816  -3.752  -0.455  1.00 37.96  ? 167 LEU A CG  1 
ATOM   1308 C  CD1 . LEU A 1 167 ? 18.333  -3.812  -0.166  1.00 36.05  ? 167 LEU A CD1 1 
ATOM   1309 C  CD2 . LEU A 1 167 ? 20.580  -2.991  0.631   1.00 37.33  ? 167 LEU A CD2 1 
ATOM   1310 N  N   . SER A 1 168 ? 22.635  -6.949  0.774   1.00 53.31  ? 168 SER A N   1 
ATOM   1311 C  CA  . SER A 1 168 ? 22.892  -8.163  1.545   1.00 57.82  ? 168 SER A CA  1 
ATOM   1312 C  C   . SER A 1 168 ? 22.794  -7.902  3.063   1.00 56.20  ? 168 SER A C   1 
ATOM   1313 O  O   . SER A 1 168 ? 23.438  -8.608  3.836   1.00 56.26  ? 168 SER A O   1 
ATOM   1314 C  CB  . SER A 1 168 ? 24.275  -8.767  1.182   1.00 54.95  ? 168 SER A CB  1 
ATOM   1315 O  OG  . SER A 1 168 ? 25.296  -7.994  1.802   1.00 53.95  ? 168 SER A OG  1 
ATOM   1316 N  N   . TYR A 1 169 ? 21.999  -6.904  3.482   1.00 59.59  ? 169 TYR A N   1 
ATOM   1317 C  CA  . TYR A 1 169 ? 21.720  -6.659  4.917   1.00 60.08  ? 169 TYR A CA  1 
ATOM   1318 C  C   . TYR A 1 169 ? 20.761  -7.725  5.514   1.00 65.66  ? 169 TYR A C   1 
ATOM   1319 O  O   . TYR A 1 169 ? 19.955  -8.274  4.780   1.00 74.98  ? 169 TYR A O   1 
ATOM   1320 C  CB  . TYR A 1 169 ? 21.153  -5.253  5.102   1.00 51.59  ? 169 TYR A CB  1 
ATOM   1321 C  CG  . TYR A 1 169 ? 21.056  -4.796  6.547   1.00 55.54  ? 169 TYR A CG  1 
ATOM   1322 C  CD1 . TYR A 1 169 ? 22.112  -4.079  7.153   1.00 54.74  ? 169 TYR A CD1 1 
ATOM   1323 C  CD2 . TYR A 1 169 ? 19.894  -5.078  7.328   1.00 52.61  ? 169 TYR A CD2 1 
ATOM   1324 C  CE1 . TYR A 1 169 ? 22.020  -3.651  8.482   1.00 57.05  ? 169 TYR A CE1 1 
ATOM   1325 C  CE2 . TYR A 1 169 ? 19.785  -4.661  8.653   1.00 49.56  ? 169 TYR A CE2 1 
ATOM   1326 C  CZ  . TYR A 1 169 ? 20.846  -3.943  9.225   1.00 55.66  ? 169 TYR A CZ  1 
ATOM   1327 O  OH  . TYR A 1 169 ? 20.749  -3.518  10.532  1.00 52.85  ? 169 TYR A OH  1 
ATOM   1328 N  N   . ASP A 1 170 ? 20.866  -8.019  6.826   1.00 75.88  ? 170 ASP A N   1 
ATOM   1329 C  CA  . ASP A 1 170 ? 19.938  -8.916  7.581   1.00 64.14  ? 170 ASP A CA  1 
ATOM   1330 C  C   . ASP A 1 170 ? 19.036  -8.226  8.607   1.00 62.80  ? 170 ASP A C   1 
ATOM   1331 O  O   . ASP A 1 170 ? 17.804  -8.377  8.588   1.00 54.75  ? 170 ASP A O   1 
ATOM   1332 C  CB  . ASP A 1 170 ? 20.735  -9.974  8.314   1.00 69.58  ? 170 ASP A CB  1 
ATOM   1333 C  CG  . ASP A 1 170 ? 20.928  -11.212 7.484   1.00 70.29  ? 170 ASP A CG  1 
ATOM   1334 O  OD1 . ASP A 1 170 ? 21.731  -11.187 6.523   1.00 63.66  ? 170 ASP A OD1 1 
ATOM   1335 O  OD2 . ASP A 1 170 ? 20.254  -12.211 7.794   1.00 70.24  ? 170 ASP A OD2 1 
HETATM 1336 C  C1  . 56V B 2 .   ? 3.891   -2.418  1.118   1.00 41.13  ? 201 56V A C1  1 
HETATM 1337 C  C2  . 56V B 2 .   ? 4.135   -2.712  -0.202  1.00 43.74  ? 201 56V A C2  1 
HETATM 1338 C  C3  . 56V B 2 .   ? 5.354   -3.560  -0.528  1.00 47.27  ? 201 56V A C3  1 
HETATM 1339 C  C4  . 56V B 2 .   ? 6.160   -4.034  0.512   1.00 40.13  ? 201 56V A C4  1 
HETATM 1340 C  C5  . 56V B 2 .   ? 5.858   -3.732  1.827   1.00 43.56  ? 201 56V A C5  1 
HETATM 1341 C  C6  . 56V B 2 .   ? 4.738   -2.936  2.102   1.00 45.41  ? 201 56V A C6  1 
HETATM 1342 C  C10 . 56V B 2 .   ? 6.309   -4.413  -2.925  1.00 61.40  ? 201 56V A C10 1 
HETATM 1343 C  C11 . 56V B 2 .   ? 5.671   -4.119  -4.310  1.00 61.39  ? 201 56V A C11 1 
HETATM 1344 O  O13 . 56V B 2 .   ? 7.772   -4.256  -3.019  1.00 53.35  ? 201 56V A O13 1 
HETATM 1345 S  S12 . 56V B 2 .   ? 4.222   -3.102  -3.990  1.00 40.05  ? 201 56V A S12 1 
HETATM 1346 C  C8  . 56V B 2 .   ? 4.339   -3.001  -2.268  1.00 47.77  ? 201 56V A C8  1 
HETATM 1347 N  N7  . 56V B 2 .   ? 3.512   -2.376  -1.366  1.00 47.10  ? 201 56V A N7  1 
HETATM 1348 N  N9  . 56V B 2 .   ? 5.417   -3.669  -1.886  1.00 48.58  ? 201 56V A N9  1 
HETATM 1349 CD CD  . CD  C 3 .   ? -12.561 -5.674  14.957  1.00 33.40  ? 202 CD  A CD  1 
HETATM 1350 CD CD  . CD  D 3 .   ? 3.597   1.855   -2.524  1.00 49.91  ? 203 CD  A CD  1 
HETATM 1351 CD CD  . CD  E 3 .   ? -1.814  -12.478 16.443  0.50 41.45  ? 204 CD  A CD  1 
HETATM 1352 C  C   . ACT F 4 .   ? 7.521   12.195  1.733   1.00 27.28  ? 205 ACT A C   1 
HETATM 1353 O  O   . ACT F 4 .   ? 7.510   10.947  1.966   1.00 26.90  ? 205 ACT A O   1 
HETATM 1354 O  OXT . ACT F 4 .   ? 7.687   13.120  2.597   1.00 30.80  ? 205 ACT A OXT 1 
HETATM 1355 C  CH3 . ACT F 4 .   ? 7.337   12.614  0.337   1.00 25.36  ? 205 ACT A CH3 1 
HETATM 1356 NA NA  . NA  G 5 .   ? 2.901   16.952  0.275   1.00 52.16  ? 206 NA  A NA  1 
HETATM 1357 O  O   . HOH H 6 .   ? -0.139  -12.363 17.122  1.00 19.96  ? 301 HOH A O   1 
HETATM 1358 O  O   . HOH H 6 .   ? 2.267   0.934   -2.399  1.00 3.44   ? 302 HOH A O   1 
HETATM 1359 O  O   . HOH H 6 .   ? -4.906  7.569   12.800  1.00 44.35  ? 303 HOH A O   1 
HETATM 1360 O  O   . HOH H 6 .   ? 2.436   8.933   -2.338  1.00 32.70  ? 304 HOH A O   1 
HETATM 1361 O  O   . HOH H 6 .   ? -2.717  11.336  -7.477  1.00 33.22  ? 305 HOH A O   1 
HETATM 1362 O  O   . HOH H 6 .   ? -19.355 8.335   -9.920  1.00 37.00  ? 306 HOH A O   1 
HETATM 1363 O  O   . HOH H 6 .   ? 11.246  0.432   -3.994  1.00 26.04  ? 307 HOH A O   1 
HETATM 1364 O  O   . HOH H 6 .   ? -5.842  16.307  -3.398  1.00 18.13  ? 308 HOH A O   1 
HETATM 1365 O  O   . HOH H 6 .   ? -24.791 -0.241  -6.648  1.00 29.34  ? 309 HOH A O   1 
HETATM 1366 O  O   . HOH H 6 .   ? 17.310  -9.215  10.881  1.00 37.52  ? 310 HOH A O   1 
HETATM 1367 O  O   . HOH H 6 .   ? -8.395  1.309   19.773  1.00 36.06  ? 311 HOH A O   1 
HETATM 1368 O  O   . HOH H 6 .   ? -1.709  11.296  -2.555  1.00 40.65  ? 312 HOH A O   1 
HETATM 1369 O  O   . HOH H 6 .   ? 10.484  6.140   10.479  1.00 37.74  ? 313 HOH A O   1 
HETATM 1370 O  O   . HOH H 6 .   ? 20.467  -8.802  -3.074  1.00 44.13  ? 314 HOH A O   1 
HETATM 1371 O  O   . HOH H 6 .   ? 5.822   -5.614  10.546  1.00 24.49  ? 315 HOH A O   1 
HETATM 1372 O  O   . HOH H 6 .   ? -9.940  2.062   15.595  1.00 38.92  ? 316 HOH A O   1 
HETATM 1373 O  O   . HOH H 6 .   ? -1.818  6.288   -14.555 1.00 28.52  ? 317 HOH A O   1 
HETATM 1374 O  O   . HOH H 6 .   ? 3.663   -4.360  10.660  1.00 19.82  ? 318 HOH A O   1 
HETATM 1375 O  O   . HOH H 6 .   ? -17.955 -4.903  -5.003  1.00 38.35  ? 319 HOH A O   1 
HETATM 1376 O  O   . HOH H 6 .   ? -15.796 13.719  1.479   1.00 39.51  ? 320 HOH A O   1 
HETATM 1377 O  O   . HOH H 6 .   ? -4.923  -2.672  21.897  1.00 20.67  ? 321 HOH A O   1 
HETATM 1378 O  O   . HOH H 6 .   ? -14.800 11.775  -4.135  1.00 40.25  ? 322 HOH A O   1 
HETATM 1379 O  O   . HOH H 6 .   ? -18.418 -1.092  -13.580 1.00 34.75  ? 323 HOH A O   1 
HETATM 1380 O  O   . HOH H 6 .   ? 19.486  -7.623  2.253   1.00 37.52  ? 324 HOH A O   1 
HETATM 1381 O  O   . HOH H 6 .   ? -5.919  11.515  2.455   1.00 30.48  ? 325 HOH A O   1 
HETATM 1382 O  O   . HOH H 6 .   ? -6.366  -9.660  10.012  1.00 35.28  ? 326 HOH A O   1 
HETATM 1383 O  O   . HOH H 6 .   ? -13.190 0.292   18.297  1.00 44.48  ? 327 HOH A O   1 
HETATM 1384 O  O   . HOH H 6 .   ? -8.457  3.804   1.535   1.00 26.40  ? 328 HOH A O   1 
HETATM 1385 O  O   . HOH H 6 .   ? 6.926   12.077  -5.790  1.00 18.88  ? 329 HOH A O   1 
HETATM 1386 O  O   . HOH H 6 .   ? 5.033   11.009  -14.236 1.00 35.12  ? 330 HOH A O   1 
HETATM 1387 O  O   . HOH H 6 .   ? -2.968  -9.636  10.613  1.00 28.66  ? 331 HOH A O   1 
HETATM 1388 O  O   . HOH H 6 .   ? -10.560 12.960  -6.725  1.00 43.25  ? 332 HOH A O   1 
HETATM 1389 O  O   . HOH H 6 .   ? -3.388  11.716  -4.736  1.00 29.28  ? 333 HOH A O   1 
HETATM 1390 O  O   . HOH H 6 .   ? 4.831   -14.765 -0.697  1.00 50.44  ? 334 HOH A O   1 
HETATM 1391 O  O   . HOH H 6 .   ? 1.991   -2.017  17.349  1.00 23.56  ? 335 HOH A O   1 
HETATM 1392 O  O   . HOH H 6 .   ? 15.242  1.991   8.861   1.00 20.77  ? 336 HOH A O   1 
HETATM 1393 O  O   . HOH H 6 .   ? -3.752  -11.571 7.532   1.00 35.82  ? 337 HOH A O   1 
HETATM 1394 O  O   . HOH H 6 .   ? 6.163   -9.722  17.097  1.00 39.35  ? 338 HOH A O   1 
HETATM 1395 O  O   . HOH H 6 .   ? 5.476   4.833   3.214   1.00 26.14  ? 339 HOH A O   1 
HETATM 1396 O  O   . HOH H 6 .   ? -11.376 -8.825  1.431   1.00 30.78  ? 340 HOH A O   1 
HETATM 1397 O  O   . HOH H 6 .   ? 2.775   -0.403  -4.005  1.00 38.48  ? 341 HOH A O   1 
HETATM 1398 O  O   . HOH H 6 .   ? 21.301  4.729   1.625   1.00 27.28  ? 342 HOH A O   1 
HETATM 1399 O  O   . HOH H 6 .   ? 4.455   15.309  0.844   1.00 21.65  ? 343 HOH A O   1 
HETATM 1400 O  O   . HOH H 6 .   ? -7.686  7.503   3.850   1.00 39.12  ? 344 HOH A O   1 
HETATM 1401 O  O   . HOH H 6 .   ? -2.704  18.051  -0.844  1.00 36.01  ? 345 HOH A O   1 
HETATM 1402 O  O   . HOH H 6 .   ? -7.864  11.900  -9.846  1.00 33.10  ? 346 HOH A O   1 
HETATM 1403 O  O   . HOH H 6 .   ? 8.712   -7.103  5.104   1.00 37.73  ? 347 HOH A O   1 
HETATM 1404 O  O   . HOH H 6 .   ? -12.380 14.460  1.144   1.00 36.23  ? 348 HOH A O   1 
HETATM 1405 O  O   . HOH H 6 .   ? 3.298   3.675   9.538   1.00 24.59  ? 349 HOH A O   1 
HETATM 1406 O  O   . HOH H 6 .   ? 6.405   4.102   -0.247  1.00 28.62  ? 350 HOH A O   1 
HETATM 1407 O  O   . HOH H 6 .   ? -15.079 8.912   -5.394  1.00 36.17  ? 351 HOH A O   1 
HETATM 1408 O  O   . HOH H 6 .   ? 1.574   17.818  -4.997  1.00 40.24  ? 352 HOH A O   1 
HETATM 1409 O  O   . HOH H 6 .   ? 23.107  0.718   1.391   1.00 21.12  ? 353 HOH A O   1 
HETATM 1410 O  O   . HOH H 6 .   ? 3.836   4.977   0.860   1.00 30.53  ? 354 HOH A O   1 
HETATM 1411 O  O   . HOH H 6 .   ? 1.109   4.823   7.715   1.00 28.55  ? 355 HOH A O   1 
HETATM 1412 O  O   . HOH H 6 .   ? -6.218  -19.862 -5.503  1.00 48.11  ? 356 HOH A O   1 
HETATM 1413 O  O   . HOH H 6 .   ? -7.792  -13.352 -0.709  1.00 43.43  ? 357 HOH A O   1 
HETATM 1414 O  O   . HOH H 6 .   ? 14.708  1.001   11.141  1.00 28.74  ? 358 HOH A O   1 
HETATM 1415 O  O   . HOH H 6 .   ? 0.701   8.643   7.789   1.00 37.75  ? 359 HOH A O   1 
HETATM 1416 O  O   . HOH H 6 .   ? 8.763   -0.933  19.871  1.00 27.30  ? 360 HOH A O   1 
HETATM 1417 O  O   . HOH H 6 .   ? 14.169  9.127   6.383   1.00 21.80  ? 361 HOH A O   1 
HETATM 1418 O  O   . HOH H 6 .   ? 3.344   1.396   -15.340 1.00 24.08  ? 362 HOH A O   1 
HETATM 1419 O  O   . HOH H 6 .   ? 26.403  -5.996  0.000   1.00 44.88  ? 363 HOH A O   1 
HETATM 1420 O  O   . HOH H 6 .   ? 1.573   -0.303  -15.365 1.00 30.59  ? 364 HOH A O   1 
HETATM 1421 O  O   . HOH H 6 .   ? 0.105   -9.328  -7.377  1.00 30.04  ? 365 HOH A O   1 
HETATM 1422 O  O   . HOH H 6 .   ? 9.967   9.433   0.792   1.00 25.85  ? 366 HOH A O   1 
HETATM 1423 O  O   . HOH H 6 .   ? -15.007 11.822  7.186   1.00 49.13  ? 367 HOH A O   1 
HETATM 1424 O  O   . HOH H 6 .   ? -14.150 6.543   -9.256  1.00 42.00  ? 368 HOH A O   1 
HETATM 1425 O  O   . HOH H 6 .   ? 8.354   23.352  -6.906  1.00 39.65  ? 369 HOH A O   1 
HETATM 1426 O  O   . HOH H 6 .   ? -11.201 12.785  4.330   1.00 48.80  ? 370 HOH A O   1 
HETATM 1427 O  O   . HOH H 6 .   ? 1.539   -11.469 -5.885  1.00 41.69  ? 371 HOH A O   1 
HETATM 1428 O  O   . HOH H 6 .   ? 17.834  -3.610  -8.331  1.00 41.39  ? 372 HOH A O   1 
HETATM 1429 O  O   . HOH H 6 .   ? 4.073   5.544   19.245  1.00 48.61  ? 373 HOH A O   1 
HETATM 1430 O  O   . HOH H 6 .   ? 15.313  -6.893  9.377   1.00 36.12  ? 374 HOH A O   1 
HETATM 1431 O  O   . HOH H 6 .   ? 1.909   4.411   -21.353 1.00 47.99  ? 375 HOH A O   1 
HETATM 1432 O  O   . HOH H 6 .   ? -12.962 -5.300  -0.299  1.00 35.02  ? 376 HOH A O   1 
HETATM 1433 O  O   . HOH H 6 .   ? 12.127  -5.225  14.679  1.00 31.17  ? 377 HOH A O   1 
HETATM 1434 O  O   . HOH H 6 .   ? 2.334   -0.088  23.960  1.00 43.99  ? 378 HOH A O   1 
HETATM 1435 O  O   . HOH H 6 .   ? 1.274   0.633   -18.100 1.00 49.79  ? 379 HOH A O   1 
HETATM 1436 O  O   . HOH H 6 .   ? -7.862  16.001  -7.718  1.00 45.78  ? 380 HOH A O   1 
HETATM 1437 O  O   . HOH H 6 .   ? 1.240   -2.652  -13.940 1.00 37.15  ? 381 HOH A O   1 
HETATM 1438 O  O   . HOH H 6 .   ? 6.060   8.689   -13.863 1.00 36.00  ? 382 HOH A O   1 
HETATM 1439 O  O   . HOH H 6 .   ? -10.924 6.300   -13.128 1.00 36.11  ? 383 HOH A O   1 
HETATM 1440 O  O   . HOH H 6 .   ? -16.118 1.786   8.467   1.00 37.08  ? 384 HOH A O   1 
HETATM 1441 O  O   . HOH H 6 .   ? -11.673 9.204   5.743   1.00 37.85  ? 385 HOH A O   1 
HETATM 1442 O  O   . HOH H 6 .   ? -11.265 -3.053  -18.446 1.00 50.61  ? 386 HOH A O   1 
HETATM 1443 O  O   . HOH H 6 .   ? -10.200 -8.546  12.175  1.00 34.69  ? 387 HOH A O   1 
HETATM 1444 O  O   . HOH H 6 .   ? 7.691   -11.085 12.874  1.00 44.93  ? 388 HOH A O   1 
HETATM 1445 O  O   . HOH H 6 .   ? 21.051  4.795   11.713  1.00 36.18  ? 389 HOH A O   1 
HETATM 1446 O  O   . HOH H 6 .   ? 10.917  -8.092  6.560   1.00 31.27  ? 390 HOH A O   1 
HETATM 1447 O  O   . HOH H 6 .   ? -17.169 -4.693  -2.592  1.00 33.21  ? 391 HOH A O   1 
HETATM 1448 O  O   . HOH H 6 .   ? -18.234 10.609  -6.890  1.00 30.65  ? 392 HOH A O   1 
HETATM 1449 O  O   . HOH H 6 .   ? -6.374  10.168  5.112   1.00 47.72  ? 393 HOH A O   1 
HETATM 1450 O  O   . HOH H 6 .   ? 6.275   11.527  10.850  1.00 48.87  ? 394 HOH A O   1 
HETATM 1451 O  O   . HOH H 6 .   ? -7.841  16.654  0.593   1.00 41.79  ? 395 HOH A O   1 
HETATM 1452 O  O   . HOH H 6 .   ? -14.522 14.056  -1.469  1.00 54.16  ? 396 HOH A O   1 
HETATM 1453 O  O   . HOH H 6 .   ? -9.216  2.421   12.906  1.00 44.47  ? 397 HOH A O   1 
HETATM 1454 O  O   . HOH H 6 .   ? -3.314  4.230   -18.118 1.00 38.66  ? 398 HOH A O   1 
HETATM 1455 O  O   . HOH H 6 .   ? -4.871  -4.097  -20.207 1.00 36.69  ? 399 HOH A O   1 
HETATM 1456 O  O   . HOH H 6 .   ? -0.090  -14.398 15.915  1.00 35.06  ? 400 HOH A O   1 
HETATM 1457 O  O   . HOH H 6 .   ? 26.991  3.093   9.887   1.00 47.49  ? 401 HOH A O   1 
HETATM 1458 O  O   . HOH H 6 .   ? 23.663  -3.664  3.448   1.00 58.80  ? 402 HOH A O   1 
HETATM 1459 O  O   . HOH H 6 .   ? -16.150 7.543   5.425   1.00 41.75  ? 403 HOH A O   1 
HETATM 1460 O  O   . HOH H 6 .   ? -21.865 -2.422  -5.529  1.00 39.33  ? 404 HOH A O   1 
HETATM 1461 O  O   . HOH H 6 .   ? -0.145  11.722  -17.143 1.00 49.76  ? 405 HOH A O   1 
HETATM 1462 O  O   . HOH H 6 .   ? -2.436  -9.792  -6.519  1.00 39.40  ? 406 HOH A O   1 
HETATM 1463 O  O   . HOH H 6 .   ? 14.535  -5.962  13.795  1.00 47.81  ? 407 HOH A O   1 
HETATM 1464 O  O   . HOH H 6 .   ? -14.782 4.177   8.681   1.00 44.31  ? 408 HOH A O   1 
HETATM 1465 O  O   . HOH H 6 .   ? 4.596   15.626  3.315   1.00 38.29  ? 409 HOH A O   1 
HETATM 1466 O  O   . HOH H 6 .   ? -0.524  8.768   -15.987 1.00 37.84  ? 410 HOH A O   1 
HETATM 1467 O  O   . HOH H 6 .   ? -10.813 12.032  -9.156  1.00 37.67  ? 411 HOH A O   1 
HETATM 1468 O  O   . HOH H 6 .   ? -10.537 -9.911  10.094  1.00 38.33  ? 412 HOH A O   1 
HETATM 1469 O  O   . HOH H 6 .   ? -3.582  18.870  -3.552  1.00 45.96  ? 413 HOH A O   1 
HETATM 1470 O  O   . HOH H 6 .   ? 2.943   4.669   -23.576 1.00 53.28  ? 414 HOH A O   1 
HETATM 1471 O  O   . HOH H 6 .   ? -18.955 2.111   9.364   1.00 46.32  ? 415 HOH A O   1 
HETATM 1472 O  O   . HOH H 6 .   ? 6.584   4.642   -22.959 1.00 45.65  ? 416 HOH A O   1 
# 
loop_
_pdbx_poly_seq_scheme.asym_id 
_pdbx_poly_seq_scheme.entity_id 
_pdbx_poly_seq_scheme.seq_id 
_pdbx_poly_seq_scheme.mon_id 
_pdbx_poly_seq_scheme.ndb_seq_num 
_pdbx_poly_seq_scheme.pdb_seq_num 
_pdbx_poly_seq_scheme.auth_seq_num 
_pdbx_poly_seq_scheme.pdb_mon_id 
_pdbx_poly_seq_scheme.auth_mon_id 
_pdbx_poly_seq_scheme.pdb_strand_id 
_pdbx_poly_seq_scheme.pdb_ins_code 
_pdbx_poly_seq_scheme.hetero 
A 1 1   MET 1   1   1   MET MET A . n 
A 1 2   ILE 2   2   2   ILE ILE A . n 
A 1 3   ARG 3   3   3   ARG ARG A . n 
A 1 4   ASP 4   4   4   ASP ASP A . n 
A 1 5   ILE 5   5   5   ILE ILE A . n 
A 1 6   ILE 6   6   6   ILE ILE A . n 
A 1 7   ARG 7   7   7   ARG ARG A . n 
A 1 8   MET 8   8   8   MET MET A . n 
A 1 9   GLY 9   9   9   GLY GLY A . n 
A 1 10  ASP 10  10  10  ASP ASP A . n 
A 1 11  LYS 11  11  11  LYS LYS A . n 
A 1 12  ARG 12  12  12  ARG ARG A . n 
A 1 13  LEU 13  13  13  LEU LEU A . n 
A 1 14  LEU 14  14  14  LEU LEU A . n 
A 1 15  ARG 15  15  15  ARG ARG A . n 
A 1 16  VAL 16  16  16  VAL VAL A . n 
A 1 17  ALA 17  17  17  ALA ALA A . n 
A 1 18  PRO 18  18  18  PRO PRO A . n 
A 1 19  GLN 19  19  19  GLN GLN A . n 
A 1 20  VAL 20  20  20  VAL VAL A . n 
A 1 21  THR 21  21  21  THR THR A . n 
A 1 22  ASN 22  22  22  ASN ASN A . n 
A 1 23  LEU 23  23  23  LEU LEU A . n 
A 1 24  GLY 24  24  24  GLY GLY A . n 
A 1 25  SER 25  25  25  SER SER A . n 
A 1 26  ALA 26  26  26  ALA ALA A . n 
A 1 27  GLU 27  27  27  GLU GLU A . n 
A 1 28  LEU 28  28  28  LEU LEU A . n 
A 1 29  HIS 29  29  29  HIS HIS A . n 
A 1 30  ALA 30  30  30  ALA ALA A . n 
A 1 31  LEU 31  31  31  LEU LEU A . n 
A 1 32  VAL 32  32  32  VAL VAL A . n 
A 1 33  SER 33  33  33  SER SER A . n 
A 1 34  ASP 34  34  34  ASP ASP A . n 
A 1 35  MET 35  35  35  MET MET A . n 
A 1 36  PHE 36  36  36  PHE PHE A . n 
A 1 37  GLU 37  37  37  GLU GLU A . n 
A 1 38  THR 38  38  38  THR THR A . n 
A 1 39  MET 39  39  39  MET MET A . n 
A 1 40  GLY 40  40  40  GLY GLY A . n 
A 1 41  ALA 41  41  41  ALA ALA A . n 
A 1 42  ALA 42  42  42  ALA ALA A . n 
A 1 43  HIS 43  43  43  HIS HIS A . n 
A 1 44  GLY 44  44  44  GLY GLY A . n 
A 1 45  VAL 45  45  45  VAL VAL A . n 
A 1 46  GLY 46  46  46  GLY GLY A . n 
A 1 47  LEU 47  47  47  LEU LEU A . n 
A 1 48  ALA 48  48  48  ALA ALA A . n 
A 1 49  ALA 49  49  49  ALA ALA A . n 
A 1 50  PRO 50  50  50  PRO PRO A . n 
A 1 51  GLN 51  51  51  GLN GLN A . n 
A 1 52  ILE 52  52  52  ILE ILE A . n 
A 1 53  ALA 53  53  53  ALA ALA A . n 
A 1 54  VAL 54  54  54  VAL VAL A . n 
A 1 55  ASP 55  55  55  ASP ASP A . n 
A 1 56  LEU 56  56  56  LEU LEU A . n 
A 1 57  GLN 57  57  57  GLN GLN A . n 
A 1 58  LEU 58  58  58  LEU LEU A . n 
A 1 59  MET 59  59  59  MET MET A . n 
A 1 60  VAL 60  60  60  VAL VAL A . n 
A 1 61  PHE 61  61  61  PHE PHE A . n 
A 1 62  GLY 62  62  62  GLY GLY A . n 
A 1 63  PHE 63  63  63  PHE PHE A . n 
A 1 64  GLU 64  64  64  GLU GLU A . n 
A 1 65  ALA 65  65  65  ALA ALA A . n 
A 1 66  SER 66  66  66  SER SER A . n 
A 1 67  GLU 67  67  67  GLU GLU A . n 
A 1 68  ARG 68  68  68  ARG ARG A . n 
A 1 69  TYR 69  69  69  TYR TYR A . n 
A 1 70  PRO 70  70  70  PRO PRO A . n 
A 1 71  GLU 71  71  71  GLU GLU A . n 
A 1 72  ALA 72  72  72  ALA ALA A . n 
A 1 73  PRO 73  73  73  PRO PRO A . n 
A 1 74  ALA 74  74  74  ALA ALA A . n 
A 1 75  VAL 75  75  75  VAL VAL A . n 
A 1 76  PRO 76  76  76  PRO PRO A . n 
A 1 77  LEU 77  77  77  LEU LEU A . n 
A 1 78  THR 78  78  78  THR THR A . n 
A 1 79  ALA 79  79  79  ALA ALA A . n 
A 1 80  LEU 80  80  80  LEU LEU A . n 
A 1 81  ALA 81  81  81  ALA ALA A . n 
A 1 82  ASN 82  82  82  ASN ASN A . n 
A 1 83  ALA 83  83  83  ALA ALA A . n 
A 1 84  GLN 84  84  84  GLN GLN A . n 
A 1 85  ILE 85  85  85  ILE ILE A . n 
A 1 86  GLU 86  86  86  GLU GLU A . n 
A 1 87  PRO 87  87  87  PRO PRO A . n 
A 1 88  LEU 88  88  88  LEU LEU A . n 
A 1 89  SER 89  89  89  SER SER A . n 
A 1 90  ASP 90  90  90  ASP ASP A . n 
A 1 91  GLU 91  91  91  GLU GLU A . n 
A 1 92  MET 92  92  92  MET MET A . n 
A 1 93  GLU 93  93  93  GLU GLU A . n 
A 1 94  ASN 94  94  94  ASN ASN A . n 
A 1 95  GLY 95  95  95  GLY GLY A . n 
A 1 96  TRP 96  96  96  TRP TRP A . n 
A 1 97  GLU 97  97  97  GLU GLU A . n 
A 1 98  GLY 98  98  98  GLY GLY A . n 
A 1 99  CYS 99  99  99  CYS CYS A . n 
A 1 100 LEU 100 100 100 LEU LEU A . n 
A 1 101 SER 101 101 101 SER SER A . n 
A 1 102 ILE 102 102 102 ILE ILE A . n 
A 1 103 PRO 103 103 103 PRO PRO A . n 
A 1 104 GLY 104 104 104 GLY GLY A . n 
A 1 105 LEU 105 105 105 LEU LEU A . n 
A 1 106 ARG 106 106 106 ARG ARG A . n 
A 1 107 ALA 107 107 107 ALA ALA A . n 
A 1 108 VAL 108 108 108 VAL VAL A . n 
A 1 109 ILE 109 109 109 ILE ILE A . n 
A 1 110 PRO 110 110 110 PRO PRO A . n 
A 1 111 ARG 111 111 111 ARG ARG A . n 
A 1 112 TYR 112 112 112 TYR TYR A . n 
A 1 113 ARG 113 113 113 ARG ARG A . n 
A 1 114 TYR 114 114 114 TYR TYR A . n 
A 1 115 ILE 115 115 115 ILE ILE A . n 
A 1 116 ARG 116 116 116 ARG ARG A . n 
A 1 117 TYR 117 117 117 TYR TYR A . n 
A 1 118 ARG 118 118 118 ARG ARG A . n 
A 1 119 GLY 119 119 119 GLY GLY A . n 
A 1 120 PHE 120 120 120 PHE PHE A . n 
A 1 121 ALA 121 121 121 ALA ALA A . n 
A 1 122 PRO 122 122 122 PRO PRO A . n 
A 1 123 ASP 123 123 123 ASP ASP A . n 
A 1 124 GLY 124 124 124 GLY GLY A . n 
A 1 125 SER 125 125 125 SER SER A . n 
A 1 126 PRO 126 126 126 PRO PRO A . n 
A 1 127 ILE 127 127 127 ILE ILE A . n 
A 1 128 GLU 128 128 128 GLU GLU A . n 
A 1 129 ARG 129 129 129 ARG ARG A . n 
A 1 130 GLU 130 130 130 GLU GLU A . n 
A 1 131 ALA 131 131 131 ALA ALA A . n 
A 1 132 GLU 132 132 132 GLU GLU A . n 
A 1 133 GLY 133 133 133 GLY GLY A . n 
A 1 134 PHE 134 134 134 PHE PHE A . n 
A 1 135 HIS 135 135 135 HIS HIS A . n 
A 1 136 ALA 136 136 136 ALA ALA A . n 
A 1 137 ARG 137 137 137 ARG ARG A . n 
A 1 138 VAL 138 138 138 VAL VAL A . n 
A 1 139 VAL 139 139 139 VAL VAL A . n 
A 1 140 GLN 140 140 140 GLN GLN A . n 
A 1 141 HIS 141 141 141 HIS HIS A . n 
A 1 142 GLU 142 142 142 GLU GLU A . n 
A 1 143 TYR 143 143 143 TYR TYR A . n 
A 1 144 ASP 144 144 144 ASP ASP A . n 
A 1 145 HIS 145 145 145 HIS HIS A . n 
A 1 146 LEU 146 146 146 LEU LEU A . n 
A 1 147 VAL 147 147 147 VAL VAL A . n 
A 1 148 GLY 148 148 148 GLY GLY A . n 
A 1 149 ARG 149 149 149 ARG ARG A . n 
A 1 150 LEU 150 150 150 LEU LEU A . n 
A 1 151 TYR 151 151 151 TYR TYR A . n 
A 1 152 PRO 152 152 152 PRO PRO A . n 
A 1 153 SER 153 153 153 SER SER A . n 
A 1 154 ARG 154 154 154 ARG ARG A . n 
A 1 155 ILE 155 155 155 ILE ILE A . n 
A 1 156 GLU 156 156 156 GLU GLU A . n 
A 1 157 ASN 157 157 157 ASN ASN A . n 
A 1 158 PHE 158 158 158 PHE PHE A . n 
A 1 159 ASP 159 159 159 ASP ASP A . n 
A 1 160 THR 160 160 160 THR THR A . n 
A 1 161 PHE 161 161 161 PHE PHE A . n 
A 1 162 GLY 162 162 162 GLY GLY A . n 
A 1 163 PHE 163 163 163 PHE PHE A . n 
A 1 164 ASP 164 164 164 ASP ASP A . n 
A 1 165 ASP 165 165 165 ASP ASP A . n 
A 1 166 VAL 166 166 166 VAL VAL A . n 
A 1 167 LEU 167 167 167 LEU LEU A . n 
A 1 168 SER 168 168 168 SER SER A . n 
A 1 169 TYR 169 169 169 TYR TYR A . n 
A 1 170 ASP 170 170 170 ASP ASP A . n 
A 1 171 LEU 171 171 ?   ?   ?   A . n 
# 
loop_
_pdbx_nonpoly_scheme.asym_id 
_pdbx_nonpoly_scheme.entity_id 
_pdbx_nonpoly_scheme.mon_id 
_pdbx_nonpoly_scheme.ndb_seq_num 
_pdbx_nonpoly_scheme.pdb_seq_num 
_pdbx_nonpoly_scheme.auth_seq_num 
_pdbx_nonpoly_scheme.pdb_mon_id 
_pdbx_nonpoly_scheme.auth_mon_id 
_pdbx_nonpoly_scheme.pdb_strand_id 
_pdbx_nonpoly_scheme.pdb_ins_code 
B 2 56V 1   201 1   56V 244 A . 
C 3 CD  1   202 1   CD  CD  A . 
D 3 CD  1   203 2   CD  CD  A . 
E 3 CD  1   204 3   CD  CD  A . 
F 4 ACT 1   205 1   ACT ACT A . 
G 5 NA  1   206 1   NA  NA  A . 
H 6 HOH 1   301 17  HOH HOH A . 
H 6 HOH 2   302 34  HOH HOH A . 
H 6 HOH 3   303 93  HOH HOH A . 
H 6 HOH 4   304 64  HOH HOH A . 
H 6 HOH 5   305 14  HOH HOH A . 
H 6 HOH 6   306 17  HOH HOH A . 
H 6 HOH 7   307 41  HOH HOH A . 
H 6 HOH 8   308 28  HOH HOH A . 
H 6 HOH 9   309 35  HOH HOH A . 
H 6 HOH 10  310 49  HOH HOH A . 
H 6 HOH 11  311 71  HOH HOH A . 
H 6 HOH 12  312 15  HOH HOH A . 
H 6 HOH 13  313 72  HOH HOH A . 
H 6 HOH 14  314 82  HOH HOH A . 
H 6 HOH 15  315 18  HOH HOH A . 
H 6 HOH 16  316 25  HOH HOH A . 
H 6 HOH 17  317 59  HOH HOH A . 
H 6 HOH 18  318 67  HOH HOH A . 
H 6 HOH 19  319 2   HOH HOH A . 
H 6 HOH 20  320 98  HOH HOH A . 
H 6 HOH 21  321 24  HOH HOH A . 
H 6 HOH 22  322 52  HOH HOH A . 
H 6 HOH 23  323 13  HOH HOH A . 
H 6 HOH 24  324 91  HOH HOH A . 
H 6 HOH 25  325 20  HOH HOH A . 
H 6 HOH 26  326 12  HOH HOH A . 
H 6 HOH 27  327 47  HOH HOH A . 
H 6 HOH 28  328 32  HOH HOH A . 
H 6 HOH 29  329 6   HOH HOH A . 
H 6 HOH 30  330 86  HOH HOH A . 
H 6 HOH 31  331 36  HOH HOH A . 
H 6 HOH 32  332 80  HOH HOH A . 
H 6 HOH 33  333 16  HOH HOH A . 
H 6 HOH 34  334 81  HOH HOH A . 
H 6 HOH 35  335 29  HOH HOH A . 
H 6 HOH 36  336 6   HOH HOH A . 
H 6 HOH 37  337 79  HOH HOH A . 
H 6 HOH 38  338 48  HOH HOH A . 
H 6 HOH 39  339 7   HOH HOH A . 
H 6 HOH 40  340 54  HOH HOH A . 
H 6 HOH 41  341 102 HOH HOH A . 
H 6 HOH 42  342 4   HOH HOH A . 
H 6 HOH 43  343 12  HOH HOH A . 
H 6 HOH 44  344 96  HOH HOH A . 
H 6 HOH 45  345 51  HOH HOH A . 
H 6 HOH 46  346 87  HOH HOH A . 
H 6 HOH 47  347 37  HOH HOH A . 
H 6 HOH 48  348 30  HOH HOH A . 
H 6 HOH 49  349 40  HOH HOH A . 
H 6 HOH 50  350 76  HOH HOH A . 
H 6 HOH 51  351 38  HOH HOH A . 
H 6 HOH 52  352 26  HOH HOH A . 
H 6 HOH 53  353 3   HOH HOH A . 
H 6 HOH 54  354 8   HOH HOH A . 
H 6 HOH 55  355 43  HOH HOH A . 
H 6 HOH 56  356 45  HOH HOH A . 
H 6 HOH 57  357 74  HOH HOH A . 
H 6 HOH 58  358 31  HOH HOH A . 
H 6 HOH 59  359 68  HOH HOH A . 
H 6 HOH 60  360 46  HOH HOH A . 
H 6 HOH 61  361 7   HOH HOH A . 
H 6 HOH 62  362 1   HOH HOH A . 
H 6 HOH 63  363 33  HOH HOH A . 
H 6 HOH 64  364 1   HOH HOH A . 
H 6 HOH 65  365 9   HOH HOH A . 
H 6 HOH 66  366 9   HOH HOH A . 
H 6 HOH 67  367 50  HOH HOH A . 
H 6 HOH 68  368 62  HOH HOH A . 
H 6 HOH 69  369 11  HOH HOH A . 
H 6 HOH 70  370 53  HOH HOH A . 
H 6 HOH 71  371 70  HOH HOH A . 
H 6 HOH 72  372 19  HOH HOH A . 
H 6 HOH 73  373 56  HOH HOH A . 
H 6 HOH 74  374 15  HOH HOH A . 
H 6 HOH 75  375 66  HOH HOH A . 
H 6 HOH 76  376 8   HOH HOH A . 
H 6 HOH 77  377 65  HOH HOH A . 
H 6 HOH 78  378 16  HOH HOH A . 
H 6 HOH 79  379 63  HOH HOH A . 
H 6 HOH 80  380 85  HOH HOH A . 
H 6 HOH 81  381 13  HOH HOH A . 
H 6 HOH 82  382 58  HOH HOH A . 
H 6 HOH 83  383 3   HOH HOH A . 
H 6 HOH 84  384 14  HOH HOH A . 
H 6 HOH 85  385 42  HOH HOH A . 
H 6 HOH 86  386 94  HOH HOH A . 
H 6 HOH 87  387 23  HOH HOH A . 
H 6 HOH 88  388 77  HOH HOH A . 
H 6 HOH 89  389 22  HOH HOH A . 
H 6 HOH 90  390 60  HOH HOH A . 
H 6 HOH 91  391 2   HOH HOH A . 
H 6 HOH 92  392 27  HOH HOH A . 
H 6 HOH 93  393 84  HOH HOH A . 
H 6 HOH 94  394 83  HOH HOH A . 
H 6 HOH 95  395 39  HOH HOH A . 
H 6 HOH 96  396 75  HOH HOH A . 
H 6 HOH 97  397 89  HOH HOH A . 
H 6 HOH 98  398 5   HOH HOH A . 
H 6 HOH 99  399 18  HOH HOH A . 
H 6 HOH 100 400 5   HOH HOH A . 
H 6 HOH 101 401 10  HOH HOH A . 
H 6 HOH 102 402 88  HOH HOH A . 
H 6 HOH 103 403 21  HOH HOH A . 
H 6 HOH 104 404 19  HOH HOH A . 
H 6 HOH 105 405 101 HOH HOH A . 
H 6 HOH 106 406 4   HOH HOH A . 
H 6 HOH 107 407 55  HOH HOH A . 
H 6 HOH 108 408 44  HOH HOH A . 
H 6 HOH 109 409 11  HOH HOH A . 
H 6 HOH 110 410 97  HOH HOH A . 
H 6 HOH 111 411 99  HOH HOH A . 
H 6 HOH 112 412 78  HOH HOH A . 
H 6 HOH 113 413 73  HOH HOH A . 
H 6 HOH 114 414 90  HOH HOH A . 
H 6 HOH 115 415 95  HOH HOH A . 
H 6 HOH 116 416 100 HOH HOH A . 
# 
_pdbx_struct_assembly.id                   1 
_pdbx_struct_assembly.details              author_and_software_defined_assembly 
_pdbx_struct_assembly.method_details       PISA 
_pdbx_struct_assembly.oligomeric_details   dimeric 
_pdbx_struct_assembly.oligomeric_count     2 
# 
_pdbx_struct_assembly_gen.assembly_id       1 
_pdbx_struct_assembly_gen.oper_expression   1,2 
_pdbx_struct_assembly_gen.asym_id_list      A,B,C,D,E,F,G,H 
# 
loop_
_pdbx_struct_assembly_prop.biol_id 
_pdbx_struct_assembly_prop.type 
_pdbx_struct_assembly_prop.value 
_pdbx_struct_assembly_prop.details 
1 'ABSA (A^2)' 3420  ? 
1 MORE         -70   ? 
1 'SSA (A^2)'  15280 ? 
# 
loop_
_pdbx_struct_oper_list.id 
_pdbx_struct_oper_list.type 
_pdbx_struct_oper_list.name 
_pdbx_struct_oper_list.symmetry_operation 
_pdbx_struct_oper_list.matrix[1][1] 
_pdbx_struct_oper_list.matrix[1][2] 
_pdbx_struct_oper_list.matrix[1][3] 
_pdbx_struct_oper_list.vector[1] 
_pdbx_struct_oper_list.matrix[2][1] 
_pdbx_struct_oper_list.matrix[2][2] 
_pdbx_struct_oper_list.matrix[2][3] 
_pdbx_struct_oper_list.vector[2] 
_pdbx_struct_oper_list.matrix[3][1] 
_pdbx_struct_oper_list.matrix[3][2] 
_pdbx_struct_oper_list.matrix[3][3] 
_pdbx_struct_oper_list.vector[3] 
1 'identity operation'         1_555 x,y,z     1.0000000000  0.0000000000  0.0000000000  0.0000000000  0.0000000000  1.0000000000  0.0000000000 0.0000000000  0.0000000000  0.0000000000 1.0000000000 0.0000000000  
2 'crystal symmetry operation' 8_555 x-y,-y,-z -0.9989144089 -0.0197979073 -0.0421668903 32.2339199519 -0.0197979073 -0.6389458985 0.7689968671 13.0257159723 -0.0421668903 0.7689968671 0.6378603073 -5.2858785138 
# 
loop_
_pdbx_struct_conn_angle.id 
_pdbx_struct_conn_angle.ptnr1_label_atom_id 
_pdbx_struct_conn_angle.ptnr1_label_alt_id 
_pdbx_struct_conn_angle.ptnr1_label_asym_id 
_pdbx_struct_conn_angle.ptnr1_label_comp_id 
_pdbx_struct_conn_angle.ptnr1_label_seq_id 
_pdbx_struct_conn_angle.ptnr1_auth_atom_id 
_pdbx_struct_conn_angle.ptnr1_auth_asym_id 
_pdbx_struct_conn_angle.ptnr1_auth_comp_id 
_pdbx_struct_conn_angle.ptnr1_auth_seq_id 
_pdbx_struct_conn_angle.ptnr1_PDB_ins_code 
_pdbx_struct_conn_angle.ptnr1_symmetry 
_pdbx_struct_conn_angle.ptnr2_label_atom_id 
_pdbx_struct_conn_angle.ptnr2_label_alt_id 
_pdbx_struct_conn_angle.ptnr2_label_asym_id 
_pdbx_struct_conn_angle.ptnr2_label_comp_id 
_pdbx_struct_conn_angle.ptnr2_label_seq_id 
_pdbx_struct_conn_angle.ptnr2_auth_atom_id 
_pdbx_struct_conn_angle.ptnr2_auth_asym_id 
_pdbx_struct_conn_angle.ptnr2_auth_comp_id 
_pdbx_struct_conn_angle.ptnr2_auth_seq_id 
_pdbx_struct_conn_angle.ptnr2_PDB_ins_code 
_pdbx_struct_conn_angle.ptnr2_symmetry 
_pdbx_struct_conn_angle.ptnr3_label_atom_id 
_pdbx_struct_conn_angle.ptnr3_label_alt_id 
_pdbx_struct_conn_angle.ptnr3_label_asym_id 
_pdbx_struct_conn_angle.ptnr3_label_comp_id 
_pdbx_struct_conn_angle.ptnr3_label_seq_id 
_pdbx_struct_conn_angle.ptnr3_auth_atom_id 
_pdbx_struct_conn_angle.ptnr3_auth_asym_id 
_pdbx_struct_conn_angle.ptnr3_auth_comp_id 
_pdbx_struct_conn_angle.ptnr3_auth_seq_id 
_pdbx_struct_conn_angle.ptnr3_PDB_ins_code 
_pdbx_struct_conn_angle.ptnr3_symmetry 
_pdbx_struct_conn_angle.value 
_pdbx_struct_conn_angle.value_esd 
1  O   ? A LEU 14  ? A LEU 14  ? 1_555 NA ? G NA . ? A NA 206 ? 1_555 O   ? H HOH .   ? A HOH 343 ? 1_555 93.0  ? 
2  O   ? A LEU 14  ? A LEU 14  ? 1_555 NA ? G NA . ? A NA 206 ? 1_555 O   ? H HOH .   ? A HOH 401 ? 8_555 164.0 ? 
3  O   ? H HOH .   ? A HOH 343 ? 1_555 NA ? G NA . ? A NA 206 ? 1_555 O   ? H HOH .   ? A HOH 401 ? 8_555 71.9  ? 
4  OE2 ? A GLU 37  ? A GLU 37  ? 1_555 CD ? E CD . ? A CD 204 ? 8_445 OE1 ? A GLU 132 ? A GLU 132 ? 1_555 16.6  ? 
5  OE2 ? A GLU 37  ? A GLU 37  ? 1_555 CD ? E CD . ? A CD 204 ? 8_445 OE2 ? A GLU 132 ? A GLU 132 ? 1_555 18.6  ? 
6  OE1 ? A GLU 132 ? A GLU 132 ? 1_555 CD ? E CD . ? A CD 204 ? 8_445 OE2 ? A GLU 132 ? A GLU 132 ? 1_555 2.9   ? 
7  OE2 ? A GLU 37  ? A GLU 37  ? 1_555 CD ? E CD . ? A CD 204 ? 8_445 O   ? H HOH .   ? A HOH 301 ? 1_555 16.9  ? 
8  OE1 ? A GLU 132 ? A GLU 132 ? 1_555 CD ? E CD . ? A CD 204 ? 8_445 O   ? H HOH .   ? A HOH 301 ? 1_555 1.9   ? 
9  OE2 ? A GLU 132 ? A GLU 132 ? 1_555 CD ? E CD . ? A CD 204 ? 8_445 O   ? H HOH .   ? A HOH 301 ? 1_555 1.7   ? 
10 OE2 ? A GLU 37  ? A GLU 37  ? 1_555 CD ? E CD . ? A CD 204 ? 8_445 O   ? H HOH .   ? A HOH 400 ? 1_555 15.8  ? 
11 OE1 ? A GLU 132 ? A GLU 132 ? 1_555 CD ? E CD . ? A CD 204 ? 8_445 O   ? H HOH .   ? A HOH 400 ? 1_555 5.1   ? 
12 OE2 ? A GLU 132 ? A GLU 132 ? 1_555 CD ? E CD . ? A CD 204 ? 8_445 O   ? H HOH .   ? A HOH 400 ? 1_555 4.3   ? 
13 O   ? H HOH .   ? A HOH 301 ? 1_555 CD ? E CD . ? A CD 204 ? 8_445 O   ? H HOH .   ? A HOH 400 ? 1_555 3.5   ? 
14 NE2 ? A HIS 43  ? A HIS 43  ? 1_555 CD ? C CD . ? A CD 202 ? 8_445 OE1 ? A GLU 128 ? A GLU 128 ? 1_555 53.6  ? 
15 NE2 ? A HIS 43  ? A HIS 43  ? 1_555 CD ? C CD . ? A CD 202 ? 8_445 OE2 ? A GLU 130 ? A GLU 130 ? 1_555 49.0  ? 
16 OE1 ? A GLU 128 ? A GLU 128 ? 1_555 CD ? C CD . ? A CD 202 ? 8_445 OE2 ? A GLU 130 ? A GLU 130 ? 1_555 5.5   ? 
17 SG  ? A CYS 99  ? A CYS 99  ? 1_555 CD ? D CD . ? A CD 203 ? 1_555 NE2 ? A HIS 141 ? A HIS 141 ? 1_555 98.8  ? 
18 SG  ? A CYS 99  ? A CYS 99  ? 1_555 CD ? D CD . ? A CD 203 ? 1_555 NE2 ? A HIS 145 ? A HIS 145 ? 1_555 87.9  ? 
19 NE2 ? A HIS 141 ? A HIS 141 ? 1_555 CD ? D CD . ? A CD 203 ? 1_555 NE2 ? A HIS 145 ? A HIS 145 ? 1_555 107.0 ? 
# 
loop_
_pdbx_audit_revision_history.ordinal 
_pdbx_audit_revision_history.data_content_type 
_pdbx_audit_revision_history.major_revision 
_pdbx_audit_revision_history.minor_revision 
_pdbx_audit_revision_history.revision_date 
1 'Structure model' 1 0 2016-08-03 
2 'Structure model' 1 1 2023-11-08 
# 
_pdbx_audit_revision_details.ordinal             1 
_pdbx_audit_revision_details.revision_ordinal    1 
_pdbx_audit_revision_details.data_content_type   'Structure model' 
_pdbx_audit_revision_details.provider            repository 
_pdbx_audit_revision_details.type                'Initial release' 
_pdbx_audit_revision_details.description         ? 
_pdbx_audit_revision_details.details             ? 
# 
loop_
_pdbx_audit_revision_group.ordinal 
_pdbx_audit_revision_group.revision_ordinal 
_pdbx_audit_revision_group.data_content_type 
_pdbx_audit_revision_group.group 
1 2 'Structure model' 'Data collection'        
2 2 'Structure model' 'Database references'    
3 2 'Structure model' 'Derived calculations'   
4 2 'Structure model' 'Refinement description' 
# 
loop_
_pdbx_audit_revision_category.ordinal 
_pdbx_audit_revision_category.revision_ordinal 
_pdbx_audit_revision_category.data_content_type 
_pdbx_audit_revision_category.category 
1 2 'Structure model' chem_comp_atom                
2 2 'Structure model' chem_comp_bond                
3 2 'Structure model' database_2                    
4 2 'Structure model' pdbx_initial_refinement_model 
5 2 'Structure model' pdbx_struct_conn_angle        
6 2 'Structure model' pdbx_struct_oper_list         
7 2 'Structure model' struct_conn                   
# 
loop_
_pdbx_audit_revision_item.ordinal 
_pdbx_audit_revision_item.revision_ordinal 
_pdbx_audit_revision_item.data_content_type 
_pdbx_audit_revision_item.item 
1  2 'Structure model' '_database_2.pdbx_DOI'                        
2  2 'Structure model' '_database_2.pdbx_database_accession'         
3  2 'Structure model' '_pdbx_struct_conn_angle.ptnr1_auth_comp_id'  
4  2 'Structure model' '_pdbx_struct_conn_angle.ptnr1_auth_seq_id'   
5  2 'Structure model' '_pdbx_struct_conn_angle.ptnr1_label_asym_id' 
6  2 'Structure model' '_pdbx_struct_conn_angle.ptnr1_label_atom_id' 
7  2 'Structure model' '_pdbx_struct_conn_angle.ptnr1_label_comp_id' 
8  2 'Structure model' '_pdbx_struct_conn_angle.ptnr1_label_seq_id'  
9  2 'Structure model' '_pdbx_struct_conn_angle.ptnr2_auth_seq_id'   
10 2 'Structure model' '_pdbx_struct_conn_angle.ptnr2_label_asym_id' 
11 2 'Structure model' '_pdbx_struct_conn_angle.ptnr2_symmetry'      
12 2 'Structure model' '_pdbx_struct_conn_angle.ptnr3_auth_comp_id'  
13 2 'Structure model' '_pdbx_struct_conn_angle.ptnr3_auth_seq_id'   
14 2 'Structure model' '_pdbx_struct_conn_angle.ptnr3_label_asym_id' 
15 2 'Structure model' '_pdbx_struct_conn_angle.ptnr3_label_atom_id' 
16 2 'Structure model' '_pdbx_struct_conn_angle.ptnr3_label_comp_id' 
17 2 'Structure model' '_pdbx_struct_conn_angle.ptnr3_label_seq_id'  
18 2 'Structure model' '_pdbx_struct_conn_angle.value'               
19 2 'Structure model' '_pdbx_struct_oper_list.symmetry_operation'   
20 2 'Structure model' '_struct_conn.pdbx_dist_value'                
21 2 'Structure model' '_struct_conn.ptnr1_auth_comp_id'             
22 2 'Structure model' '_struct_conn.ptnr1_auth_seq_id'              
23 2 'Structure model' '_struct_conn.ptnr1_label_asym_id'            
24 2 'Structure model' '_struct_conn.ptnr1_label_atom_id'            
25 2 'Structure model' '_struct_conn.ptnr1_label_comp_id'            
26 2 'Structure model' '_struct_conn.ptnr1_label_seq_id'             
27 2 'Structure model' '_struct_conn.ptnr2_auth_comp_id'             
28 2 'Structure model' '_struct_conn.ptnr2_auth_seq_id'              
29 2 'Structure model' '_struct_conn.ptnr2_label_asym_id'            
30 2 'Structure model' '_struct_conn.ptnr2_label_atom_id'            
31 2 'Structure model' '_struct_conn.ptnr2_label_comp_id'            
32 2 'Structure model' '_struct_conn.ptnr2_symmetry'                 
# 
loop_
_software.citation_id 
_software.classification 
_software.compiler_name 
_software.compiler_version 
_software.contact_author 
_software.contact_author_email 
_software.date 
_software.description 
_software.dependencies 
_software.hardware 
_software.language 
_software.location 
_software.mods 
_software.name 
_software.os 
_software.os_version 
_software.type 
_software.version 
_software.pdbx_ordinal 
? refinement       ? ? ? ? ? ? ? ? ? ? ? REFMAC   ? ? ? 5.7.0032 1 
? 'data reduction' ? ? ? ? ? ? ? ? ? ? ? HKL-2000 ? ? ? .        2 
? 'data scaling'   ? ? ? ? ? ? ? ? ? ? ? HKL-2000 ? ? ? .        3 
? phasing          ? ? ? ? ? ? ? ? ? ? ? HKL-2000 ? ? ? .        4 
# 
loop_
_pdbx_validate_close_contact.id 
_pdbx_validate_close_contact.PDB_model_num 
_pdbx_validate_close_contact.auth_atom_id_1 
_pdbx_validate_close_contact.auth_asym_id_1 
_pdbx_validate_close_contact.auth_comp_id_1 
_pdbx_validate_close_contact.auth_seq_id_1 
_pdbx_validate_close_contact.PDB_ins_code_1 
_pdbx_validate_close_contact.label_alt_id_1 
_pdbx_validate_close_contact.auth_atom_id_2 
_pdbx_validate_close_contact.auth_asym_id_2 
_pdbx_validate_close_contact.auth_comp_id_2 
_pdbx_validate_close_contact.auth_seq_id_2 
_pdbx_validate_close_contact.PDB_ins_code_2 
_pdbx_validate_close_contact.label_alt_id_2 
_pdbx_validate_close_contact.dist 
1 1 CD  A CD  203 ? ? O A HOH 302 ? ? 1.62 
2 1 O   A HOH 302 ? ? O A HOH 341 ? ? 2.15 
3 1 OE1 A GLU 132 ? ? O A HOH 301 ? ? 2.16 
4 1 OE1 A GLU 142 ? ? O A HOH 302 ? ? 2.16 
# 
_pdbx_validate_rmsd_bond.id                        1 
_pdbx_validate_rmsd_bond.PDB_model_num             1 
_pdbx_validate_rmsd_bond.auth_atom_id_1            CD 
_pdbx_validate_rmsd_bond.auth_asym_id_1            A 
_pdbx_validate_rmsd_bond.auth_comp_id_1            GLU 
_pdbx_validate_rmsd_bond.auth_seq_id_1             91 
_pdbx_validate_rmsd_bond.PDB_ins_code_1            ? 
_pdbx_validate_rmsd_bond.label_alt_id_1            ? 
_pdbx_validate_rmsd_bond.auth_atom_id_2            OE1 
_pdbx_validate_rmsd_bond.auth_asym_id_2            A 
_pdbx_validate_rmsd_bond.auth_comp_id_2            GLU 
_pdbx_validate_rmsd_bond.auth_seq_id_2             91 
_pdbx_validate_rmsd_bond.PDB_ins_code_2            ? 
_pdbx_validate_rmsd_bond.label_alt_id_2            ? 
_pdbx_validate_rmsd_bond.bond_value                1.396 
_pdbx_validate_rmsd_bond.bond_target_value         1.252 
_pdbx_validate_rmsd_bond.bond_deviation            0.144 
_pdbx_validate_rmsd_bond.bond_standard_deviation   0.011 
_pdbx_validate_rmsd_bond.linker_flag               N 
# 
loop_
_pdbx_validate_rmsd_angle.id 
_pdbx_validate_rmsd_angle.PDB_model_num 
_pdbx_validate_rmsd_angle.auth_atom_id_1 
_pdbx_validate_rmsd_angle.auth_asym_id_1 
_pdbx_validate_rmsd_angle.auth_comp_id_1 
_pdbx_validate_rmsd_angle.auth_seq_id_1 
_pdbx_validate_rmsd_angle.PDB_ins_code_1 
_pdbx_validate_rmsd_angle.label_alt_id_1 
_pdbx_validate_rmsd_angle.auth_atom_id_2 
_pdbx_validate_rmsd_angle.auth_asym_id_2 
_pdbx_validate_rmsd_angle.auth_comp_id_2 
_pdbx_validate_rmsd_angle.auth_seq_id_2 
_pdbx_validate_rmsd_angle.PDB_ins_code_2 
_pdbx_validate_rmsd_angle.label_alt_id_2 
_pdbx_validate_rmsd_angle.auth_atom_id_3 
_pdbx_validate_rmsd_angle.auth_asym_id_3 
_pdbx_validate_rmsd_angle.auth_comp_id_3 
_pdbx_validate_rmsd_angle.auth_seq_id_3 
_pdbx_validate_rmsd_angle.PDB_ins_code_3 
_pdbx_validate_rmsd_angle.label_alt_id_3 
_pdbx_validate_rmsd_angle.angle_value 
_pdbx_validate_rmsd_angle.angle_target_value 
_pdbx_validate_rmsd_angle.angle_deviation 
_pdbx_validate_rmsd_angle.angle_standard_deviation 
_pdbx_validate_rmsd_angle.linker_flag 
1 1 CG A GLU 91  ? ? CD A GLU 91  ? ? OE1 A GLU 91  ? ? 131.04 118.30 12.74  2.00 N 
2 1 CG A GLU 91  ? ? CD A GLU 91  ? ? OE2 A GLU 91  ? ? 104.89 118.30 -13.41 2.00 N 
3 1 NE A ARG 113 ? ? CZ A ARG 113 ? ? NH1 A ARG 113 ? ? 123.59 120.30 3.29   0.50 N 
4 1 NE A ARG 129 ? ? CZ A ARG 129 ? ? NH1 A ARG 129 ? ? 124.20 120.30 3.90   0.50 N 
# 
loop_
_pdbx_validate_torsion.id 
_pdbx_validate_torsion.PDB_model_num 
_pdbx_validate_torsion.auth_comp_id 
_pdbx_validate_torsion.auth_asym_id 
_pdbx_validate_torsion.auth_seq_id 
_pdbx_validate_torsion.PDB_ins_code 
_pdbx_validate_torsion.label_alt_id 
_pdbx_validate_torsion.phi 
_pdbx_validate_torsion.psi 
1 1 MET A 8   ? ? -39.68  134.46 
2 1 PHE A 63  ? ? 179.79  160.61 
3 1 TYR A 69  ? ? -114.12 59.90  
4 1 ALA A 72  ? ? 177.05  137.41 
5 1 SER A 168 ? ? -141.19 27.21  
# 
_pdbx_distant_solvent_atoms.id                                1 
_pdbx_distant_solvent_atoms.PDB_model_num                     1 
_pdbx_distant_solvent_atoms.auth_atom_id                      O 
_pdbx_distant_solvent_atoms.label_alt_id                      ? 
_pdbx_distant_solvent_atoms.auth_asym_id                      A 
_pdbx_distant_solvent_atoms.auth_comp_id                      HOH 
_pdbx_distant_solvent_atoms.auth_seq_id                       416 
_pdbx_distant_solvent_atoms.PDB_ins_code                      ? 
_pdbx_distant_solvent_atoms.neighbor_macromolecule_distance   7.14 
_pdbx_distant_solvent_atoms.neighbor_ligand_distance          . 
# 
_pdbx_unobs_or_zero_occ_residues.id               1 
_pdbx_unobs_or_zero_occ_residues.PDB_model_num    1 
_pdbx_unobs_or_zero_occ_residues.polymer_flag     Y 
_pdbx_unobs_or_zero_occ_residues.occupancy_flag   1 
_pdbx_unobs_or_zero_occ_residues.auth_asym_id     A 
_pdbx_unobs_or_zero_occ_residues.auth_comp_id     LEU 
_pdbx_unobs_or_zero_occ_residues.auth_seq_id      171 
_pdbx_unobs_or_zero_occ_residues.PDB_ins_code     ? 
_pdbx_unobs_or_zero_occ_residues.label_asym_id    A 
_pdbx_unobs_or_zero_occ_residues.label_comp_id    LEU 
_pdbx_unobs_or_zero_occ_residues.label_seq_id     171 
# 
loop_
_chem_comp_atom.comp_id 
_chem_comp_atom.atom_id 
_chem_comp_atom.type_symbol 
_chem_comp_atom.pdbx_aromatic_flag 
_chem_comp_atom.pdbx_stereo_config 
_chem_comp_atom.pdbx_ordinal 
56V C1   C  Y N 1   
56V C2   C  Y N 2   
56V C3   C  Y N 3   
56V C4   C  Y N 4   
56V C5   C  Y N 5   
56V C6   C  Y N 6   
56V C10  C  N R 7   
56V C11  C  N N 8   
56V O13  O  N N 9   
56V S12  S  N N 10  
56V C8   C  Y N 11  
56V N7   N  Y N 12  
56V N9   N  Y N 13  
56V H1   H  N N 14  
56V H2   H  N N 15  
56V H3   H  N N 16  
56V H4   H  N N 17  
56V H5   H  N N 18  
56V H6   H  N N 19  
56V H7   H  N N 20  
56V H8   H  N N 21  
ACT C    C  N N 22  
ACT O    O  N N 23  
ACT OXT  O  N N 24  
ACT CH3  C  N N 25  
ACT H1   H  N N 26  
ACT H2   H  N N 27  
ACT H3   H  N N 28  
ALA N    N  N N 29  
ALA CA   C  N S 30  
ALA C    C  N N 31  
ALA O    O  N N 32  
ALA CB   C  N N 33  
ALA OXT  O  N N 34  
ALA H    H  N N 35  
ALA H2   H  N N 36  
ALA HA   H  N N 37  
ALA HB1  H  N N 38  
ALA HB2  H  N N 39  
ALA HB3  H  N N 40  
ALA HXT  H  N N 41  
ARG N    N  N N 42  
ARG CA   C  N S 43  
ARG C    C  N N 44  
ARG O    O  N N 45  
ARG CB   C  N N 46  
ARG CG   C  N N 47  
ARG CD   C  N N 48  
ARG NE   N  N N 49  
ARG CZ   C  N N 50  
ARG NH1  N  N N 51  
ARG NH2  N  N N 52  
ARG OXT  O  N N 53  
ARG H    H  N N 54  
ARG H2   H  N N 55  
ARG HA   H  N N 56  
ARG HB2  H  N N 57  
ARG HB3  H  N N 58  
ARG HG2  H  N N 59  
ARG HG3  H  N N 60  
ARG HD2  H  N N 61  
ARG HD3  H  N N 62  
ARG HE   H  N N 63  
ARG HH11 H  N N 64  
ARG HH12 H  N N 65  
ARG HH21 H  N N 66  
ARG HH22 H  N N 67  
ARG HXT  H  N N 68  
ASN N    N  N N 69  
ASN CA   C  N S 70  
ASN C    C  N N 71  
ASN O    O  N N 72  
ASN CB   C  N N 73  
ASN CG   C  N N 74  
ASN OD1  O  N N 75  
ASN ND2  N  N N 76  
ASN OXT  O  N N 77  
ASN H    H  N N 78  
ASN H2   H  N N 79  
ASN HA   H  N N 80  
ASN HB2  H  N N 81  
ASN HB3  H  N N 82  
ASN HD21 H  N N 83  
ASN HD22 H  N N 84  
ASN HXT  H  N N 85  
ASP N    N  N N 86  
ASP CA   C  N S 87  
ASP C    C  N N 88  
ASP O    O  N N 89  
ASP CB   C  N N 90  
ASP CG   C  N N 91  
ASP OD1  O  N N 92  
ASP OD2  O  N N 93  
ASP OXT  O  N N 94  
ASP H    H  N N 95  
ASP H2   H  N N 96  
ASP HA   H  N N 97  
ASP HB2  H  N N 98  
ASP HB3  H  N N 99  
ASP HD2  H  N N 100 
ASP HXT  H  N N 101 
CD  CD   CD N N 102 
CYS N    N  N N 103 
CYS CA   C  N R 104 
CYS C    C  N N 105 
CYS O    O  N N 106 
CYS CB   C  N N 107 
CYS SG   S  N N 108 
CYS OXT  O  N N 109 
CYS H    H  N N 110 
CYS H2   H  N N 111 
CYS HA   H  N N 112 
CYS HB2  H  N N 113 
CYS HB3  H  N N 114 
CYS HG   H  N N 115 
CYS HXT  H  N N 116 
GLN N    N  N N 117 
GLN CA   C  N S 118 
GLN C    C  N N 119 
GLN O    O  N N 120 
GLN CB   C  N N 121 
GLN CG   C  N N 122 
GLN CD   C  N N 123 
GLN OE1  O  N N 124 
GLN NE2  N  N N 125 
GLN OXT  O  N N 126 
GLN H    H  N N 127 
GLN H2   H  N N 128 
GLN HA   H  N N 129 
GLN HB2  H  N N 130 
GLN HB3  H  N N 131 
GLN HG2  H  N N 132 
GLN HG3  H  N N 133 
GLN HE21 H  N N 134 
GLN HE22 H  N N 135 
GLN HXT  H  N N 136 
GLU N    N  N N 137 
GLU CA   C  N S 138 
GLU C    C  N N 139 
GLU O    O  N N 140 
GLU CB   C  N N 141 
GLU CG   C  N N 142 
GLU CD   C  N N 143 
GLU OE1  O  N N 144 
GLU OE2  O  N N 145 
GLU OXT  O  N N 146 
GLU H    H  N N 147 
GLU H2   H  N N 148 
GLU HA   H  N N 149 
GLU HB2  H  N N 150 
GLU HB3  H  N N 151 
GLU HG2  H  N N 152 
GLU HG3  H  N N 153 
GLU HE2  H  N N 154 
GLU HXT  H  N N 155 
GLY N    N  N N 156 
GLY CA   C  N N 157 
GLY C    C  N N 158 
GLY O    O  N N 159 
GLY OXT  O  N N 160 
GLY H    H  N N 161 
GLY H2   H  N N 162 
GLY HA2  H  N N 163 
GLY HA3  H  N N 164 
GLY HXT  H  N N 165 
HIS N    N  N N 166 
HIS CA   C  N S 167 
HIS C    C  N N 168 
HIS O    O  N N 169 
HIS CB   C  N N 170 
HIS CG   C  Y N 171 
HIS ND1  N  Y N 172 
HIS CD2  C  Y N 173 
HIS CE1  C  Y N 174 
HIS NE2  N  Y N 175 
HIS OXT  O  N N 176 
HIS H    H  N N 177 
HIS H2   H  N N 178 
HIS HA   H  N N 179 
HIS HB2  H  N N 180 
HIS HB3  H  N N 181 
HIS HD1  H  N N 182 
HIS HD2  H  N N 183 
HIS HE1  H  N N 184 
HIS HE2  H  N N 185 
HIS HXT  H  N N 186 
HOH O    O  N N 187 
HOH H1   H  N N 188 
HOH H2   H  N N 189 
ILE N    N  N N 190 
ILE CA   C  N S 191 
ILE C    C  N N 192 
ILE O    O  N N 193 
ILE CB   C  N S 194 
ILE CG1  C  N N 195 
ILE CG2  C  N N 196 
ILE CD1  C  N N 197 
ILE OXT  O  N N 198 
ILE H    H  N N 199 
ILE H2   H  N N 200 
ILE HA   H  N N 201 
ILE HB   H  N N 202 
ILE HG12 H  N N 203 
ILE HG13 H  N N 204 
ILE HG21 H  N N 205 
ILE HG22 H  N N 206 
ILE HG23 H  N N 207 
ILE HD11 H  N N 208 
ILE HD12 H  N N 209 
ILE HD13 H  N N 210 
ILE HXT  H  N N 211 
LEU N    N  N N 212 
LEU CA   C  N S 213 
LEU C    C  N N 214 
LEU O    O  N N 215 
LEU CB   C  N N 216 
LEU CG   C  N N 217 
LEU CD1  C  N N 218 
LEU CD2  C  N N 219 
LEU OXT  O  N N 220 
LEU H    H  N N 221 
LEU H2   H  N N 222 
LEU HA   H  N N 223 
LEU HB2  H  N N 224 
LEU HB3  H  N N 225 
LEU HG   H  N N 226 
LEU HD11 H  N N 227 
LEU HD12 H  N N 228 
LEU HD13 H  N N 229 
LEU HD21 H  N N 230 
LEU HD22 H  N N 231 
LEU HD23 H  N N 232 
LEU HXT  H  N N 233 
LYS N    N  N N 234 
LYS CA   C  N S 235 
LYS C    C  N N 236 
LYS O    O  N N 237 
LYS CB   C  N N 238 
LYS CG   C  N N 239 
LYS CD   C  N N 240 
LYS CE   C  N N 241 
LYS NZ   N  N N 242 
LYS OXT  O  N N 243 
LYS H    H  N N 244 
LYS H2   H  N N 245 
LYS HA   H  N N 246 
LYS HB2  H  N N 247 
LYS HB3  H  N N 248 
LYS HG2  H  N N 249 
LYS HG3  H  N N 250 
LYS HD2  H  N N 251 
LYS HD3  H  N N 252 
LYS HE2  H  N N 253 
LYS HE3  H  N N 254 
LYS HZ1  H  N N 255 
LYS HZ2  H  N N 256 
LYS HZ3  H  N N 257 
LYS HXT  H  N N 258 
MET N    N  N N 259 
MET CA   C  N S 260 
MET C    C  N N 261 
MET O    O  N N 262 
MET CB   C  N N 263 
MET CG   C  N N 264 
MET SD   S  N N 265 
MET CE   C  N N 266 
MET OXT  O  N N 267 
MET H    H  N N 268 
MET H2   H  N N 269 
MET HA   H  N N 270 
MET HB2  H  N N 271 
MET HB3  H  N N 272 
MET HG2  H  N N 273 
MET HG3  H  N N 274 
MET HE1  H  N N 275 
MET HE2  H  N N 276 
MET HE3  H  N N 277 
MET HXT  H  N N 278 
NA  NA   NA N N 279 
PHE N    N  N N 280 
PHE CA   C  N S 281 
PHE C    C  N N 282 
PHE O    O  N N 283 
PHE CB   C  N N 284 
PHE CG   C  Y N 285 
PHE CD1  C  Y N 286 
PHE CD2  C  Y N 287 
PHE CE1  C  Y N 288 
PHE CE2  C  Y N 289 
PHE CZ   C  Y N 290 
PHE OXT  O  N N 291 
PHE H    H  N N 292 
PHE H2   H  N N 293 
PHE HA   H  N N 294 
PHE HB2  H  N N 295 
PHE HB3  H  N N 296 
PHE HD1  H  N N 297 
PHE HD2  H  N N 298 
PHE HE1  H  N N 299 
PHE HE2  H  N N 300 
PHE HZ   H  N N 301 
PHE HXT  H  N N 302 
PRO N    N  N N 303 
PRO CA   C  N S 304 
PRO C    C  N N 305 
PRO O    O  N N 306 
PRO CB   C  N N 307 
PRO CG   C  N N 308 
PRO CD   C  N N 309 
PRO OXT  O  N N 310 
PRO H    H  N N 311 
PRO HA   H  N N 312 
PRO HB2  H  N N 313 
PRO HB3  H  N N 314 
PRO HG2  H  N N 315 
PRO HG3  H  N N 316 
PRO HD2  H  N N 317 
PRO HD3  H  N N 318 
PRO HXT  H  N N 319 
SER N    N  N N 320 
SER CA   C  N S 321 
SER C    C  N N 322 
SER O    O  N N 323 
SER CB   C  N N 324 
SER OG   O  N N 325 
SER OXT  O  N N 326 
SER H    H  N N 327 
SER H2   H  N N 328 
SER HA   H  N N 329 
SER HB2  H  N N 330 
SER HB3  H  N N 331 
SER HG   H  N N 332 
SER HXT  H  N N 333 
THR N    N  N N 334 
THR CA   C  N S 335 
THR C    C  N N 336 
THR O    O  N N 337 
THR CB   C  N R 338 
THR OG1  O  N N 339 
THR CG2  C  N N 340 
THR OXT  O  N N 341 
THR H    H  N N 342 
THR H2   H  N N 343 
THR HA   H  N N 344 
THR HB   H  N N 345 
THR HG1  H  N N 346 
THR HG21 H  N N 347 
THR HG22 H  N N 348 
THR HG23 H  N N 349 
THR HXT  H  N N 350 
TRP N    N  N N 351 
TRP CA   C  N S 352 
TRP C    C  N N 353 
TRP O    O  N N 354 
TRP CB   C  N N 355 
TRP CG   C  Y N 356 
TRP CD1  C  Y N 357 
TRP CD2  C  Y N 358 
TRP NE1  N  Y N 359 
TRP CE2  C  Y N 360 
TRP CE3  C  Y N 361 
TRP CZ2  C  Y N 362 
TRP CZ3  C  Y N 363 
TRP CH2  C  Y N 364 
TRP OXT  O  N N 365 
TRP H    H  N N 366 
TRP H2   H  N N 367 
TRP HA   H  N N 368 
TRP HB2  H  N N 369 
TRP HB3  H  N N 370 
TRP HD1  H  N N 371 
TRP HE1  H  N N 372 
TRP HE3  H  N N 373 
TRP HZ2  H  N N 374 
TRP HZ3  H  N N 375 
TRP HH2  H  N N 376 
TRP HXT  H  N N 377 
TYR N    N  N N 378 
TYR CA   C  N S 379 
TYR C    C  N N 380 
TYR O    O  N N 381 
TYR CB   C  N N 382 
TYR CG   C  Y N 383 
TYR CD1  C  Y N 384 
TYR CD2  C  Y N 385 
TYR CE1  C  Y N 386 
TYR CE2  C  Y N 387 
TYR CZ   C  Y N 388 
TYR OH   O  N N 389 
TYR OXT  O  N N 390 
TYR H    H  N N 391 
TYR H2   H  N N 392 
TYR HA   H  N N 393 
TYR HB2  H  N N 394 
TYR HB3  H  N N 395 
TYR HD1  H  N N 396 
TYR HD2  H  N N 397 
TYR HE1  H  N N 398 
TYR HE2  H  N N 399 
TYR HH   H  N N 400 
TYR HXT  H  N N 401 
VAL N    N  N N 402 
VAL CA   C  N S 403 
VAL C    C  N N 404 
VAL O    O  N N 405 
VAL CB   C  N N 406 
VAL CG1  C  N N 407 
VAL CG2  C  N N 408 
VAL OXT  O  N N 409 
VAL H    H  N N 410 
VAL H2   H  N N 411 
VAL HA   H  N N 412 
VAL HB   H  N N 413 
VAL HG11 H  N N 414 
VAL HG12 H  N N 415 
VAL HG13 H  N N 416 
VAL HG21 H  N N 417 
VAL HG22 H  N N 418 
VAL HG23 H  N N 419 
VAL HXT  H  N N 420 
# 
loop_
_chem_comp_bond.comp_id 
_chem_comp_bond.atom_id_1 
_chem_comp_bond.atom_id_2 
_chem_comp_bond.value_order 
_chem_comp_bond.pdbx_aromatic_flag 
_chem_comp_bond.pdbx_stereo_config 
_chem_comp_bond.pdbx_ordinal 
56V C5  C4   doub Y N 1   
56V C5  C6   sing Y N 2   
56V C4  C3   sing Y N 3   
56V O13 C10  sing N N 4   
56V C10 N9   sing N N 5   
56V C10 C11  sing N N 6   
56V C6  C1   doub Y N 7   
56V C3  N9   sing Y N 8   
56V C3  C2   doub Y N 9   
56V N9  C8   sing Y N 10  
56V C11 S12  sing N N 11  
56V C1  C2   sing Y N 12  
56V C2  N7   sing Y N 13  
56V C8  S12  sing N N 14  
56V C8  N7   doub Y N 15  
56V C1  H1   sing N N 16  
56V C4  H2   sing N N 17  
56V C5  H3   sing N N 18  
56V C6  H4   sing N N 19  
56V C10 H5   sing N N 20  
56V C11 H6   sing N N 21  
56V O13 H7   sing N N 22  
56V C11 H8   sing N N 23  
ACT C   O    doub N N 24  
ACT C   OXT  sing N N 25  
ACT C   CH3  sing N N 26  
ACT CH3 H1   sing N N 27  
ACT CH3 H2   sing N N 28  
ACT CH3 H3   sing N N 29  
ALA N   CA   sing N N 30  
ALA N   H    sing N N 31  
ALA N   H2   sing N N 32  
ALA CA  C    sing N N 33  
ALA CA  CB   sing N N 34  
ALA CA  HA   sing N N 35  
ALA C   O    doub N N 36  
ALA C   OXT  sing N N 37  
ALA CB  HB1  sing N N 38  
ALA CB  HB2  sing N N 39  
ALA CB  HB3  sing N N 40  
ALA OXT HXT  sing N N 41  
ARG N   CA   sing N N 42  
ARG N   H    sing N N 43  
ARG N   H2   sing N N 44  
ARG CA  C    sing N N 45  
ARG CA  CB   sing N N 46  
ARG CA  HA   sing N N 47  
ARG C   O    doub N N 48  
ARG C   OXT  sing N N 49  
ARG CB  CG   sing N N 50  
ARG CB  HB2  sing N N 51  
ARG CB  HB3  sing N N 52  
ARG CG  CD   sing N N 53  
ARG CG  HG2  sing N N 54  
ARG CG  HG3  sing N N 55  
ARG CD  NE   sing N N 56  
ARG CD  HD2  sing N N 57  
ARG CD  HD3  sing N N 58  
ARG NE  CZ   sing N N 59  
ARG NE  HE   sing N N 60  
ARG CZ  NH1  sing N N 61  
ARG CZ  NH2  doub N N 62  
ARG NH1 HH11 sing N N 63  
ARG NH1 HH12 sing N N 64  
ARG NH2 HH21 sing N N 65  
ARG NH2 HH22 sing N N 66  
ARG OXT HXT  sing N N 67  
ASN N   CA   sing N N 68  
ASN N   H    sing N N 69  
ASN N   H2   sing N N 70  
ASN CA  C    sing N N 71  
ASN CA  CB   sing N N 72  
ASN CA  HA   sing N N 73  
ASN C   O    doub N N 74  
ASN C   OXT  sing N N 75  
ASN CB  CG   sing N N 76  
ASN CB  HB2  sing N N 77  
ASN CB  HB3  sing N N 78  
ASN CG  OD1  doub N N 79  
ASN CG  ND2  sing N N 80  
ASN ND2 HD21 sing N N 81  
ASN ND2 HD22 sing N N 82  
ASN OXT HXT  sing N N 83  
ASP N   CA   sing N N 84  
ASP N   H    sing N N 85  
ASP N   H2   sing N N 86  
ASP CA  C    sing N N 87  
ASP CA  CB   sing N N 88  
ASP CA  HA   sing N N 89  
ASP C   O    doub N N 90  
ASP C   OXT  sing N N 91  
ASP CB  CG   sing N N 92  
ASP CB  HB2  sing N N 93  
ASP CB  HB3  sing N N 94  
ASP CG  OD1  doub N N 95  
ASP CG  OD2  sing N N 96  
ASP OD2 HD2  sing N N 97  
ASP OXT HXT  sing N N 98  
CYS N   CA   sing N N 99  
CYS N   H    sing N N 100 
CYS N   H2   sing N N 101 
CYS CA  C    sing N N 102 
CYS CA  CB   sing N N 103 
CYS CA  HA   sing N N 104 
CYS C   O    doub N N 105 
CYS C   OXT  sing N N 106 
CYS CB  SG   sing N N 107 
CYS CB  HB2  sing N N 108 
CYS CB  HB3  sing N N 109 
CYS SG  HG   sing N N 110 
CYS OXT HXT  sing N N 111 
GLN N   CA   sing N N 112 
GLN N   H    sing N N 113 
GLN N   H2   sing N N 114 
GLN CA  C    sing N N 115 
GLN CA  CB   sing N N 116 
GLN CA  HA   sing N N 117 
GLN C   O    doub N N 118 
GLN C   OXT  sing N N 119 
GLN CB  CG   sing N N 120 
GLN CB  HB2  sing N N 121 
GLN CB  HB3  sing N N 122 
GLN CG  CD   sing N N 123 
GLN CG  HG2  sing N N 124 
GLN CG  HG3  sing N N 125 
GLN CD  OE1  doub N N 126 
GLN CD  NE2  sing N N 127 
GLN NE2 HE21 sing N N 128 
GLN NE2 HE22 sing N N 129 
GLN OXT HXT  sing N N 130 
GLU N   CA   sing N N 131 
GLU N   H    sing N N 132 
GLU N   H2   sing N N 133 
GLU CA  C    sing N N 134 
GLU CA  CB   sing N N 135 
GLU CA  HA   sing N N 136 
GLU C   O    doub N N 137 
GLU C   OXT  sing N N 138 
GLU CB  CG   sing N N 139 
GLU CB  HB2  sing N N 140 
GLU CB  HB3  sing N N 141 
GLU CG  CD   sing N N 142 
GLU CG  HG2  sing N N 143 
GLU CG  HG3  sing N N 144 
GLU CD  OE1  doub N N 145 
GLU CD  OE2  sing N N 146 
GLU OE2 HE2  sing N N 147 
GLU OXT HXT  sing N N 148 
GLY N   CA   sing N N 149 
GLY N   H    sing N N 150 
GLY N   H2   sing N N 151 
GLY CA  C    sing N N 152 
GLY CA  HA2  sing N N 153 
GLY CA  HA3  sing N N 154 
GLY C   O    doub N N 155 
GLY C   OXT  sing N N 156 
GLY OXT HXT  sing N N 157 
HIS N   CA   sing N N 158 
HIS N   H    sing N N 159 
HIS N   H2   sing N N 160 
HIS CA  C    sing N N 161 
HIS CA  CB   sing N N 162 
HIS CA  HA   sing N N 163 
HIS C   O    doub N N 164 
HIS C   OXT  sing N N 165 
HIS CB  CG   sing N N 166 
HIS CB  HB2  sing N N 167 
HIS CB  HB3  sing N N 168 
HIS CG  ND1  sing Y N 169 
HIS CG  CD2  doub Y N 170 
HIS ND1 CE1  doub Y N 171 
HIS ND1 HD1  sing N N 172 
HIS CD2 NE2  sing Y N 173 
HIS CD2 HD2  sing N N 174 
HIS CE1 NE2  sing Y N 175 
HIS CE1 HE1  sing N N 176 
HIS NE2 HE2  sing N N 177 
HIS OXT HXT  sing N N 178 
HOH O   H1   sing N N 179 
HOH O   H2   sing N N 180 
ILE N   CA   sing N N 181 
ILE N   H    sing N N 182 
ILE N   H2   sing N N 183 
ILE CA  C    sing N N 184 
ILE CA  CB   sing N N 185 
ILE CA  HA   sing N N 186 
ILE C   O    doub N N 187 
ILE C   OXT  sing N N 188 
ILE CB  CG1  sing N N 189 
ILE CB  CG2  sing N N 190 
ILE CB  HB   sing N N 191 
ILE CG1 CD1  sing N N 192 
ILE CG1 HG12 sing N N 193 
ILE CG1 HG13 sing N N 194 
ILE CG2 HG21 sing N N 195 
ILE CG2 HG22 sing N N 196 
ILE CG2 HG23 sing N N 197 
ILE CD1 HD11 sing N N 198 
ILE CD1 HD12 sing N N 199 
ILE CD1 HD13 sing N N 200 
ILE OXT HXT  sing N N 201 
LEU N   CA   sing N N 202 
LEU N   H    sing N N 203 
LEU N   H2   sing N N 204 
LEU CA  C    sing N N 205 
LEU CA  CB   sing N N 206 
LEU CA  HA   sing N N 207 
LEU C   O    doub N N 208 
LEU C   OXT  sing N N 209 
LEU CB  CG   sing N N 210 
LEU CB  HB2  sing N N 211 
LEU CB  HB3  sing N N 212 
LEU CG  CD1  sing N N 213 
LEU CG  CD2  sing N N 214 
LEU CG  HG   sing N N 215 
LEU CD1 HD11 sing N N 216 
LEU CD1 HD12 sing N N 217 
LEU CD1 HD13 sing N N 218 
LEU CD2 HD21 sing N N 219 
LEU CD2 HD22 sing N N 220 
LEU CD2 HD23 sing N N 221 
LEU OXT HXT  sing N N 222 
LYS N   CA   sing N N 223 
LYS N   H    sing N N 224 
LYS N   H2   sing N N 225 
LYS CA  C    sing N N 226 
LYS CA  CB   sing N N 227 
LYS CA  HA   sing N N 228 
LYS C   O    doub N N 229 
LYS C   OXT  sing N N 230 
LYS CB  CG   sing N N 231 
LYS CB  HB2  sing N N 232 
LYS CB  HB3  sing N N 233 
LYS CG  CD   sing N N 234 
LYS CG  HG2  sing N N 235 
LYS CG  HG3  sing N N 236 
LYS CD  CE   sing N N 237 
LYS CD  HD2  sing N N 238 
LYS CD  HD3  sing N N 239 
LYS CE  NZ   sing N N 240 
LYS CE  HE2  sing N N 241 
LYS CE  HE3  sing N N 242 
LYS NZ  HZ1  sing N N 243 
LYS NZ  HZ2  sing N N 244 
LYS NZ  HZ3  sing N N 245 
LYS OXT HXT  sing N N 246 
MET N   CA   sing N N 247 
MET N   H    sing N N 248 
MET N   H2   sing N N 249 
MET CA  C    sing N N 250 
MET CA  CB   sing N N 251 
MET CA  HA   sing N N 252 
MET C   O    doub N N 253 
MET C   OXT  sing N N 254 
MET CB  CG   sing N N 255 
MET CB  HB2  sing N N 256 
MET CB  HB3  sing N N 257 
MET CG  SD   sing N N 258 
MET CG  HG2  sing N N 259 
MET CG  HG3  sing N N 260 
MET SD  CE   sing N N 261 
MET CE  HE1  sing N N 262 
MET CE  HE2  sing N N 263 
MET CE  HE3  sing N N 264 
MET OXT HXT  sing N N 265 
PHE N   CA   sing N N 266 
PHE N   H    sing N N 267 
PHE N   H2   sing N N 268 
PHE CA  C    sing N N 269 
PHE CA  CB   sing N N 270 
PHE CA  HA   sing N N 271 
PHE C   O    doub N N 272 
PHE C   OXT  sing N N 273 
PHE CB  CG   sing N N 274 
PHE CB  HB2  sing N N 275 
PHE CB  HB3  sing N N 276 
PHE CG  CD1  doub Y N 277 
PHE CG  CD2  sing Y N 278 
PHE CD1 CE1  sing Y N 279 
PHE CD1 HD1  sing N N 280 
PHE CD2 CE2  doub Y N 281 
PHE CD2 HD2  sing N N 282 
PHE CE1 CZ   doub Y N 283 
PHE CE1 HE1  sing N N 284 
PHE CE2 CZ   sing Y N 285 
PHE CE2 HE2  sing N N 286 
PHE CZ  HZ   sing N N 287 
PHE OXT HXT  sing N N 288 
PRO N   CA   sing N N 289 
PRO N   CD   sing N N 290 
PRO N   H    sing N N 291 
PRO CA  C    sing N N 292 
PRO CA  CB   sing N N 293 
PRO CA  HA   sing N N 294 
PRO C   O    doub N N 295 
PRO C   OXT  sing N N 296 
PRO CB  CG   sing N N 297 
PRO CB  HB2  sing N N 298 
PRO CB  HB3  sing N N 299 
PRO CG  CD   sing N N 300 
PRO CG  HG2  sing N N 301 
PRO CG  HG3  sing N N 302 
PRO CD  HD2  sing N N 303 
PRO CD  HD3  sing N N 304 
PRO OXT HXT  sing N N 305 
SER N   CA   sing N N 306 
SER N   H    sing N N 307 
SER N   H2   sing N N 308 
SER CA  C    sing N N 309 
SER CA  CB   sing N N 310 
SER CA  HA   sing N N 311 
SER C   O    doub N N 312 
SER C   OXT  sing N N 313 
SER CB  OG   sing N N 314 
SER CB  HB2  sing N N 315 
SER CB  HB3  sing N N 316 
SER OG  HG   sing N N 317 
SER OXT HXT  sing N N 318 
THR N   CA   sing N N 319 
THR N   H    sing N N 320 
THR N   H2   sing N N 321 
THR CA  C    sing N N 322 
THR CA  CB   sing N N 323 
THR CA  HA   sing N N 324 
THR C   O    doub N N 325 
THR C   OXT  sing N N 326 
THR CB  OG1  sing N N 327 
THR CB  CG2  sing N N 328 
THR CB  HB   sing N N 329 
THR OG1 HG1  sing N N 330 
THR CG2 HG21 sing N N 331 
THR CG2 HG22 sing N N 332 
THR CG2 HG23 sing N N 333 
THR OXT HXT  sing N N 334 
TRP N   CA   sing N N 335 
TRP N   H    sing N N 336 
TRP N   H2   sing N N 337 
TRP CA  C    sing N N 338 
TRP CA  CB   sing N N 339 
TRP CA  HA   sing N N 340 
TRP C   O    doub N N 341 
TRP C   OXT  sing N N 342 
TRP CB  CG   sing N N 343 
TRP CB  HB2  sing N N 344 
TRP CB  HB3  sing N N 345 
TRP CG  CD1  doub Y N 346 
TRP CG  CD2  sing Y N 347 
TRP CD1 NE1  sing Y N 348 
TRP CD1 HD1  sing N N 349 
TRP CD2 CE2  doub Y N 350 
TRP CD2 CE3  sing Y N 351 
TRP NE1 CE2  sing Y N 352 
TRP NE1 HE1  sing N N 353 
TRP CE2 CZ2  sing Y N 354 
TRP CE3 CZ3  doub Y N 355 
TRP CE3 HE3  sing N N 356 
TRP CZ2 CH2  doub Y N 357 
TRP CZ2 HZ2  sing N N 358 
TRP CZ3 CH2  sing Y N 359 
TRP CZ3 HZ3  sing N N 360 
TRP CH2 HH2  sing N N 361 
TRP OXT HXT  sing N N 362 
TYR N   CA   sing N N 363 
TYR N   H    sing N N 364 
TYR N   H2   sing N N 365 
TYR CA  C    sing N N 366 
TYR CA  CB   sing N N 367 
TYR CA  HA   sing N N 368 
TYR C   O    doub N N 369 
TYR C   OXT  sing N N 370 
TYR CB  CG   sing N N 371 
TYR CB  HB2  sing N N 372 
TYR CB  HB3  sing N N 373 
TYR CG  CD1  doub Y N 374 
TYR CG  CD2  sing Y N 375 
TYR CD1 CE1  sing Y N 376 
TYR CD1 HD1  sing N N 377 
TYR CD2 CE2  doub Y N 378 
TYR CD2 HD2  sing N N 379 
TYR CE1 CZ   doub Y N 380 
TYR CE1 HE1  sing N N 381 
TYR CE2 CZ   sing Y N 382 
TYR CE2 HE2  sing N N 383 
TYR CZ  OH   sing N N 384 
TYR OH  HH   sing N N 385 
TYR OXT HXT  sing N N 386 
VAL N   CA   sing N N 387 
VAL N   H    sing N N 388 
VAL N   H2   sing N N 389 
VAL CA  C    sing N N 390 
VAL CA  CB   sing N N 391 
VAL CA  HA   sing N N 392 
VAL C   O    doub N N 393 
VAL C   OXT  sing N N 394 
VAL CB  CG1  sing N N 395 
VAL CB  CG2  sing N N 396 
VAL CB  HB   sing N N 397 
VAL CG1 HG11 sing N N 398 
VAL CG1 HG12 sing N N 399 
VAL CG1 HG13 sing N N 400 
VAL CG2 HG21 sing N N 401 
VAL CG2 HG22 sing N N 402 
VAL CG2 HG23 sing N N 403 
VAL OXT HXT  sing N N 404 
# 
loop_
_pdbx_entity_nonpoly.entity_id 
_pdbx_entity_nonpoly.name 
_pdbx_entity_nonpoly.comp_id 
2 '(3R)-2,3-dihydro[1,3]thiazolo[3,2-a]benzimidazol-3-ol' 56V 
3 'CADMIUM ION'                                           CD  
4 'ACETATE ION'                                           ACT 
5 'SODIUM ION'                                            NA  
6 water                                                   HOH 
# 
_pdbx_initial_refinement_model.id               1 
_pdbx_initial_refinement_model.entity_id_list   ? 
_pdbx_initial_refinement_model.type             'experimental model' 
_pdbx_initial_refinement_model.source_name      PDB 
_pdbx_initial_refinement_model.accession_code   5E5D 
_pdbx_initial_refinement_model.details          ? 
# 
